data_1JJ9
# 
_entry.id   1JJ9 
# 
_audit_conform.dict_name       mmcif_pdbx.dic 
_audit_conform.dict_version    5.387 
_audit_conform.dict_location   http://mmcif.pdb.org/dictionaries/ascii/mmcif_pdbx.dic 
# 
loop_
_database_2.database_id 
_database_2.database_code 
_database_2.pdbx_database_accession 
_database_2.pdbx_DOI 
PDB   1JJ9         pdb_00001jj9 10.2210/pdb1jj9/pdb 
RCSB  RCSB013836   ?            ?                   
WWPDB D_1000013836 ?            ?                   
# 
loop_
_pdbx_audit_revision_history.ordinal 
_pdbx_audit_revision_history.data_content_type 
_pdbx_audit_revision_history.major_revision 
_pdbx_audit_revision_history.minor_revision 
_pdbx_audit_revision_history.revision_date 
1 'Structure model' 1 0 2001-08-01 
2 'Structure model' 1 1 2008-04-27 
3 'Structure model' 1 2 2011-07-13 
4 'Structure model' 1 3 2017-10-04 
5 'Structure model' 1 4 2024-03-13 
# 
_pdbx_audit_revision_details.ordinal             1 
_pdbx_audit_revision_details.revision_ordinal    1 
_pdbx_audit_revision_details.data_content_type   'Structure model' 
_pdbx_audit_revision_details.provider            repository 
_pdbx_audit_revision_details.type                'Initial release' 
_pdbx_audit_revision_details.description         ? 
_pdbx_audit_revision_details.details             ? 
# 
loop_
_pdbx_audit_revision_group.ordinal 
_pdbx_audit_revision_group.revision_ordinal 
_pdbx_audit_revision_group.data_content_type 
_pdbx_audit_revision_group.group 
1 2 'Structure model' 'Version format compliance' 
2 3 'Structure model' 'Version format compliance' 
3 4 'Structure model' Advisory                    
4 4 'Structure model' 'Refinement description'    
5 5 'Structure model' Advisory                    
6 5 'Structure model' 'Data collection'           
7 5 'Structure model' 'Database references'       
8 5 'Structure model' 'Derived calculations'      
# 
loop_
_pdbx_audit_revision_category.ordinal 
_pdbx_audit_revision_category.revision_ordinal 
_pdbx_audit_revision_category.data_content_type 
_pdbx_audit_revision_category.category 
1  4 'Structure model' pdbx_unobs_or_zero_occ_atoms    
2  4 'Structure model' pdbx_unobs_or_zero_occ_residues 
3  4 'Structure model' software                        
4  5 'Structure model' chem_comp_atom                  
5  5 'Structure model' chem_comp_bond                  
6  5 'Structure model' database_2                      
7  5 'Structure model' pdbx_struct_conn_angle          
8  5 'Structure model' pdbx_unobs_or_zero_occ_atoms    
9  5 'Structure model' pdbx_unobs_or_zero_occ_residues 
10 5 'Structure model' struct_conn                     
11 5 'Structure model' struct_site                     
# 
loop_
_pdbx_audit_revision_item.ordinal 
_pdbx_audit_revision_item.revision_ordinal 
_pdbx_audit_revision_item.data_content_type 
_pdbx_audit_revision_item.item 
1  4 'Structure model' '_software.name'                              
2  5 'Structure model' '_database_2.pdbx_DOI'                        
3  5 'Structure model' '_database_2.pdbx_database_accession'         
4  5 'Structure model' '_pdbx_struct_conn_angle.ptnr1_auth_comp_id'  
5  5 'Structure model' '_pdbx_struct_conn_angle.ptnr1_auth_seq_id'   
6  5 'Structure model' '_pdbx_struct_conn_angle.ptnr1_label_asym_id' 
7  5 'Structure model' '_pdbx_struct_conn_angle.ptnr1_label_atom_id' 
8  5 'Structure model' '_pdbx_struct_conn_angle.ptnr1_label_comp_id' 
9  5 'Structure model' '_pdbx_struct_conn_angle.ptnr1_label_seq_id'  
10 5 'Structure model' '_pdbx_struct_conn_angle.ptnr2_auth_comp_id'  
11 5 'Structure model' '_pdbx_struct_conn_angle.ptnr2_auth_seq_id'   
12 5 'Structure model' '_pdbx_struct_conn_angle.ptnr2_label_asym_id' 
13 5 'Structure model' '_pdbx_struct_conn_angle.ptnr2_label_atom_id' 
14 5 'Structure model' '_pdbx_struct_conn_angle.ptnr2_label_comp_id' 
15 5 'Structure model' '_pdbx_struct_conn_angle.ptnr3_auth_comp_id'  
16 5 'Structure model' '_pdbx_struct_conn_angle.ptnr3_auth_seq_id'   
17 5 'Structure model' '_pdbx_struct_conn_angle.ptnr3_label_asym_id' 
18 5 'Structure model' '_pdbx_struct_conn_angle.ptnr3_label_atom_id' 
19 5 'Structure model' '_pdbx_struct_conn_angle.ptnr3_label_comp_id' 
20 5 'Structure model' '_pdbx_struct_conn_angle.ptnr3_label_seq_id'  
21 5 'Structure model' '_pdbx_struct_conn_angle.value'               
22 5 'Structure model' '_struct_conn.pdbx_dist_value'                
23 5 'Structure model' '_struct_conn.ptnr1_auth_comp_id'             
24 5 'Structure model' '_struct_conn.ptnr1_auth_seq_id'              
25 5 'Structure model' '_struct_conn.ptnr1_label_asym_id'            
26 5 'Structure model' '_struct_conn.ptnr1_label_atom_id'            
27 5 'Structure model' '_struct_conn.ptnr1_label_comp_id'            
28 5 'Structure model' '_struct_conn.ptnr1_label_seq_id'             
29 5 'Structure model' '_struct_conn.ptnr2_auth_comp_id'             
30 5 'Structure model' '_struct_conn.ptnr2_auth_seq_id'              
31 5 'Structure model' '_struct_conn.ptnr2_label_asym_id'            
32 5 'Structure model' '_struct_conn.ptnr2_label_atom_id'            
33 5 'Structure model' '_struct_conn.ptnr2_label_comp_id'            
34 5 'Structure model' '_struct_conn.ptnr2_label_seq_id'             
35 5 'Structure model' '_struct_site.pdbx_auth_asym_id'              
36 5 'Structure model' '_struct_site.pdbx_auth_comp_id'              
37 5 'Structure model' '_struct_site.pdbx_auth_seq_id'               
# 
_pdbx_database_status.status_code                     REL 
_pdbx_database_status.entry_id                        1JJ9 
_pdbx_database_status.recvd_initial_deposition_date   2001-07-04 
_pdbx_database_status.deposit_site                    RCSB 
_pdbx_database_status.process_site                    PDBJ 
_pdbx_database_status.status_code_sf                  REL 
_pdbx_database_status.SG_entry                        ? 
_pdbx_database_status.status_code_mr                  ? 
_pdbx_database_status.status_code_cs                  ? 
_pdbx_database_status.methods_development_category    ? 
_pdbx_database_status.pdb_format_compatible           Y 
_pdbx_database_status.status_code_nmr_data            ? 
# 
loop_
_audit_author.name 
_audit_author.pdbx_ordinal 
'Brandstetter, H.' 1 
'Grams, F.'        2 
'Glitz, D.'        3 
'Lang, A.'         4 
'Huber, R.'        5 
'Bode, W.'         6 
'Krell, H.-W.'     7 
'Engh, R.A.'       8 
# 
_citation.id                        primary 
_citation.title                     
;The 1.8-A crystal structure of a matrix metalloproteinase 8-barbiturate inhibitor complex reveals a previously unobserved mechanism for collagenase substrate recognition.
;
_citation.journal_abbrev            J.Biol.Chem. 
_citation.journal_volume            276 
_citation.page_first                17405 
_citation.page_last                 17412 
_citation.year                      2001 
_citation.journal_id_ASTM           JBCHA3 
_citation.country                   US 
_citation.journal_id_ISSN           0021-9258 
_citation.journal_id_CSD            0071 
_citation.book_publisher            ? 
_citation.pdbx_database_id_PubMed   11278347 
_citation.pdbx_database_id_DOI      10.1074/jbc.M007475200 
# 
loop_
_citation_author.citation_id 
_citation_author.name 
_citation_author.ordinal 
_citation_author.identifier_ORCID 
primary 'Brandstetter, H.' 1 ? 
primary 'Grams, F.'        2 ? 
primary 'Glitz, D.'        3 ? 
primary 'Lang, A.'         4 ? 
primary 'Huber, R.'        5 ? 
primary 'Bode, W.'         6 ? 
primary 'Krell, H.W.'      7 ? 
primary 'Engh, R.A.'       8 ? 
# 
loop_
_entity.id 
_entity.type 
_entity.src_method 
_entity.pdbx_description 
_entity.formula_weight 
_entity.pdbx_number_of_molecules 
_entity.pdbx_ec 
_entity.pdbx_mutation 
_entity.pdbx_fragment 
_entity.details 
1 polymer     man 'Matrix Metalloproteinase 8'                                                        18111.744 1   3.4.24.34 ? 
'catalytic domain' ? 
2 non-polymer syn 'CALCIUM ION'                                                                       40.078    2   ?         ? ? 
? 
3 non-polymer syn 'ZINC ION'                                                                          65.409    2   ?         ? ? 
? 
4 non-polymer syn '2-HYDROXY-5-[4-(2-HYDROXY-ETHYL)-PIPERIDIN-1-YL]-5-PHENYL-1H-PYRIMIDINE-4,6-DIONE' 331.366   1   ?         ? ? 
? 
5 water       nat water                                                                               18.015    185 ?         ? ? 
? 
# 
_entity_name_com.entity_id   1 
_entity_name_com.name        'NEUTROPHIL COLLAGENASE' 
# 
_entity_poly.entity_id                      1 
_entity_poly.type                           'polypeptide(L)' 
_entity_poly.nstd_linkage                   no 
_entity_poly.nstd_monomer                   no 
_entity_poly.pdbx_seq_one_letter_code       
;MLTPGNPKWERTNLTYRIRNYTPQLSEAEVERAIKDAFELWSVASPLIFTRISQGEADINIAFYQRDHGDNSPFDGPNGI
LAHAFQPGQGIGGDAHFDAEETWTNTSANYNLFLVAAHEFGHSLGLAHSSDPGALMYPNYAFRETSNYSLPQDDIDGIQA
IYG
;
_entity_poly.pdbx_seq_one_letter_code_can   
;MLTPGNPKWERTNLTYRIRNYTPQLSEAEVERAIKDAFELWSVASPLIFTRISQGEADINIAFYQRDHGDNSPFDGPNGI
LAHAFQPGQGIGGDAHFDAEETWTNTSANYNLFLVAAHEFGHSLGLAHSSDPGALMYPNYAFRETSNYSLPQDDIDGIQA
IYG
;
_entity_poly.pdbx_strand_id                 A 
_entity_poly.pdbx_target_identifier         ? 
# 
loop_
_pdbx_entity_nonpoly.entity_id 
_pdbx_entity_nonpoly.name 
_pdbx_entity_nonpoly.comp_id 
2 'CALCIUM ION'                                                                       CA  
3 'ZINC ION'                                                                          ZN  
4 '2-HYDROXY-5-[4-(2-HYDROXY-ETHYL)-PIPERIDIN-1-YL]-5-PHENYL-1H-PYRIMIDINE-4,6-DIONE' BBT 
5 water                                                                               HOH 
# 
loop_
_entity_poly_seq.entity_id 
_entity_poly_seq.num 
_entity_poly_seq.mon_id 
_entity_poly_seq.hetero 
1 1   MET n 
1 2   LEU n 
1 3   THR n 
1 4   PRO n 
1 5   GLY n 
1 6   ASN n 
1 7   PRO n 
1 8   LYS n 
1 9   TRP n 
1 10  GLU n 
1 11  ARG n 
1 12  THR n 
1 13  ASN n 
1 14  LEU n 
1 15  THR n 
1 16  TYR n 
1 17  ARG n 
1 18  ILE n 
1 19  ARG n 
1 20  ASN n 
1 21  TYR n 
1 22  THR n 
1 23  PRO n 
1 24  GLN n 
1 25  LEU n 
1 26  SER n 
1 27  GLU n 
1 28  ALA n 
1 29  GLU n 
1 30  VAL n 
1 31  GLU n 
1 32  ARG n 
1 33  ALA n 
1 34  ILE n 
1 35  LYS n 
1 36  ASP n 
1 37  ALA n 
1 38  PHE n 
1 39  GLU n 
1 40  LEU n 
1 41  TRP n 
1 42  SER n 
1 43  VAL n 
1 44  ALA n 
1 45  SER n 
1 46  PRO n 
1 47  LEU n 
1 48  ILE n 
1 49  PHE n 
1 50  THR n 
1 51  ARG n 
1 52  ILE n 
1 53  SER n 
1 54  GLN n 
1 55  GLY n 
1 56  GLU n 
1 57  ALA n 
1 58  ASP n 
1 59  ILE n 
1 60  ASN n 
1 61  ILE n 
1 62  ALA n 
1 63  PHE n 
1 64  TYR n 
1 65  GLN n 
1 66  ARG n 
1 67  ASP n 
1 68  HIS n 
1 69  GLY n 
1 70  ASP n 
1 71  ASN n 
1 72  SER n 
1 73  PRO n 
1 74  PHE n 
1 75  ASP n 
1 76  GLY n 
1 77  PRO n 
1 78  ASN n 
1 79  GLY n 
1 80  ILE n 
1 81  LEU n 
1 82  ALA n 
1 83  HIS n 
1 84  ALA n 
1 85  PHE n 
1 86  GLN n 
1 87  PRO n 
1 88  GLY n 
1 89  GLN n 
1 90  GLY n 
1 91  ILE n 
1 92  GLY n 
1 93  GLY n 
1 94  ASP n 
1 95  ALA n 
1 96  HIS n 
1 97  PHE n 
1 98  ASP n 
1 99  ALA n 
1 100 GLU n 
1 101 GLU n 
1 102 THR n 
1 103 TRP n 
1 104 THR n 
1 105 ASN n 
1 106 THR n 
1 107 SER n 
1 108 ALA n 
1 109 ASN n 
1 110 TYR n 
1 111 ASN n 
1 112 LEU n 
1 113 PHE n 
1 114 LEU n 
1 115 VAL n 
1 116 ALA n 
1 117 ALA n 
1 118 HIS n 
1 119 GLU n 
1 120 PHE n 
1 121 GLY n 
1 122 HIS n 
1 123 SER n 
1 124 LEU n 
1 125 GLY n 
1 126 LEU n 
1 127 ALA n 
1 128 HIS n 
1 129 SER n 
1 130 SER n 
1 131 ASP n 
1 132 PRO n 
1 133 GLY n 
1 134 ALA n 
1 135 LEU n 
1 136 MET n 
1 137 TYR n 
1 138 PRO n 
1 139 ASN n 
1 140 TYR n 
1 141 ALA n 
1 142 PHE n 
1 143 ARG n 
1 144 GLU n 
1 145 THR n 
1 146 SER n 
1 147 ASN n 
1 148 TYR n 
1 149 SER n 
1 150 LEU n 
1 151 PRO n 
1 152 GLN n 
1 153 ASP n 
1 154 ASP n 
1 155 ILE n 
1 156 ASP n 
1 157 GLY n 
1 158 ILE n 
1 159 GLN n 
1 160 ALA n 
1 161 ILE n 
1 162 TYR n 
1 163 GLY n 
# 
_entity_src_gen.entity_id                          1 
_entity_src_gen.pdbx_src_id                        1 
_entity_src_gen.pdbx_alt_source_flag               sample 
_entity_src_gen.pdbx_seq_type                      ? 
_entity_src_gen.pdbx_beg_seq_num                   ? 
_entity_src_gen.pdbx_end_seq_num                   ? 
_entity_src_gen.gene_src_common_name               human 
_entity_src_gen.gene_src_genus                     Homo 
_entity_src_gen.pdbx_gene_src_gene                 ? 
_entity_src_gen.gene_src_species                   ? 
_entity_src_gen.gene_src_strain                    ? 
_entity_src_gen.gene_src_tissue                    ? 
_entity_src_gen.gene_src_tissue_fraction           ? 
_entity_src_gen.gene_src_details                   ? 
_entity_src_gen.pdbx_gene_src_fragment             ? 
_entity_src_gen.pdbx_gene_src_scientific_name      'Homo sapiens' 
_entity_src_gen.pdbx_gene_src_ncbi_taxonomy_id     9606 
_entity_src_gen.pdbx_gene_src_variant              ? 
_entity_src_gen.pdbx_gene_src_cell_line            ? 
_entity_src_gen.pdbx_gene_src_atcc                 ? 
_entity_src_gen.pdbx_gene_src_organ                ? 
_entity_src_gen.pdbx_gene_src_organelle            ? 
_entity_src_gen.pdbx_gene_src_cell                 ? 
_entity_src_gen.pdbx_gene_src_cellular_location    ? 
_entity_src_gen.host_org_common_name               ? 
_entity_src_gen.pdbx_host_org_scientific_name      'Escherichia coli BL21' 
_entity_src_gen.pdbx_host_org_ncbi_taxonomy_id     511693 
_entity_src_gen.host_org_genus                     Escherichia 
_entity_src_gen.pdbx_host_org_gene                 ? 
_entity_src_gen.pdbx_host_org_organ                ? 
_entity_src_gen.host_org_species                   'Escherichia coli' 
_entity_src_gen.pdbx_host_org_tissue               ? 
_entity_src_gen.pdbx_host_org_tissue_fraction      ? 
_entity_src_gen.pdbx_host_org_strain               BL21 
_entity_src_gen.pdbx_host_org_variant              ? 
_entity_src_gen.pdbx_host_org_cell_line            ? 
_entity_src_gen.pdbx_host_org_atcc                 ? 
_entity_src_gen.pdbx_host_org_culture_collection   ? 
_entity_src_gen.pdbx_host_org_cell                 ? 
_entity_src_gen.pdbx_host_org_organelle            ? 
_entity_src_gen.pdbx_host_org_cellular_location    ? 
_entity_src_gen.pdbx_host_org_vector_type          PLASMID 
_entity_src_gen.pdbx_host_org_vector               ? 
_entity_src_gen.host_org_details                   ? 
_entity_src_gen.expression_system_id               ? 
_entity_src_gen.plasmid_name                       pET 
_entity_src_gen.plasmid_details                    ? 
_entity_src_gen.pdbx_description                   ? 
# 
loop_
_chem_comp.id 
_chem_comp.type 
_chem_comp.mon_nstd_flag 
_chem_comp.name 
_chem_comp.pdbx_synonyms 
_chem_comp.formula 
_chem_comp.formula_weight 
ALA 'L-peptide linking' y ALANINE                                                                             ? 'C3 H7 N O2'     
89.093  
ARG 'L-peptide linking' y ARGININE                                                                            ? 'C6 H15 N4 O2 1' 
175.209 
ASN 'L-peptide linking' y ASPARAGINE                                                                          ? 'C4 H8 N2 O3'    
132.118 
ASP 'L-peptide linking' y 'ASPARTIC ACID'                                                                     ? 'C4 H7 N O4'     
133.103 
BBT non-polymer         . '2-HYDROXY-5-[4-(2-HYDROXY-ETHYL)-PIPERIDIN-1-YL]-5-PHENYL-1H-PYRIMIDINE-4,6-DIONE' ? 'C17 H21 N3 O4'  
331.366 
CA  non-polymer         . 'CALCIUM ION'                                                                       ? 'Ca 2'           
40.078  
GLN 'L-peptide linking' y GLUTAMINE                                                                           ? 'C5 H10 N2 O3'   
146.144 
GLU 'L-peptide linking' y 'GLUTAMIC ACID'                                                                     ? 'C5 H9 N O4'     
147.129 
GLY 'peptide linking'   y GLYCINE                                                                             ? 'C2 H5 N O2'     
75.067  
HIS 'L-peptide linking' y HISTIDINE                                                                           ? 'C6 H10 N3 O2 1' 
156.162 
HOH non-polymer         . WATER                                                                               ? 'H2 O'           
18.015  
ILE 'L-peptide linking' y ISOLEUCINE                                                                          ? 'C6 H13 N O2'    
131.173 
LEU 'L-peptide linking' y LEUCINE                                                                             ? 'C6 H13 N O2'    
131.173 
LYS 'L-peptide linking' y LYSINE                                                                              ? 'C6 H15 N2 O2 1' 
147.195 
MET 'L-peptide linking' y METHIONINE                                                                          ? 'C5 H11 N O2 S'  
149.211 
PHE 'L-peptide linking' y PHENYLALANINE                                                                       ? 'C9 H11 N O2'    
165.189 
PRO 'L-peptide linking' y PROLINE                                                                             ? 'C5 H9 N O2'     
115.130 
SER 'L-peptide linking' y SERINE                                                                              ? 'C3 H7 N O3'     
105.093 
THR 'L-peptide linking' y THREONINE                                                                           ? 'C4 H9 N O3'     
119.119 
TRP 'L-peptide linking' y TRYPTOPHAN                                                                          ? 'C11 H12 N2 O2'  
204.225 
TYR 'L-peptide linking' y TYROSINE                                                                            ? 'C9 H11 N O3'    
181.189 
VAL 'L-peptide linking' y VALINE                                                                              ? 'C5 H11 N O2'    
117.146 
ZN  non-polymer         . 'ZINC ION'                                                                          ? 'Zn 2'           
65.409  
# 
loop_
_pdbx_poly_seq_scheme.asym_id 
_pdbx_poly_seq_scheme.entity_id 
_pdbx_poly_seq_scheme.seq_id 
_pdbx_poly_seq_scheme.mon_id 
_pdbx_poly_seq_scheme.ndb_seq_num 
_pdbx_poly_seq_scheme.pdb_seq_num 
_pdbx_poly_seq_scheme.auth_seq_num 
_pdbx_poly_seq_scheme.pdb_mon_id 
_pdbx_poly_seq_scheme.auth_mon_id 
_pdbx_poly_seq_scheme.pdb_strand_id 
_pdbx_poly_seq_scheme.pdb_ins_code 
_pdbx_poly_seq_scheme.hetero 
A 1 1   MET 1   80  ?   ?   ?   A . n 
A 1 2   LEU 2   81  ?   ?   ?   A . n 
A 1 3   THR 3   82  ?   ?   ?   A . n 
A 1 4   PRO 4   83  ?   ?   ?   A . n 
A 1 5   GLY 5   84  ?   ?   ?   A . n 
A 1 6   ASN 6   85  85  ASN ASN A . n 
A 1 7   PRO 7   86  86  PRO PRO A . n 
A 1 8   LYS 8   87  87  LYS LYS A . n 
A 1 9   TRP 9   88  88  TRP TRP A . n 
A 1 10  GLU 10  89  89  GLU GLU A . n 
A 1 11  ARG 11  90  90  ARG ARG A . n 
A 1 12  THR 12  91  91  THR THR A . n 
A 1 13  ASN 13  92  92  ASN ASN A . n 
A 1 14  LEU 14  93  93  LEU LEU A . n 
A 1 15  THR 15  94  94  THR THR A . n 
A 1 16  TYR 16  95  95  TYR TYR A . n 
A 1 17  ARG 17  96  96  ARG ARG A . n 
A 1 18  ILE 18  97  97  ILE ILE A . n 
A 1 19  ARG 19  98  98  ARG ARG A . n 
A 1 20  ASN 20  99  99  ASN ASN A . n 
A 1 21  TYR 21  100 100 TYR TYR A . n 
A 1 22  THR 22  101 101 THR THR A . n 
A 1 23  PRO 23  102 102 PRO PRO A . n 
A 1 24  GLN 24  103 103 GLN GLN A . n 
A 1 25  LEU 25  104 104 LEU LEU A . n 
A 1 26  SER 26  105 105 SER SER A . n 
A 1 27  GLU 27  106 106 GLU GLU A . n 
A 1 28  ALA 28  107 107 ALA ALA A . n 
A 1 29  GLU 29  108 108 GLU GLU A . n 
A 1 30  VAL 30  109 109 VAL VAL A . n 
A 1 31  GLU 31  110 110 GLU GLU A . n 
A 1 32  ARG 32  111 111 ARG ARG A . n 
A 1 33  ALA 33  112 112 ALA ALA A . n 
A 1 34  ILE 34  113 113 ILE ILE A . n 
A 1 35  LYS 35  114 114 LYS LYS A . n 
A 1 36  ASP 36  115 115 ASP ASP A . n 
A 1 37  ALA 37  116 116 ALA ALA A . n 
A 1 38  PHE 38  117 117 PHE PHE A . n 
A 1 39  GLU 39  118 118 GLU GLU A . n 
A 1 40  LEU 40  119 119 LEU LEU A . n 
A 1 41  TRP 41  120 120 TRP TRP A . n 
A 1 42  SER 42  121 121 SER SER A . n 
A 1 43  VAL 43  122 122 VAL VAL A . n 
A 1 44  ALA 44  123 123 ALA ALA A . n 
A 1 45  SER 45  124 124 SER SER A . n 
A 1 46  PRO 46  125 125 PRO PRO A . n 
A 1 47  LEU 47  126 126 LEU LEU A . n 
A 1 48  ILE 48  127 127 ILE ILE A . n 
A 1 49  PHE 49  128 128 PHE PHE A . n 
A 1 50  THR 50  129 129 THR THR A . n 
A 1 51  ARG 51  130 130 ARG ARG A . n 
A 1 52  ILE 52  131 131 ILE ILE A . n 
A 1 53  SER 53  132 132 SER SER A . n 
A 1 54  GLN 54  133 133 GLN GLN A . n 
A 1 55  GLY 55  134 134 GLY GLY A . n 
A 1 56  GLU 56  135 135 GLU GLU A . n 
A 1 57  ALA 57  136 136 ALA ALA A . n 
A 1 58  ASP 58  137 137 ASP ASP A . n 
A 1 59  ILE 59  138 138 ILE ILE A . n 
A 1 60  ASN 60  139 139 ASN ASN A . n 
A 1 61  ILE 61  140 140 ILE ILE A . n 
A 1 62  ALA 62  141 141 ALA ALA A . n 
A 1 63  PHE 63  142 142 PHE PHE A . n 
A 1 64  TYR 64  143 143 TYR TYR A . n 
A 1 65  GLN 65  144 144 GLN GLN A . n 
A 1 66  ARG 66  145 145 ARG ARG A . n 
A 1 67  ASP 67  146 146 ASP ASP A . n 
A 1 68  HIS 68  147 147 HIS HIS A . n 
A 1 69  GLY 69  148 148 GLY GLY A . n 
A 1 70  ASP 70  149 149 ASP ASP A . n 
A 1 71  ASN 71  150 150 ASN ASN A . n 
A 1 72  SER 72  151 151 SER SER A . n 
A 1 73  PRO 73  152 152 PRO PRO A . n 
A 1 74  PHE 74  153 153 PHE PHE A . n 
A 1 75  ASP 75  154 154 ASP ASP A . n 
A 1 76  GLY 76  155 155 GLY GLY A . n 
A 1 77  PRO 77  156 156 PRO PRO A . n 
A 1 78  ASN 78  157 157 ASN ASN A . n 
A 1 79  GLY 79  158 158 GLY GLY A . n 
A 1 80  ILE 80  159 159 ILE ILE A . n 
A 1 81  LEU 81  160 160 LEU LEU A . n 
A 1 82  ALA 82  161 161 ALA ALA A . n 
A 1 83  HIS 83  162 162 HIS HIS A . n 
A 1 84  ALA 84  163 163 ALA ALA A . n 
A 1 85  PHE 85  164 164 PHE PHE A . n 
A 1 86  GLN 86  165 165 GLN GLN A . n 
A 1 87  PRO 87  166 166 PRO PRO A . n 
A 1 88  GLY 88  167 167 GLY GLY A . n 
A 1 89  GLN 89  168 168 GLN GLN A . n 
A 1 90  GLY 90  169 169 GLY GLY A . n 
A 1 91  ILE 91  170 170 ILE ILE A . n 
A 1 92  GLY 92  171 171 GLY GLY A . n 
A 1 93  GLY 93  172 172 GLY GLY A . n 
A 1 94  ASP 94  173 173 ASP ASP A . n 
A 1 95  ALA 95  174 174 ALA ALA A . n 
A 1 96  HIS 96  175 175 HIS HIS A . n 
A 1 97  PHE 97  176 176 PHE PHE A . n 
A 1 98  ASP 98  177 177 ASP ASP A . n 
A 1 99  ALA 99  178 178 ALA ALA A . n 
A 1 100 GLU 100 179 179 GLU GLU A . n 
A 1 101 GLU 101 180 180 GLU GLU A . n 
A 1 102 THR 102 181 181 THR THR A . n 
A 1 103 TRP 103 182 182 TRP TRP A . n 
A 1 104 THR 104 183 183 THR THR A . n 
A 1 105 ASN 105 184 184 ASN ASN A . n 
A 1 106 THR 106 185 185 THR THR A . n 
A 1 107 SER 107 186 186 SER SER A . n 
A 1 108 ALA 108 187 187 ALA ALA A . n 
A 1 109 ASN 109 188 188 ASN ASN A . n 
A 1 110 TYR 110 189 189 TYR TYR A . n 
A 1 111 ASN 111 190 190 ASN ASN A . n 
A 1 112 LEU 112 191 191 LEU LEU A . n 
A 1 113 PHE 113 192 192 PHE PHE A . n 
A 1 114 LEU 114 193 193 LEU LEU A . n 
A 1 115 VAL 115 194 194 VAL VAL A . n 
A 1 116 ALA 116 195 195 ALA ALA A . n 
A 1 117 ALA 117 196 196 ALA ALA A . n 
A 1 118 HIS 118 197 197 HIS HIS A . n 
A 1 119 GLU 119 198 198 GLU GLU A . n 
A 1 120 PHE 120 199 199 PHE PHE A . n 
A 1 121 GLY 121 200 200 GLY GLY A . n 
A 1 122 HIS 122 201 201 HIS HIS A . n 
A 1 123 SER 123 202 202 SER SER A . n 
A 1 124 LEU 124 203 203 LEU LEU A . n 
A 1 125 GLY 125 204 204 GLY GLY A . n 
A 1 126 LEU 126 205 205 LEU LEU A . n 
A 1 127 ALA 127 206 206 ALA ALA A . n 
A 1 128 HIS 128 207 207 HIS HIS A . n 
A 1 129 SER 129 208 208 SER SER A . n 
A 1 130 SER 130 209 209 SER SER A . n 
A 1 131 ASP 131 210 210 ASP ASP A . n 
A 1 132 PRO 132 211 211 PRO PRO A . n 
A 1 133 GLY 133 212 212 GLY GLY A . n 
A 1 134 ALA 134 213 213 ALA ALA A . n 
A 1 135 LEU 135 214 214 LEU LEU A . n 
A 1 136 MET 136 215 215 MET MET A . n 
A 1 137 TYR 137 216 216 TYR TYR A . n 
A 1 138 PRO 138 217 217 PRO PRO A . n 
A 1 139 ASN 139 218 218 ASN ASN A . n 
A 1 140 TYR 140 219 219 TYR TYR A . n 
A 1 141 ALA 141 220 220 ALA ALA A . n 
A 1 142 PHE 142 221 221 PHE PHE A . n 
A 1 143 ARG 143 222 222 ARG ARG A . n 
A 1 144 GLU 144 223 223 GLU GLU A . n 
A 1 145 THR 145 224 224 THR THR A . n 
A 1 146 SER 146 225 225 SER SER A . n 
A 1 147 ASN 147 226 226 ASN ASN A . n 
A 1 148 TYR 148 227 227 TYR TYR A . n 
A 1 149 SER 149 228 228 SER SER A . n 
A 1 150 LEU 150 229 229 LEU LEU A . n 
A 1 151 PRO 151 230 230 PRO PRO A . n 
A 1 152 GLN 152 231 231 GLN GLN A . n 
A 1 153 ASP 153 232 232 ASP ASP A . n 
A 1 154 ASP 154 233 233 ASP ASP A . n 
A 1 155 ILE 155 234 234 ILE ILE A . n 
A 1 156 ASP 156 235 235 ASP ASP A . n 
A 1 157 GLY 157 236 236 GLY GLY A . n 
A 1 158 ILE 158 237 237 ILE ILE A . n 
A 1 159 GLN 159 238 238 GLN GLN A . n 
A 1 160 ALA 160 239 239 ALA ALA A . n 
A 1 161 ILE 161 240 240 ILE ILE A . n 
A 1 162 TYR 162 241 241 TYR TYR A . n 
A 1 163 GLY 163 242 242 GLY GLY A . n 
# 
loop_
_pdbx_nonpoly_scheme.asym_id 
_pdbx_nonpoly_scheme.entity_id 
_pdbx_nonpoly_scheme.mon_id 
_pdbx_nonpoly_scheme.ndb_seq_num 
_pdbx_nonpoly_scheme.pdb_seq_num 
_pdbx_nonpoly_scheme.auth_seq_num 
_pdbx_nonpoly_scheme.pdb_mon_id 
_pdbx_nonpoly_scheme.auth_mon_id 
_pdbx_nonpoly_scheme.pdb_strand_id 
_pdbx_nonpoly_scheme.pdb_ins_code 
B 2 CA  1   996  996 CA  KAL A . 
C 2 CA  1   997  997 CA  KAL A . 
D 3 ZN  1   998  998 ZN  ZNC A . 
E 3 ZN  1   999  999 ZN  ZNC A . 
F 4 BBT 1   1000 1   BBT BAR A . 
G 5 HOH 1   500  500 HOH H2O A . 
G 5 HOH 2   501  501 HOH H2O A . 
G 5 HOH 3   502  502 HOH H2O A . 
G 5 HOH 4   503  503 HOH H2O A . 
G 5 HOH 5   504  504 HOH H2O A . 
G 5 HOH 6   505  505 HOH H2O A . 
G 5 HOH 7   506  506 HOH H2O A . 
G 5 HOH 8   507  507 HOH H2O A . 
G 5 HOH 9   508  508 HOH H2O A . 
G 5 HOH 10  509  509 HOH H2O A . 
G 5 HOH 11  510  510 HOH H2O A . 
G 5 HOH 12  511  511 HOH H2O A . 
G 5 HOH 13  512  512 HOH H2O A . 
G 5 HOH 14  513  513 HOH H2O A . 
G 5 HOH 15  514  514 HOH H2O A . 
G 5 HOH 16  515  515 HOH H2O A . 
G 5 HOH 17  516  516 HOH H2O A . 
G 5 HOH 18  517  517 HOH H2O A . 
G 5 HOH 19  518  518 HOH H2O A . 
G 5 HOH 20  519  519 HOH H2O A . 
G 5 HOH 21  520  520 HOH H2O A . 
G 5 HOH 22  521  521 HOH H2O A . 
G 5 HOH 23  522  522 HOH H2O A . 
G 5 HOH 24  523  523 HOH H2O A . 
G 5 HOH 25  524  524 HOH H2O A . 
G 5 HOH 26  525  525 HOH H2O A . 
G 5 HOH 27  526  526 HOH H2O A . 
G 5 HOH 28  527  527 HOH H2O A . 
G 5 HOH 29  528  528 HOH H2O A . 
G 5 HOH 30  529  529 HOH H2O A . 
G 5 HOH 31  530  530 HOH H2O A . 
G 5 HOH 32  531  531 HOH H2O A . 
G 5 HOH 33  532  532 HOH H2O A . 
G 5 HOH 34  533  533 HOH H2O A . 
G 5 HOH 35  534  534 HOH H2O A . 
G 5 HOH 36  535  535 HOH H2O A . 
G 5 HOH 37  536  536 HOH H2O A . 
G 5 HOH 38  537  537 HOH H2O A . 
G 5 HOH 39  538  538 HOH H2O A . 
G 5 HOH 40  539  539 HOH H2O A . 
G 5 HOH 41  540  540 HOH H2O A . 
G 5 HOH 42  541  541 HOH H2O A . 
G 5 HOH 43  542  542 HOH H2O A . 
G 5 HOH 44  543  543 HOH H2O A . 
G 5 HOH 45  544  544 HOH H2O A . 
G 5 HOH 46  545  545 HOH H2O A . 
G 5 HOH 47  546  546 HOH H2O A . 
G 5 HOH 48  547  547 HOH H2O A . 
G 5 HOH 49  548  548 HOH H2O A . 
G 5 HOH 50  549  549 HOH H2O A . 
G 5 HOH 51  550  550 HOH H2O A . 
G 5 HOH 52  551  551 HOH H2O A . 
G 5 HOH 53  552  552 HOH H2O A . 
G 5 HOH 54  553  553 HOH H2O A . 
G 5 HOH 55  554  554 HOH H2O A . 
G 5 HOH 56  555  555 HOH H2O A . 
G 5 HOH 57  556  556 HOH H2O A . 
G 5 HOH 58  557  557 HOH H2O A . 
G 5 HOH 59  558  558 HOH H2O A . 
G 5 HOH 60  559  559 HOH H2O A . 
G 5 HOH 61  560  560 HOH H2O A . 
G 5 HOH 62  561  561 HOH H2O A . 
G 5 HOH 63  562  562 HOH H2O A . 
G 5 HOH 64  563  563 HOH H2O A . 
G 5 HOH 65  564  564 HOH H2O A . 
G 5 HOH 66  565  565 HOH H2O A . 
G 5 HOH 67  566  566 HOH H2O A . 
G 5 HOH 68  567  567 HOH H2O A . 
G 5 HOH 69  568  568 HOH H2O A . 
G 5 HOH 70  569  569 HOH H2O A . 
G 5 HOH 71  570  570 HOH H2O A . 
G 5 HOH 72  571  571 HOH H2O A . 
G 5 HOH 73  572  572 HOH H2O A . 
G 5 HOH 74  573  573 HOH H2O A . 
G 5 HOH 75  574  574 HOH H2O A . 
G 5 HOH 76  575  575 HOH H2O A . 
G 5 HOH 77  576  576 HOH H2O A . 
G 5 HOH 78  577  577 HOH H2O A . 
G 5 HOH 79  578  578 HOH H2O A . 
G 5 HOH 80  579  579 HOH H2O A . 
G 5 HOH 81  580  580 HOH H2O A . 
G 5 HOH 82  581  581 HOH H2O A . 
G 5 HOH 83  582  582 HOH H2O A . 
G 5 HOH 84  583  583 HOH H2O A . 
G 5 HOH 85  584  584 HOH H2O A . 
G 5 HOH 86  585  585 HOH H2O A . 
G 5 HOH 87  586  586 HOH H2O A . 
G 5 HOH 88  587  587 HOH H2O A . 
G 5 HOH 89  588  588 HOH H2O A . 
G 5 HOH 90  589  589 HOH H2O A . 
G 5 HOH 91  590  590 HOH H2O A . 
G 5 HOH 92  591  591 HOH H2O A . 
G 5 HOH 93  592  592 HOH H2O A . 
G 5 HOH 94  593  593 HOH H2O A . 
G 5 HOH 95  594  594 HOH H2O A . 
G 5 HOH 96  595  595 HOH H2O A . 
G 5 HOH 97  596  596 HOH H2O A . 
G 5 HOH 98  597  597 HOH H2O A . 
G 5 HOH 99  598  598 HOH H2O A . 
G 5 HOH 100 599  599 HOH H2O A . 
G 5 HOH 101 600  600 HOH H2O A . 
G 5 HOH 102 601  601 HOH H2O A . 
G 5 HOH 103 602  602 HOH H2O A . 
G 5 HOH 104 603  603 HOH H2O A . 
G 5 HOH 105 604  604 HOH H2O A . 
G 5 HOH 106 605  605 HOH H2O A . 
G 5 HOH 107 606  606 HOH H2O A . 
G 5 HOH 108 607  607 HOH H2O A . 
G 5 HOH 109 608  608 HOH H2O A . 
G 5 HOH 110 609  609 HOH H2O A . 
G 5 HOH 111 610  610 HOH H2O A . 
G 5 HOH 112 611  611 HOH H2O A . 
G 5 HOH 113 612  612 HOH H2O A . 
G 5 HOH 114 613  613 HOH H2O A . 
G 5 HOH 115 614  614 HOH H2O A . 
G 5 HOH 116 615  615 HOH H2O A . 
G 5 HOH 117 616  616 HOH H2O A . 
G 5 HOH 118 617  617 HOH H2O A . 
G 5 HOH 119 618  618 HOH H2O A . 
G 5 HOH 120 619  619 HOH H2O A . 
G 5 HOH 121 620  620 HOH H2O A . 
G 5 HOH 122 621  621 HOH H2O A . 
G 5 HOH 123 622  622 HOH H2O A . 
G 5 HOH 124 623  623 HOH H2O A . 
G 5 HOH 125 624  624 HOH H2O A . 
G 5 HOH 126 625  625 HOH H2O A . 
G 5 HOH 127 626  626 HOH H2O A . 
G 5 HOH 128 627  627 HOH H2O A . 
G 5 HOH 129 628  628 HOH H2O A . 
G 5 HOH 130 629  629 HOH H2O A . 
G 5 HOH 131 630  630 HOH H2O A . 
G 5 HOH 132 631  631 HOH H2O A . 
G 5 HOH 133 632  632 HOH H2O A . 
G 5 HOH 134 633  633 HOH H2O A . 
G 5 HOH 135 634  634 HOH H2O A . 
G 5 HOH 136 635  635 HOH H2O A . 
G 5 HOH 137 636  636 HOH H2O A . 
G 5 HOH 138 637  637 HOH H2O A . 
G 5 HOH 139 638  638 HOH H2O A . 
G 5 HOH 140 639  639 HOH H2O A . 
G 5 HOH 141 640  640 HOH H2O A . 
G 5 HOH 142 641  641 HOH H2O A . 
G 5 HOH 143 642  642 HOH H2O A . 
G 5 HOH 144 643  643 HOH H2O A . 
G 5 HOH 145 644  644 HOH H2O A . 
G 5 HOH 146 645  645 HOH H2O A . 
G 5 HOH 147 646  646 HOH H2O A . 
G 5 HOH 148 647  647 HOH H2O A . 
G 5 HOH 149 648  648 HOH H2O A . 
G 5 HOH 150 649  649 HOH H2O A . 
G 5 HOH 151 650  650 HOH H2O A . 
G 5 HOH 152 651  651 HOH H2O A . 
G 5 HOH 153 652  652 HOH H2O A . 
G 5 HOH 154 653  653 HOH H2O A . 
G 5 HOH 155 654  654 HOH H2O A . 
G 5 HOH 156 655  655 HOH H2O A . 
G 5 HOH 157 656  656 HOH H2O A . 
G 5 HOH 158 657  657 HOH H2O A . 
G 5 HOH 159 658  658 HOH H2O A . 
G 5 HOH 160 659  659 HOH H2O A . 
G 5 HOH 161 660  660 HOH H2O A . 
G 5 HOH 162 661  661 HOH H2O A . 
G 5 HOH 163 662  662 HOH H2O A . 
G 5 HOH 164 663  663 HOH H2O A . 
G 5 HOH 165 664  664 HOH H2O A . 
G 5 HOH 166 665  665 HOH H2O A . 
G 5 HOH 167 666  666 HOH H2O A . 
G 5 HOH 168 667  667 HOH H2O A . 
G 5 HOH 169 668  668 HOH H2O A . 
G 5 HOH 170 669  669 HOH H2O A . 
G 5 HOH 171 670  670 HOH H2O A . 
G 5 HOH 172 671  671 HOH H2O A . 
G 5 HOH 173 672  672 HOH H2O A . 
G 5 HOH 174 673  673 HOH H2O A . 
G 5 HOH 175 674  674 HOH H2O A . 
G 5 HOH 176 675  675 HOH H2O A . 
G 5 HOH 177 676  676 HOH H2O A . 
G 5 HOH 178 677  677 HOH H2O A . 
G 5 HOH 179 678  678 HOH H2O A . 
G 5 HOH 180 679  679 HOH H2O A . 
G 5 HOH 181 680  680 HOH H2O A . 
G 5 HOH 182 681  681 HOH H2O A . 
G 5 HOH 183 682  682 HOH H2O A . 
G 5 HOH 184 683  683 HOH H2O A . 
G 5 HOH 185 684  684 HOH H2O A . 
# 
loop_
_pdbx_unobs_or_zero_occ_atoms.id 
_pdbx_unobs_or_zero_occ_atoms.PDB_model_num 
_pdbx_unobs_or_zero_occ_atoms.polymer_flag 
_pdbx_unobs_or_zero_occ_atoms.occupancy_flag 
_pdbx_unobs_or_zero_occ_atoms.auth_asym_id 
_pdbx_unobs_or_zero_occ_atoms.auth_comp_id 
_pdbx_unobs_or_zero_occ_atoms.auth_seq_id 
_pdbx_unobs_or_zero_occ_atoms.PDB_ins_code 
_pdbx_unobs_or_zero_occ_atoms.auth_atom_id 
_pdbx_unobs_or_zero_occ_atoms.label_alt_id 
_pdbx_unobs_or_zero_occ_atoms.label_asym_id 
_pdbx_unobs_or_zero_occ_atoms.label_comp_id 
_pdbx_unobs_or_zero_occ_atoms.label_seq_id 
_pdbx_unobs_or_zero_occ_atoms.label_atom_id 
1 1 Y 0 A GLN 168 ? CG  ? A GLN 89 CG  
2 1 Y 0 A GLN 168 ? CD  ? A GLN 89 CD  
3 1 Y 0 A GLN 168 ? OE1 ? A GLN 89 OE1 
4 1 Y 0 A GLN 168 ? NE2 ? A GLN 89 NE2 
# 
loop_
_software.name 
_software.classification 
_software.version 
_software.citation_id 
_software.pdbx_ordinal 
AMoRE  phasing          .            ? 1 
X-PLOR refinement       3.1          ? 2 
X-GEN  'data reduction' .            ? 3 
CCP4   'data scaling'   '(TRUNCATE)' ? 4 
# 
_cell.entry_id           1JJ9 
_cell.length_a           61.02 
_cell.length_b           69.23 
_cell.length_c           88.47 
_cell.angle_alpha        90.0 
_cell.angle_beta         90.0 
_cell.angle_gamma        90.0 
_cell.Z_PDB              8 
_cell.pdbx_unique_axis   ? 
_cell.length_a_esd       ? 
_cell.length_b_esd       ? 
_cell.length_c_esd       ? 
_cell.angle_alpha_esd    ? 
_cell.angle_beta_esd     ? 
_cell.angle_gamma_esd    ? 
# 
_symmetry.entry_id                         1JJ9 
_symmetry.space_group_name_H-M             'I 2 2 2' 
_symmetry.pdbx_full_space_group_name_H-M   ? 
_symmetry.cell_setting                     ? 
_symmetry.Int_Tables_number                23 
_symmetry.space_group_name_Hall            ? 
# 
_exptl.entry_id          1JJ9 
_exptl.method            'X-RAY DIFFRACTION' 
_exptl.crystals_number   1 
# 
_exptl_crystal.id                    1 
_exptl_crystal.density_meas          ? 
_exptl_crystal.density_Matthews      2.58 
_exptl_crystal.density_percent_sol   52.29 
_exptl_crystal.description           ? 
_exptl_crystal.F_000                 ? 
_exptl_crystal.preparation           ? 
# 
_exptl_crystal_grow.crystal_id      1 
_exptl_crystal_grow.method          'VAPOR DIFFUSION' 
_exptl_crystal_grow.temp            291 
_exptl_crystal_grow.temp_details    ? 
_exptl_crystal_grow.pH              6.0 
_exptl_crystal_grow.pdbx_details    'PEG6000, 10mM CaCl2, 100mM NaCl, Cacodylate pH6.0, VAPOR DIFFUSION, temperature 291K' 
_exptl_crystal_grow.pdbx_pH_range   . 
# 
_diffrn.id                     1 
_diffrn.ambient_temp           275 
_diffrn.ambient_temp_details   ? 
_diffrn.crystal_id             1 
# 
_diffrn_detector.diffrn_id              1 
_diffrn_detector.detector               'AREA DETECTOR' 
_diffrn_detector.type                   XENTRONICS 
_diffrn_detector.pdbx_collection_date   1996-06-27 
_diffrn_detector.details                monochromator 
# 
_diffrn_radiation.diffrn_id                        1 
_diffrn_radiation.wavelength_id                    1 
_diffrn_radiation.pdbx_monochromatic_or_laue_m_l   M 
_diffrn_radiation.monochromator                    graphite 
_diffrn_radiation.pdbx_diffrn_protocol             'SINGLE WAVELENGTH' 
_diffrn_radiation.pdbx_scattering_type             x-ray 
# 
_diffrn_radiation_wavelength.id           1 
_diffrn_radiation_wavelength.wavelength   1.5418 
_diffrn_radiation_wavelength.wt           1.0 
# 
_diffrn_source.diffrn_id                   1 
_diffrn_source.source                      'ROTATING ANODE' 
_diffrn_source.type                        'RIGAKU RU300' 
_diffrn_source.pdbx_synchrotron_site       ? 
_diffrn_source.pdbx_synchrotron_beamline   ? 
_diffrn_source.pdbx_wavelength             ? 
_diffrn_source.pdbx_wavelength_list        1.5418 
# 
_reflns.entry_id                     1JJ9 
_reflns.observed_criterion_sigma_I   3 
_reflns.observed_criterion_sigma_F   2 
_reflns.d_resolution_low             20.0 
_reflns.d_resolution_high            1.8 
_reflns.number_obs                   14371 
_reflns.number_all                   16907 
_reflns.percent_possible_obs         85 
_reflns.pdbx_Rmerge_I_obs            ? 
_reflns.pdbx_Rsym_value              ? 
_reflns.pdbx_netI_over_sigmaI        ? 
_reflns.B_iso_Wilson_estimate        ? 
_reflns.pdbx_redundancy              ? 
_reflns.R_free_details               ? 
_reflns.limit_h_max                  ? 
_reflns.limit_h_min                  ? 
_reflns.limit_k_max                  ? 
_reflns.limit_k_min                  ? 
_reflns.limit_l_max                  ? 
_reflns.limit_l_min                  ? 
_reflns.observed_criterion_F_max     ? 
_reflns.observed_criterion_F_min     ? 
_reflns.pdbx_chi_squared             ? 
_reflns.pdbx_scaling_rejects         ? 
_reflns.pdbx_ordinal                 1 
_reflns.pdbx_diffrn_id               1 
# 
_reflns_shell.d_res_high             1.8 
_reflns_shell.d_res_low              20.0 
_reflns_shell.percent_possible_all   85.0 
_reflns_shell.Rmerge_I_obs           ? 
_reflns_shell.pdbx_Rsym_value        ? 
_reflns_shell.meanI_over_sigI_obs    ? 
_reflns_shell.pdbx_redundancy        ? 
_reflns_shell.percent_possible_obs   ? 
_reflns_shell.number_unique_all      ? 
_reflns_shell.number_measured_all    ? 
_reflns_shell.number_measured_obs    ? 
_reflns_shell.number_unique_obs      ? 
_reflns_shell.pdbx_chi_squared       ? 
_reflns_shell.pdbx_ordinal           1 
_reflns_shell.pdbx_diffrn_id         1 
# 
_refine.entry_id                                 1JJ9 
_refine.ls_number_reflns_obs                     10862 
_refine.ls_number_reflns_all                     11862 
_refine.pdbx_ls_sigma_I                          ? 
_refine.pdbx_ls_sigma_F                          2 
_refine.pdbx_data_cutoff_high_absF               ? 
_refine.pdbx_data_cutoff_low_absF                ? 
_refine.ls_d_res_low                             8.0 
_refine.ls_d_res_high                            2.0 
_refine.ls_percent_reflns_obs                    ? 
_refine.ls_R_factor_obs                          ? 
_refine.ls_R_factor_all                          ? 
_refine.ls_R_factor_R_work                       0.2110000 
_refine.ls_R_factor_R_free                       0.2960000 
_refine.ls_R_factor_R_free_error                 ? 
_refine.ls_R_factor_R_free_error_details         ? 
_refine.ls_percent_reflns_R_free                 4.8 
_refine.ls_number_reflns_R_free                  521 
_refine.ls_number_parameters                     ? 
_refine.ls_number_restraints                     ? 
_refine.occupancy_min                            ? 
_refine.occupancy_max                            ? 
_refine.B_iso_mean                               ? 
_refine.aniso_B[1][1]                            ? 
_refine.aniso_B[2][2]                            ? 
_refine.aniso_B[3][3]                            ? 
_refine.aniso_B[1][2]                            ? 
_refine.aniso_B[1][3]                            ? 
_refine.aniso_B[2][3]                            ? 
_refine.solvent_model_details                    ? 
_refine.solvent_model_param_ksol                 ? 
_refine.solvent_model_param_bsol                 ? 
_refine.pdbx_ls_cross_valid_method               ? 
_refine.details                                  ? 
_refine.pdbx_starting_model                      ? 
_refine.pdbx_method_to_determine_struct          'MOLECULAR REPLACEMENT' 
_refine.pdbx_isotropic_thermal_model             ? 
_refine.pdbx_stereochemistry_target_values       'Engh & Huber' 
_refine.pdbx_stereochem_target_val_spec_case     ? 
_refine.pdbx_R_Free_selection_details            random 
_refine.pdbx_overall_ESU_R_Free                  ? 
_refine.overall_SU_B                             ? 
_refine.ls_redundancy_reflns_obs                 ? 
_refine.B_iso_min                                ? 
_refine.B_iso_max                                ? 
_refine.correlation_coeff_Fo_to_Fc               ? 
_refine.correlation_coeff_Fo_to_Fc_free          ? 
_refine.overall_SU_R_Cruickshank_DPI             ? 
_refine.overall_SU_R_free                        ? 
_refine.overall_SU_ML                            ? 
_refine.pdbx_overall_ESU_R                       ? 
_refine.pdbx_data_cutoff_high_rms_absF           ? 
_refine.pdbx_refine_id                           'X-RAY DIFFRACTION' 
_refine.pdbx_overall_phase_error                 ? 
_refine.pdbx_solvent_vdw_probe_radii             ? 
_refine.pdbx_solvent_ion_probe_radii             ? 
_refine.pdbx_solvent_shrinkage_radii             ? 
_refine.ls_wR_factor_R_free                      ? 
_refine.ls_wR_factor_R_work                      ? 
_refine.overall_FOM_free_R_set                   ? 
_refine.overall_FOM_work_R_set                   ? 
_refine.pdbx_diffrn_id                           1 
_refine.pdbx_TLS_residual_ADP_flag               ? 
_refine.pdbx_overall_SU_R_free_Cruickshank_DPI   ? 
_refine.pdbx_overall_SU_R_Blow_DPI               ? 
_refine.pdbx_overall_SU_R_free_Blow_DPI          ? 
# 
_refine_hist.pdbx_refine_id                   'X-RAY DIFFRACTION' 
_refine_hist.cycle_id                         LAST 
_refine_hist.pdbx_number_atoms_protein        1249 
_refine_hist.pdbx_number_atoms_nucleic_acid   0 
_refine_hist.pdbx_number_atoms_ligand         28 
_refine_hist.number_atoms_solvent             185 
_refine_hist.number_atoms_total               1462 
_refine_hist.d_res_high                       2.0 
_refine_hist.d_res_low                        8.0 
# 
loop_
_refine_ls_restr.type 
_refine_ls_restr.dev_ideal 
_refine_ls_restr.dev_ideal_target 
_refine_ls_restr.weight 
_refine_ls_restr.number 
_refine_ls_restr.pdbx_refine_id 
_refine_ls_restr.pdbx_restraint_function 
x_bond_d  0.011 ? ? ? 'X-RAY DIFFRACTION' ? 
x_angle_d 1.6   ? ? ? 'X-RAY DIFFRACTION' ? 
# 
_refine_ls_shell.pdbx_total_number_of_bins_used   ? 
_refine_ls_shell.d_res_high                       2.0 
_refine_ls_shell.d_res_low                        8.0 
_refine_ls_shell.number_reflns_R_work             ? 
_refine_ls_shell.R_factor_R_work                  0.2110000 
_refine_ls_shell.percent_reflns_obs               ? 
_refine_ls_shell.R_factor_R_free                  0.2960000 
_refine_ls_shell.R_factor_R_free_error            ? 
_refine_ls_shell.percent_reflns_R_free            ? 
_refine_ls_shell.number_reflns_R_free             521 
_refine_ls_shell.number_reflns_obs                11713 
_refine_ls_shell.redundancy_reflns_obs            ? 
_refine_ls_shell.number_reflns_all                ? 
_refine_ls_shell.pdbx_refine_id                   'X-RAY DIFFRACTION' 
_refine_ls_shell.R_factor_all                     ? 
# 
_struct.entry_id                  1JJ9 
_struct.title                     
'Crystal Structure of MMP8-Barbiturate Complex Reveals Mechanism for Collagen Substrate Recognition' 
_struct.pdbx_model_details        ? 
_struct.pdbx_CASP_flag            ? 
_struct.pdbx_model_type_details   ? 
# 
_struct_keywords.entry_id        1JJ9 
_struct_keywords.pdbx_keywords   HYDROLASE 
_struct_keywords.text            'MMP-8, substrate recognition, cis-peptide bond, conformational transition, HYDROLASE' 
# 
loop_
_struct_asym.id 
_struct_asym.pdbx_blank_PDB_chainid_flag 
_struct_asym.pdbx_modified 
_struct_asym.entity_id 
_struct_asym.details 
A N N 1 ? 
B N N 2 ? 
C N N 2 ? 
D N N 3 ? 
E N N 3 ? 
F N N 4 ? 
G N N 5 ? 
# 
_struct_ref.id                         1 
_struct_ref.db_name                    UNP 
_struct_ref.db_code                    MMP8_HUMAN 
_struct_ref.entity_id                  1 
_struct_ref.pdbx_seq_one_letter_code   
;MLTPGNPKWERTNLTYRIRNYTPQLSEAEVERAIKDAFELWSVASPLIFTRISQGEADINIAFYQRDHGDNSPFDGPNGI
LAHAFQPGQGIGGDAHFDAEETWTNTSANYNLFLVAAHEFGHSLGLAHSSDPGALMYPNYAFRETSNYSLPQDDIDGIQA
IYG
;
_struct_ref.pdbx_align_begin           100 
_struct_ref.pdbx_db_accession          P22894 
_struct_ref.pdbx_db_isoform            ? 
# 
_struct_ref_seq.align_id                      1 
_struct_ref_seq.ref_id                        1 
_struct_ref_seq.pdbx_PDB_id_code              1JJ9 
_struct_ref_seq.pdbx_strand_id                A 
_struct_ref_seq.seq_align_beg                 1 
_struct_ref_seq.pdbx_seq_align_beg_ins_code   ? 
_struct_ref_seq.seq_align_end                 163 
_struct_ref_seq.pdbx_seq_align_end_ins_code   ? 
_struct_ref_seq.pdbx_db_accession             P22894 
_struct_ref_seq.db_align_beg                  100 
_struct_ref_seq.pdbx_db_align_beg_ins_code    ? 
_struct_ref_seq.db_align_end                  262 
_struct_ref_seq.pdbx_db_align_end_ins_code    ? 
_struct_ref_seq.pdbx_auth_seq_align_beg       80 
_struct_ref_seq.pdbx_auth_seq_align_end       242 
# 
_pdbx_struct_assembly.id                   1 
_pdbx_struct_assembly.details              author_defined_assembly 
_pdbx_struct_assembly.method_details       ? 
_pdbx_struct_assembly.oligomeric_details   monomeric 
_pdbx_struct_assembly.oligomeric_count     1 
# 
_pdbx_struct_assembly_gen.assembly_id       1 
_pdbx_struct_assembly_gen.oper_expression   1 
_pdbx_struct_assembly_gen.asym_id_list      A,B,C,D,E,F,G 
# 
_pdbx_struct_oper_list.id                   1 
_pdbx_struct_oper_list.type                 'identity operation' 
_pdbx_struct_oper_list.name                 1_555 
_pdbx_struct_oper_list.symmetry_operation   x,y,z 
_pdbx_struct_oper_list.matrix[1][1]         1.0000000000 
_pdbx_struct_oper_list.matrix[1][2]         0.0000000000 
_pdbx_struct_oper_list.matrix[1][3]         0.0000000000 
_pdbx_struct_oper_list.vector[1]            0.0000000000 
_pdbx_struct_oper_list.matrix[2][1]         0.0000000000 
_pdbx_struct_oper_list.matrix[2][2]         1.0000000000 
_pdbx_struct_oper_list.matrix[2][3]         0.0000000000 
_pdbx_struct_oper_list.vector[2]            0.0000000000 
_pdbx_struct_oper_list.matrix[3][1]         0.0000000000 
_pdbx_struct_oper_list.matrix[3][2]         0.0000000000 
_pdbx_struct_oper_list.matrix[3][3]         1.0000000000 
_pdbx_struct_oper_list.vector[3]            0.0000000000 
# 
_struct_biol.id   1 
# 
loop_
_struct_conf.conf_type_id 
_struct_conf.id 
_struct_conf.pdbx_PDB_helix_id 
_struct_conf.beg_label_comp_id 
_struct_conf.beg_label_asym_id 
_struct_conf.beg_label_seq_id 
_struct_conf.pdbx_beg_PDB_ins_code 
_struct_conf.end_label_comp_id 
_struct_conf.end_label_asym_id 
_struct_conf.end_label_seq_id 
_struct_conf.pdbx_end_PDB_ins_code 
_struct_conf.beg_auth_comp_id 
_struct_conf.beg_auth_asym_id 
_struct_conf.beg_auth_seq_id 
_struct_conf.end_auth_comp_id 
_struct_conf.end_auth_asym_id 
_struct_conf.end_auth_seq_id 
_struct_conf.pdbx_PDB_helix_class 
_struct_conf.details 
_struct_conf.pdbx_PDB_helix_length 
HELX_P HELX_P1 1 SER A 26  ? VAL A 43  ? SER A 105 VAL A 122 1 ? 18 
HELX_P HELX_P2 2 ASN A 111 ? GLY A 125 ? ASN A 190 GLY A 204 1 ? 15 
HELX_P HELX_P3 3 PRO A 151 ? GLY A 163 ? PRO A 230 GLY A 242 1 ? 13 
# 
_struct_conf_type.id          HELX_P 
_struct_conf_type.criteria    ? 
_struct_conf_type.reference   ? 
# 
loop_
_struct_conn.id 
_struct_conn.conn_type_id 
_struct_conn.pdbx_leaving_atom_flag 
_struct_conn.pdbx_PDB_id 
_struct_conn.ptnr1_label_asym_id 
_struct_conn.ptnr1_label_comp_id 
_struct_conn.ptnr1_label_seq_id 
_struct_conn.ptnr1_label_atom_id 
_struct_conn.pdbx_ptnr1_label_alt_id 
_struct_conn.pdbx_ptnr1_PDB_ins_code 
_struct_conn.pdbx_ptnr1_standard_comp_id 
_struct_conn.ptnr1_symmetry 
_struct_conn.ptnr2_label_asym_id 
_struct_conn.ptnr2_label_comp_id 
_struct_conn.ptnr2_label_seq_id 
_struct_conn.ptnr2_label_atom_id 
_struct_conn.pdbx_ptnr2_label_alt_id 
_struct_conn.pdbx_ptnr2_PDB_ins_code 
_struct_conn.ptnr1_auth_asym_id 
_struct_conn.ptnr1_auth_comp_id 
_struct_conn.ptnr1_auth_seq_id 
_struct_conn.ptnr2_auth_asym_id 
_struct_conn.ptnr2_auth_comp_id 
_struct_conn.ptnr2_auth_seq_id 
_struct_conn.ptnr2_symmetry 
_struct_conn.pdbx_ptnr3_label_atom_id 
_struct_conn.pdbx_ptnr3_label_seq_id 
_struct_conn.pdbx_ptnr3_label_comp_id 
_struct_conn.pdbx_ptnr3_label_asym_id 
_struct_conn.pdbx_ptnr3_label_alt_id 
_struct_conn.pdbx_ptnr3_PDB_ins_code 
_struct_conn.details 
_struct_conn.pdbx_dist_value 
_struct_conn.pdbx_value_order 
_struct_conn.pdbx_role 
metalc1  metalc ? ? A ASP 58  O   ? ? ? 1_555 B CA  . CA ? ? A ASP 137 A CA  996  1_555 ? ? ? ? ? ? ? 2.341 ? ? 
metalc2  metalc ? ? A HIS 68  NE2 ? ? ? 1_555 D ZN  . ZN ? ? A HIS 147 A ZN  998  1_555 ? ? ? ? ? ? ? 2.056 ? ? 
metalc3  metalc ? ? A ASP 70  OD2 ? ? ? 1_555 D ZN  . ZN ? ? A ASP 149 A ZN  998  1_555 ? ? ? ? ? ? ? 1.967 ? ? 
metalc4  metalc ? ? A ASP 75  OD2 ? ? ? 1_555 C CA  . CA ? ? A ASP 154 A CA  997  1_555 ? ? ? ? ? ? ? 2.285 ? ? 
metalc5  metalc ? ? A GLY 76  O   ? ? ? 1_555 C CA  . CA ? ? A GLY 155 A CA  997  1_555 ? ? ? ? ? ? ? 2.167 ? ? 
metalc6  metalc ? ? A ASN 78  O   ? ? ? 1_555 C CA  . CA ? ? A ASN 157 A CA  997  1_555 ? ? ? ? ? ? ? 2.118 ? ? 
metalc7  metalc ? ? A ILE 80  O   ? ? ? 1_555 C CA  . CA ? ? A ILE 159 A CA  997  1_555 ? ? ? ? ? ? ? 2.309 ? ? 
metalc8  metalc ? ? A HIS 83  NE2 ? ? ? 1_555 D ZN  . ZN ? ? A HIS 162 A ZN  998  1_555 ? ? ? ? ? ? ? 2.032 ? ? 
metalc9  metalc ? ? A GLY 90  O   ? ? ? 1_555 B CA  . CA ? ? A GLY 169 A CA  996  1_555 ? ? ? ? ? ? ? 2.206 ? ? 
metalc10 metalc ? ? A GLY 92  O   ? ? ? 1_555 B CA  . CA ? ? A GLY 171 A CA  996  1_555 ? ? ? ? ? ? ? 2.233 ? ? 
metalc11 metalc ? ? A ASP 94  OD2 ? ? ? 1_555 B CA  . CA ? ? A ASP 173 A CA  996  1_555 ? ? ? ? ? ? ? 2.370 ? ? 
metalc12 metalc ? ? A HIS 96  ND1 ? ? ? 1_555 D ZN  . ZN ? ? A HIS 175 A ZN  998  1_555 ? ? ? ? ? ? ? 1.952 ? ? 
metalc13 metalc ? ? A ASP 98  OD1 ? ? ? 1_555 C CA  . CA ? ? A ASP 177 A CA  997  1_555 ? ? ? ? ? ? ? 2.476 ? ? 
metalc14 metalc ? ? A GLU 101 OE1 ? ? ? 1_555 C CA  . CA ? ? A GLU 180 A CA  997  1_555 ? ? ? ? ? ? ? 2.103 ? ? 
metalc15 metalc ? ? A HIS 118 NE2 ? ? ? 1_555 E ZN  . ZN ? ? A HIS 197 A ZN  999  1_555 ? ? ? ? ? ? ? 2.026 ? ? 
metalc16 metalc ? ? A HIS 122 NE2 ? ? ? 1_555 E ZN  . ZN ? ? A HIS 201 A ZN  999  1_555 ? ? ? ? ? ? ? 1.953 ? ? 
metalc17 metalc ? ? A HIS 128 NE2 ? ? ? 1_555 E ZN  . ZN ? ? A HIS 207 A ZN  999  1_555 ? ? ? ? ? ? ? 1.996 ? ? 
metalc18 metalc ? ? G HOH .   O   ? ? ? 1_555 B CA  . CA ? ? A HOH 511 A CA  996  1_555 ? ? ? ? ? ? ? 1.624 ? ? 
metalc19 metalc ? ? E ZN  .   ZN  ? ? ? 1_555 F BBT . N1 ? ? A ZN  999 A BBT 1000 1_555 ? ? ? ? ? ? ? 2.090 ? ? 
# 
_struct_conn_type.id          metalc 
_struct_conn_type.criteria    ? 
_struct_conn_type.reference   ? 
# 
loop_
_pdbx_struct_conn_angle.id 
_pdbx_struct_conn_angle.ptnr1_label_atom_id 
_pdbx_struct_conn_angle.ptnr1_label_alt_id 
_pdbx_struct_conn_angle.ptnr1_label_asym_id 
_pdbx_struct_conn_angle.ptnr1_label_comp_id 
_pdbx_struct_conn_angle.ptnr1_label_seq_id 
_pdbx_struct_conn_angle.ptnr1_auth_atom_id 
_pdbx_struct_conn_angle.ptnr1_auth_asym_id 
_pdbx_struct_conn_angle.ptnr1_auth_comp_id 
_pdbx_struct_conn_angle.ptnr1_auth_seq_id 
_pdbx_struct_conn_angle.ptnr1_PDB_ins_code 
_pdbx_struct_conn_angle.ptnr1_symmetry 
_pdbx_struct_conn_angle.ptnr2_label_atom_id 
_pdbx_struct_conn_angle.ptnr2_label_alt_id 
_pdbx_struct_conn_angle.ptnr2_label_asym_id 
_pdbx_struct_conn_angle.ptnr2_label_comp_id 
_pdbx_struct_conn_angle.ptnr2_label_seq_id 
_pdbx_struct_conn_angle.ptnr2_auth_atom_id 
_pdbx_struct_conn_angle.ptnr2_auth_asym_id 
_pdbx_struct_conn_angle.ptnr2_auth_comp_id 
_pdbx_struct_conn_angle.ptnr2_auth_seq_id 
_pdbx_struct_conn_angle.ptnr2_PDB_ins_code 
_pdbx_struct_conn_angle.ptnr2_symmetry 
_pdbx_struct_conn_angle.ptnr3_label_atom_id 
_pdbx_struct_conn_angle.ptnr3_label_alt_id 
_pdbx_struct_conn_angle.ptnr3_label_asym_id 
_pdbx_struct_conn_angle.ptnr3_label_comp_id 
_pdbx_struct_conn_angle.ptnr3_label_seq_id 
_pdbx_struct_conn_angle.ptnr3_auth_atom_id 
_pdbx_struct_conn_angle.ptnr3_auth_asym_id 
_pdbx_struct_conn_angle.ptnr3_auth_comp_id 
_pdbx_struct_conn_angle.ptnr3_auth_seq_id 
_pdbx_struct_conn_angle.ptnr3_PDB_ins_code 
_pdbx_struct_conn_angle.ptnr3_symmetry 
_pdbx_struct_conn_angle.value 
_pdbx_struct_conn_angle.value_esd 
1  O   ? A ASP 58  ? A ASP 137 ? 1_555 CA ? B CA . ? A CA 996 ? 1_555 O   ? A GLY 90  ? A GLY 169  ? 1_555 166.1 ? 
2  O   ? A ASP 58  ? A ASP 137 ? 1_555 CA ? B CA . ? A CA 996 ? 1_555 O   ? A GLY 92  ? A GLY 171  ? 1_555 99.1  ? 
3  O   ? A GLY 90  ? A GLY 169 ? 1_555 CA ? B CA . ? A CA 996 ? 1_555 O   ? A GLY 92  ? A GLY 171  ? 1_555 92.9  ? 
4  O   ? A ASP 58  ? A ASP 137 ? 1_555 CA ? B CA . ? A CA 996 ? 1_555 OD2 ? A ASP 94  ? A ASP 173  ? 1_555 89.0  ? 
5  O   ? A GLY 90  ? A GLY 169 ? 1_555 CA ? B CA . ? A CA 996 ? 1_555 OD2 ? A ASP 94  ? A ASP 173  ? 1_555 99.0  ? 
6  O   ? A GLY 92  ? A GLY 171 ? 1_555 CA ? B CA . ? A CA 996 ? 1_555 OD2 ? A ASP 94  ? A ASP 173  ? 1_555 85.5  ? 
7  O   ? A ASP 58  ? A ASP 137 ? 1_555 CA ? B CA . ? A CA 996 ? 1_555 O   ? G HOH .   ? A HOH 511  ? 1_555 79.0  ? 
8  O   ? A GLY 90  ? A GLY 169 ? 1_555 CA ? B CA . ? A CA 996 ? 1_555 O   ? G HOH .   ? A HOH 511  ? 1_555 87.3  ? 
9  O   ? A GLY 92  ? A GLY 171 ? 1_555 CA ? B CA . ? A CA 996 ? 1_555 O   ? G HOH .   ? A HOH 511  ? 1_555 159.2 ? 
10 OD2 ? A ASP 94  ? A ASP 173 ? 1_555 CA ? B CA . ? A CA 996 ? 1_555 O   ? G HOH .   ? A HOH 511  ? 1_555 115.1 ? 
11 NE2 ? A HIS 68  ? A HIS 147 ? 1_555 ZN ? D ZN . ? A ZN 998 ? 1_555 OD2 ? A ASP 70  ? A ASP 149  ? 1_555 109.5 ? 
12 NE2 ? A HIS 68  ? A HIS 147 ? 1_555 ZN ? D ZN . ? A ZN 998 ? 1_555 NE2 ? A HIS 83  ? A HIS 162  ? 1_555 108.6 ? 
13 OD2 ? A ASP 70  ? A ASP 149 ? 1_555 ZN ? D ZN . ? A ZN 998 ? 1_555 NE2 ? A HIS 83  ? A HIS 162  ? 1_555 111.2 ? 
14 NE2 ? A HIS 68  ? A HIS 147 ? 1_555 ZN ? D ZN . ? A ZN 998 ? 1_555 ND1 ? A HIS 96  ? A HIS 175  ? 1_555 110.9 ? 
15 OD2 ? A ASP 70  ? A ASP 149 ? 1_555 ZN ? D ZN . ? A ZN 998 ? 1_555 ND1 ? A HIS 96  ? A HIS 175  ? 1_555 99.6  ? 
16 NE2 ? A HIS 83  ? A HIS 162 ? 1_555 ZN ? D ZN . ? A ZN 998 ? 1_555 ND1 ? A HIS 96  ? A HIS 175  ? 1_555 116.6 ? 
17 OD2 ? A ASP 75  ? A ASP 154 ? 1_555 CA ? C CA . ? A CA 997 ? 1_555 O   ? A GLY 76  ? A GLY 155  ? 1_555 88.9  ? 
18 OD2 ? A ASP 75  ? A ASP 154 ? 1_555 CA ? C CA . ? A CA 997 ? 1_555 O   ? A ASN 78  ? A ASN 157  ? 1_555 90.0  ? 
19 O   ? A GLY 76  ? A GLY 155 ? 1_555 CA ? C CA . ? A CA 997 ? 1_555 O   ? A ASN 78  ? A ASN 157  ? 1_555 92.8  ? 
20 OD2 ? A ASP 75  ? A ASP 154 ? 1_555 CA ? C CA . ? A CA 997 ? 1_555 O   ? A ILE 80  ? A ILE 159  ? 1_555 88.2  ? 
21 O   ? A GLY 76  ? A GLY 155 ? 1_555 CA ? C CA . ? A CA 997 ? 1_555 O   ? A ILE 80  ? A ILE 159  ? 1_555 176.0 ? 
22 O   ? A ASN 78  ? A ASN 157 ? 1_555 CA ? C CA . ? A CA 997 ? 1_555 O   ? A ILE 80  ? A ILE 159  ? 1_555 89.9  ? 
23 OD2 ? A ASP 75  ? A ASP 154 ? 1_555 CA ? C CA . ? A CA 997 ? 1_555 OD1 ? A ASP 98  ? A ASP 177  ? 1_555 90.5  ? 
24 O   ? A GLY 76  ? A GLY 155 ? 1_555 CA ? C CA . ? A CA 997 ? 1_555 OD1 ? A ASP 98  ? A ASP 177  ? 1_555 79.4  ? 
25 O   ? A ASN 78  ? A ASN 157 ? 1_555 CA ? C CA . ? A CA 997 ? 1_555 OD1 ? A ASP 98  ? A ASP 177  ? 1_555 172.2 ? 
26 O   ? A ILE 80  ? A ILE 159 ? 1_555 CA ? C CA . ? A CA 997 ? 1_555 OD1 ? A ASP 98  ? A ASP 177  ? 1_555 98.0  ? 
27 OD2 ? A ASP 75  ? A ASP 154 ? 1_555 CA ? C CA . ? A CA 997 ? 1_555 OE1 ? A GLU 101 ? A GLU 180  ? 1_555 176.7 ? 
28 O   ? A GLY 76  ? A GLY 155 ? 1_555 CA ? C CA . ? A CA 997 ? 1_555 OE1 ? A GLU 101 ? A GLU 180  ? 1_555 94.4  ? 
29 O   ? A ASN 78  ? A ASN 157 ? 1_555 CA ? C CA . ? A CA 997 ? 1_555 OE1 ? A GLU 101 ? A GLU 180  ? 1_555 89.3  ? 
30 O   ? A ILE 80  ? A ILE 159 ? 1_555 CA ? C CA . ? A CA 997 ? 1_555 OE1 ? A GLU 101 ? A GLU 180  ? 1_555 88.6  ? 
31 OD1 ? A ASP 98  ? A ASP 177 ? 1_555 CA ? C CA . ? A CA 997 ? 1_555 OE1 ? A GLU 101 ? A GLU 180  ? 1_555 90.6  ? 
32 NE2 ? A HIS 118 ? A HIS 197 ? 1_555 ZN ? E ZN . ? A ZN 999 ? 1_555 NE2 ? A HIS 122 ? A HIS 201  ? 1_555 100.3 ? 
33 NE2 ? A HIS 118 ? A HIS 197 ? 1_555 ZN ? E ZN . ? A ZN 999 ? 1_555 NE2 ? A HIS 128 ? A HIS 207  ? 1_555 119.7 ? 
34 NE2 ? A HIS 122 ? A HIS 201 ? 1_555 ZN ? E ZN . ? A ZN 999 ? 1_555 NE2 ? A HIS 128 ? A HIS 207  ? 1_555 102.4 ? 
35 NE2 ? A HIS 118 ? A HIS 197 ? 1_555 ZN ? E ZN . ? A ZN 999 ? 1_555 N1  ? F BBT .   ? A BBT 1000 ? 1_555 95.5  ? 
36 NE2 ? A HIS 122 ? A HIS 201 ? 1_555 ZN ? E ZN . ? A ZN 999 ? 1_555 N1  ? F BBT .   ? A BBT 1000 ? 1_555 125.6 ? 
37 NE2 ? A HIS 128 ? A HIS 207 ? 1_555 ZN ? E ZN . ? A ZN 999 ? 1_555 N1  ? F BBT .   ? A BBT 1000 ? 1_555 113.8 ? 
# 
_struct_mon_prot_cis.pdbx_id                1 
_struct_mon_prot_cis.label_comp_id          ASN 
_struct_mon_prot_cis.label_seq_id           109 
_struct_mon_prot_cis.label_asym_id          A 
_struct_mon_prot_cis.label_alt_id           . 
_struct_mon_prot_cis.pdbx_PDB_ins_code      ? 
_struct_mon_prot_cis.auth_comp_id           ASN 
_struct_mon_prot_cis.auth_seq_id            188 
_struct_mon_prot_cis.auth_asym_id           A 
_struct_mon_prot_cis.pdbx_label_comp_id_2   TYR 
_struct_mon_prot_cis.pdbx_label_seq_id_2    110 
_struct_mon_prot_cis.pdbx_label_asym_id_2   A 
_struct_mon_prot_cis.pdbx_PDB_ins_code_2    ? 
_struct_mon_prot_cis.pdbx_auth_comp_id_2    TYR 
_struct_mon_prot_cis.pdbx_auth_seq_id_2     189 
_struct_mon_prot_cis.pdbx_auth_asym_id_2    A 
_struct_mon_prot_cis.pdbx_PDB_model_num     1 
_struct_mon_prot_cis.pdbx_omega_angle       0.02 
# 
_struct_sheet.id               A 
_struct_sheet.type             ? 
_struct_sheet.number_strands   5 
_struct_sheet.details          ? 
# 
loop_
_struct_sheet_order.sheet_id 
_struct_sheet_order.range_id_1 
_struct_sheet_order.range_id_2 
_struct_sheet_order.offset 
_struct_sheet_order.sense 
A 1 2 ? parallel      
A 2 3 ? parallel      
A 3 4 ? parallel      
A 4 5 ? anti-parallel 
# 
loop_
_struct_sheet_range.sheet_id 
_struct_sheet_range.id 
_struct_sheet_range.beg_label_comp_id 
_struct_sheet_range.beg_label_asym_id 
_struct_sheet_range.beg_label_seq_id 
_struct_sheet_range.pdbx_beg_PDB_ins_code 
_struct_sheet_range.end_label_comp_id 
_struct_sheet_range.end_label_asym_id 
_struct_sheet_range.end_label_seq_id 
_struct_sheet_range.pdbx_end_PDB_ins_code 
_struct_sheet_range.beg_auth_comp_id 
_struct_sheet_range.beg_auth_asym_id 
_struct_sheet_range.beg_auth_seq_id 
_struct_sheet_range.end_auth_comp_id 
_struct_sheet_range.end_auth_asym_id 
_struct_sheet_range.end_auth_seq_id 
A 1 ILE A 48 ? ARG A 51 ? ILE A 127 ARG A 130 
A 2 ASN A 13 ? ILE A 18 ? ASN A 92  ILE A 97  
A 3 ILE A 59 ? TYR A 64 ? ILE A 138 TYR A 143 
A 4 ALA A 95 ? ASP A 98 ? ALA A 174 ASP A 177 
A 5 ALA A 82 ? ALA A 84 ? ALA A 161 ALA A 163 
# 
loop_
_pdbx_struct_sheet_hbond.sheet_id 
_pdbx_struct_sheet_hbond.range_id_1 
_pdbx_struct_sheet_hbond.range_id_2 
_pdbx_struct_sheet_hbond.range_1_label_atom_id 
_pdbx_struct_sheet_hbond.range_1_label_comp_id 
_pdbx_struct_sheet_hbond.range_1_label_asym_id 
_pdbx_struct_sheet_hbond.range_1_label_seq_id 
_pdbx_struct_sheet_hbond.range_1_PDB_ins_code 
_pdbx_struct_sheet_hbond.range_1_auth_atom_id 
_pdbx_struct_sheet_hbond.range_1_auth_comp_id 
_pdbx_struct_sheet_hbond.range_1_auth_asym_id 
_pdbx_struct_sheet_hbond.range_1_auth_seq_id 
_pdbx_struct_sheet_hbond.range_2_label_atom_id 
_pdbx_struct_sheet_hbond.range_2_label_comp_id 
_pdbx_struct_sheet_hbond.range_2_label_asym_id 
_pdbx_struct_sheet_hbond.range_2_label_seq_id 
_pdbx_struct_sheet_hbond.range_2_PDB_ins_code 
_pdbx_struct_sheet_hbond.range_2_auth_atom_id 
_pdbx_struct_sheet_hbond.range_2_auth_comp_id 
_pdbx_struct_sheet_hbond.range_2_auth_asym_id 
_pdbx_struct_sheet_hbond.range_2_auth_seq_id 
A 1 2 O ILE A 48 ? O ILE A 127 N LEU A 14 ? N LEU A 93  
A 2 3 O THR A 15 ? O THR A 94  N ILE A 59 ? N ILE A 138 
A 3 4 O ASN A 60 ? O ASN A 139 N ALA A 95 ? N ALA A 174 
A 4 5 N HIS A 96 ? N HIS A 175 O HIS A 83 ? O HIS A 162 
# 
loop_
_struct_site.id 
_struct_site.pdbx_evidence_code 
_struct_site.pdbx_auth_asym_id 
_struct_site.pdbx_auth_comp_id 
_struct_site.pdbx_auth_seq_id 
_struct_site.pdbx_auth_ins_code 
_struct_site.pdbx_num_residues 
_struct_site.details 
AC1 Software A CA  996  ? 5  'BINDING SITE FOR RESIDUE CA A 996'   
AC2 Software A CA  997  ? 6  'BINDING SITE FOR RESIDUE CA A 997'   
AC3 Software A ZN  998  ? 4  'BINDING SITE FOR RESIDUE ZN A 998'   
AC4 Software A ZN  999  ? 4  'BINDING SITE FOR RESIDUE ZN A 999'   
AC5 Software A BBT 1000 ? 10 'BINDING SITE FOR RESIDUE BBT A 1000' 
# 
loop_
_struct_site_gen.id 
_struct_site_gen.site_id 
_struct_site_gen.pdbx_num_res 
_struct_site_gen.label_comp_id 
_struct_site_gen.label_asym_id 
_struct_site_gen.label_seq_id 
_struct_site_gen.pdbx_auth_ins_code 
_struct_site_gen.auth_comp_id 
_struct_site_gen.auth_asym_id 
_struct_site_gen.auth_seq_id 
_struct_site_gen.label_atom_id 
_struct_site_gen.label_alt_id 
_struct_site_gen.symmetry 
_struct_site_gen.details 
1  AC1 5  ASP A 58  ? ASP A 137  . ? 1_555 ? 
2  AC1 5  GLY A 90  ? GLY A 169  . ? 1_555 ? 
3  AC1 5  GLY A 92  ? GLY A 171  . ? 1_555 ? 
4  AC1 5  ASP A 94  ? ASP A 173  . ? 1_555 ? 
5  AC1 5  HOH G .   ? HOH A 511  . ? 1_555 ? 
6  AC2 6  ASP A 75  ? ASP A 154  . ? 1_555 ? 
7  AC2 6  GLY A 76  ? GLY A 155  . ? 1_555 ? 
8  AC2 6  ASN A 78  ? ASN A 157  . ? 1_555 ? 
9  AC2 6  ILE A 80  ? ILE A 159  . ? 1_555 ? 
10 AC2 6  ASP A 98  ? ASP A 177  . ? 1_555 ? 
11 AC2 6  GLU A 101 ? GLU A 180  . ? 1_555 ? 
12 AC3 4  HIS A 68  ? HIS A 147  . ? 1_555 ? 
13 AC3 4  ASP A 70  ? ASP A 149  . ? 1_555 ? 
14 AC3 4  HIS A 83  ? HIS A 162  . ? 1_555 ? 
15 AC3 4  HIS A 96  ? HIS A 175  . ? 1_555 ? 
16 AC4 4  HIS A 118 ? HIS A 197  . ? 1_555 ? 
17 AC4 4  HIS A 122 ? HIS A 201  . ? 1_555 ? 
18 AC4 4  HIS A 128 ? HIS A 207  . ? 1_555 ? 
19 AC4 4  BBT F .   ? BBT A 1000 . ? 1_555 ? 
20 AC5 10 LEU A 81  ? LEU A 160  . ? 1_555 ? 
21 AC5 10 ALA A 82  ? ALA A 161  . ? 1_555 ? 
22 AC5 10 HIS A 118 ? HIS A 197  . ? 1_555 ? 
23 AC5 10 GLU A 119 ? GLU A 198  . ? 1_555 ? 
24 AC5 10 HIS A 122 ? HIS A 201  . ? 1_555 ? 
25 AC5 10 HIS A 128 ? HIS A 207  . ? 1_555 ? 
26 AC5 10 PRO A 138 ? PRO A 217  . ? 1_555 ? 
27 AC5 10 ASN A 139 ? ASN A 218  . ? 1_555 ? 
28 AC5 10 HOH G .   ? HOH A 558  . ? 1_555 ? 
29 AC5 10 ZN  E .   ? ZN  A 999  . ? 1_555 ? 
# 
loop_
_pdbx_validate_torsion.id 
_pdbx_validate_torsion.PDB_model_num 
_pdbx_validate_torsion.auth_comp_id 
_pdbx_validate_torsion.auth_asym_id 
_pdbx_validate_torsion.auth_seq_id 
_pdbx_validate_torsion.PDB_ins_code 
_pdbx_validate_torsion.label_alt_id 
_pdbx_validate_torsion.phi 
_pdbx_validate_torsion.psi 
1 1 ARG A 145 ? ? 27.57   -123.84 
2 1 HIS A 147 ? ? -141.15 33.58   
3 1 ASN A 150 ? ? 73.68   -4.78   
4 1 ASN A 157 ? ? 63.83   -159.34 
5 1 PRO A 217 ? ? -66.65  51.49   
# 
loop_
_pdbx_unobs_or_zero_occ_residues.id 
_pdbx_unobs_or_zero_occ_residues.PDB_model_num 
_pdbx_unobs_or_zero_occ_residues.polymer_flag 
_pdbx_unobs_or_zero_occ_residues.occupancy_flag 
_pdbx_unobs_or_zero_occ_residues.auth_asym_id 
_pdbx_unobs_or_zero_occ_residues.auth_comp_id 
_pdbx_unobs_or_zero_occ_residues.auth_seq_id 
_pdbx_unobs_or_zero_occ_residues.PDB_ins_code 
_pdbx_unobs_or_zero_occ_residues.label_asym_id 
_pdbx_unobs_or_zero_occ_residues.label_comp_id 
_pdbx_unobs_or_zero_occ_residues.label_seq_id 
1 1 Y 1 A MET 80  ? A MET 1   
2 1 Y 1 A LEU 81  ? A LEU 2   
3 1 Y 1 A THR 82  ? A THR 3   
4 1 Y 1 A PRO 83  ? A PRO 4   
5 1 Y 1 A GLY 84  ? A GLY 5   
6 1 Y 0 A ASN 85  ? A ASN 6   
7 1 Y 0 A ASN 226 ? A ASN 147 
# 
loop_
_chem_comp_atom.comp_id 
_chem_comp_atom.atom_id 
_chem_comp_atom.type_symbol 
_chem_comp_atom.pdbx_aromatic_flag 
_chem_comp_atom.pdbx_stereo_config 
_chem_comp_atom.pdbx_ordinal 
ALA N    N  N N 1   
ALA CA   C  N S 2   
ALA C    C  N N 3   
ALA O    O  N N 4   
ALA CB   C  N N 5   
ALA OXT  O  N N 6   
ALA H    H  N N 7   
ALA H2   H  N N 8   
ALA HA   H  N N 9   
ALA HB1  H  N N 10  
ALA HB2  H  N N 11  
ALA HB3  H  N N 12  
ALA HXT  H  N N 13  
ARG N    N  N N 14  
ARG CA   C  N S 15  
ARG C    C  N N 16  
ARG O    O  N N 17  
ARG CB   C  N N 18  
ARG CG   C  N N 19  
ARG CD   C  N N 20  
ARG NE   N  N N 21  
ARG CZ   C  N N 22  
ARG NH1  N  N N 23  
ARG NH2  N  N N 24  
ARG OXT  O  N N 25  
ARG H    H  N N 26  
ARG H2   H  N N 27  
ARG HA   H  N N 28  
ARG HB2  H  N N 29  
ARG HB3  H  N N 30  
ARG HG2  H  N N 31  
ARG HG3  H  N N 32  
ARG HD2  H  N N 33  
ARG HD3  H  N N 34  
ARG HE   H  N N 35  
ARG HH11 H  N N 36  
ARG HH12 H  N N 37  
ARG HH21 H  N N 38  
ARG HH22 H  N N 39  
ARG HXT  H  N N 40  
ASN N    N  N N 41  
ASN CA   C  N S 42  
ASN C    C  N N 43  
ASN O    O  N N 44  
ASN CB   C  N N 45  
ASN CG   C  N N 46  
ASN OD1  O  N N 47  
ASN ND2  N  N N 48  
ASN OXT  O  N N 49  
ASN H    H  N N 50  
ASN H2   H  N N 51  
ASN HA   H  N N 52  
ASN HB2  H  N N 53  
ASN HB3  H  N N 54  
ASN HD21 H  N N 55  
ASN HD22 H  N N 56  
ASN HXT  H  N N 57  
ASP N    N  N N 58  
ASP CA   C  N S 59  
ASP C    C  N N 60  
ASP O    O  N N 61  
ASP CB   C  N N 62  
ASP CG   C  N N 63  
ASP OD1  O  N N 64  
ASP OD2  O  N N 65  
ASP OXT  O  N N 66  
ASP H    H  N N 67  
ASP H2   H  N N 68  
ASP HA   H  N N 69  
ASP HB2  H  N N 70  
ASP HB3  H  N N 71  
ASP HD2  H  N N 72  
ASP HXT  H  N N 73  
BBT N1   N  N N 74  
BBT C2   C  N N 75  
BBT O2   O  N N 76  
BBT N3   N  N N 77  
BBT C4   C  N N 78  
BBT O4   O  N N 79  
BBT C5   C  N R 80  
BBT C6   C  N N 81  
BBT O6   O  N N 82  
BBT NP1  N  N N 83  
BBT CP2  C  N N 84  
BBT CP3  C  N N 85  
BBT CP4  C  N N 86  
BBT CP5  C  N N 87  
BBT CP6  C  N N 88  
BBT CP7  C  N N 89  
BBT CP8  C  N N 90  
BBT OP9  O  N N 91  
BBT CG   C  Y N 92  
BBT CD1  C  Y N 93  
BBT CD2  C  Y N 94  
BBT CE1  C  Y N 95  
BBT CE2  C  Y N 96  
BBT CZ   C  Y N 97  
BBT HO2  H  N N 98  
BBT H3   H  N N 99  
BBT HP21 H  N N 100 
BBT HP22 H  N N 101 
BBT HP31 H  N N 102 
BBT HP32 H  N N 103 
BBT HP4  H  N N 104 
BBT HP51 H  N N 105 
BBT HP52 H  N N 106 
BBT HP61 H  N N 107 
BBT HP62 H  N N 108 
BBT HP71 H  N N 109 
BBT HP72 H  N N 110 
BBT HP81 H  N N 111 
BBT HP82 H  N N 112 
BBT HO9  H  N N 113 
BBT HD1  H  N N 114 
BBT HD2  H  N N 115 
BBT HE1  H  N N 116 
BBT HE2  H  N N 117 
BBT HZ   H  N N 118 
CA  CA   CA N N 119 
GLN N    N  N N 120 
GLN CA   C  N S 121 
GLN C    C  N N 122 
GLN O    O  N N 123 
GLN CB   C  N N 124 
GLN CG   C  N N 125 
GLN CD   C  N N 126 
GLN OE1  O  N N 127 
GLN NE2  N  N N 128 
GLN OXT  O  N N 129 
GLN H    H  N N 130 
GLN H2   H  N N 131 
GLN HA   H  N N 132 
GLN HB2  H  N N 133 
GLN HB3  H  N N 134 
GLN HG2  H  N N 135 
GLN HG3  H  N N 136 
GLN HE21 H  N N 137 
GLN HE22 H  N N 138 
GLN HXT  H  N N 139 
GLU N    N  N N 140 
GLU CA   C  N S 141 
GLU C    C  N N 142 
GLU O    O  N N 143 
GLU CB   C  N N 144 
GLU CG   C  N N 145 
GLU CD   C  N N 146 
GLU OE1  O  N N 147 
GLU OE2  O  N N 148 
GLU OXT  O  N N 149 
GLU H    H  N N 150 
GLU H2   H  N N 151 
GLU HA   H  N N 152 
GLU HB2  H  N N 153 
GLU HB3  H  N N 154 
GLU HG2  H  N N 155 
GLU HG3  H  N N 156 
GLU HE2  H  N N 157 
GLU HXT  H  N N 158 
GLY N    N  N N 159 
GLY CA   C  N N 160 
GLY C    C  N N 161 
GLY O    O  N N 162 
GLY OXT  O  N N 163 
GLY H    H  N N 164 
GLY H2   H  N N 165 
GLY HA2  H  N N 166 
GLY HA3  H  N N 167 
GLY HXT  H  N N 168 
HIS N    N  N N 169 
HIS CA   C  N S 170 
HIS C    C  N N 171 
HIS O    O  N N 172 
HIS CB   C  N N 173 
HIS CG   C  Y N 174 
HIS ND1  N  Y N 175 
HIS CD2  C  Y N 176 
HIS CE1  C  Y N 177 
HIS NE2  N  Y N 178 
HIS OXT  O  N N 179 
HIS H    H  N N 180 
HIS H2   H  N N 181 
HIS HA   H  N N 182 
HIS HB2  H  N N 183 
HIS HB3  H  N N 184 
HIS HD1  H  N N 185 
HIS HD2  H  N N 186 
HIS HE1  H  N N 187 
HIS HE2  H  N N 188 
HIS HXT  H  N N 189 
HOH O    O  N N 190 
HOH H1   H  N N 191 
HOH H2   H  N N 192 
ILE N    N  N N 193 
ILE CA   C  N S 194 
ILE C    C  N N 195 
ILE O    O  N N 196 
ILE CB   C  N S 197 
ILE CG1  C  N N 198 
ILE CG2  C  N N 199 
ILE CD1  C  N N 200 
ILE OXT  O  N N 201 
ILE H    H  N N 202 
ILE H2   H  N N 203 
ILE HA   H  N N 204 
ILE HB   H  N N 205 
ILE HG12 H  N N 206 
ILE HG13 H  N N 207 
ILE HG21 H  N N 208 
ILE HG22 H  N N 209 
ILE HG23 H  N N 210 
ILE HD11 H  N N 211 
ILE HD12 H  N N 212 
ILE HD13 H  N N 213 
ILE HXT  H  N N 214 
LEU N    N  N N 215 
LEU CA   C  N S 216 
LEU C    C  N N 217 
LEU O    O  N N 218 
LEU CB   C  N N 219 
LEU CG   C  N N 220 
LEU CD1  C  N N 221 
LEU CD2  C  N N 222 
LEU OXT  O  N N 223 
LEU H    H  N N 224 
LEU H2   H  N N 225 
LEU HA   H  N N 226 
LEU HB2  H  N N 227 
LEU HB3  H  N N 228 
LEU HG   H  N N 229 
LEU HD11 H  N N 230 
LEU HD12 H  N N 231 
LEU HD13 H  N N 232 
LEU HD21 H  N N 233 
LEU HD22 H  N N 234 
LEU HD23 H  N N 235 
LEU HXT  H  N N 236 
LYS N    N  N N 237 
LYS CA   C  N S 238 
LYS C    C  N N 239 
LYS O    O  N N 240 
LYS CB   C  N N 241 
LYS CG   C  N N 242 
LYS CD   C  N N 243 
LYS CE   C  N N 244 
LYS NZ   N  N N 245 
LYS OXT  O  N N 246 
LYS H    H  N N 247 
LYS H2   H  N N 248 
LYS HA   H  N N 249 
LYS HB2  H  N N 250 
LYS HB3  H  N N 251 
LYS HG2  H  N N 252 
LYS HG3  H  N N 253 
LYS HD2  H  N N 254 
LYS HD3  H  N N 255 
LYS HE2  H  N N 256 
LYS HE3  H  N N 257 
LYS HZ1  H  N N 258 
LYS HZ2  H  N N 259 
LYS HZ3  H  N N 260 
LYS HXT  H  N N 261 
MET N    N  N N 262 
MET CA   C  N S 263 
MET C    C  N N 264 
MET O    O  N N 265 
MET CB   C  N N 266 
MET CG   C  N N 267 
MET SD   S  N N 268 
MET CE   C  N N 269 
MET OXT  O  N N 270 
MET H    H  N N 271 
MET H2   H  N N 272 
MET HA   H  N N 273 
MET HB2  H  N N 274 
MET HB3  H  N N 275 
MET HG2  H  N N 276 
MET HG3  H  N N 277 
MET HE1  H  N N 278 
MET HE2  H  N N 279 
MET HE3  H  N N 280 
MET HXT  H  N N 281 
PHE N    N  N N 282 
PHE CA   C  N S 283 
PHE C    C  N N 284 
PHE O    O  N N 285 
PHE CB   C  N N 286 
PHE CG   C  Y N 287 
PHE CD1  C  Y N 288 
PHE CD2  C  Y N 289 
PHE CE1  C  Y N 290 
PHE CE2  C  Y N 291 
PHE CZ   C  Y N 292 
PHE OXT  O  N N 293 
PHE H    H  N N 294 
PHE H2   H  N N 295 
PHE HA   H  N N 296 
PHE HB2  H  N N 297 
PHE HB3  H  N N 298 
PHE HD1  H  N N 299 
PHE HD2  H  N N 300 
PHE HE1  H  N N 301 
PHE HE2  H  N N 302 
PHE HZ   H  N N 303 
PHE HXT  H  N N 304 
PRO N    N  N N 305 
PRO CA   C  N S 306 
PRO C    C  N N 307 
PRO O    O  N N 308 
PRO CB   C  N N 309 
PRO CG   C  N N 310 
PRO CD   C  N N 311 
PRO OXT  O  N N 312 
PRO H    H  N N 313 
PRO HA   H  N N 314 
PRO HB2  H  N N 315 
PRO HB3  H  N N 316 
PRO HG2  H  N N 317 
PRO HG3  H  N N 318 
PRO HD2  H  N N 319 
PRO HD3  H  N N 320 
PRO HXT  H  N N 321 
SER N    N  N N 322 
SER CA   C  N S 323 
SER C    C  N N 324 
SER O    O  N N 325 
SER CB   C  N N 326 
SER OG   O  N N 327 
SER OXT  O  N N 328 
SER H    H  N N 329 
SER H2   H  N N 330 
SER HA   H  N N 331 
SER HB2  H  N N 332 
SER HB3  H  N N 333 
SER HG   H  N N 334 
SER HXT  H  N N 335 
THR N    N  N N 336 
THR CA   C  N S 337 
THR C    C  N N 338 
THR O    O  N N 339 
THR CB   C  N R 340 
THR OG1  O  N N 341 
THR CG2  C  N N 342 
THR OXT  O  N N 343 
THR H    H  N N 344 
THR H2   H  N N 345 
THR HA   H  N N 346 
THR HB   H  N N 347 
THR HG1  H  N N 348 
THR HG21 H  N N 349 
THR HG22 H  N N 350 
THR HG23 H  N N 351 
THR HXT  H  N N 352 
TRP N    N  N N 353 
TRP CA   C  N S 354 
TRP C    C  N N 355 
TRP O    O  N N 356 
TRP CB   C  N N 357 
TRP CG   C  Y N 358 
TRP CD1  C  Y N 359 
TRP CD2  C  Y N 360 
TRP NE1  N  Y N 361 
TRP CE2  C  Y N 362 
TRP CE3  C  Y N 363 
TRP CZ2  C  Y N 364 
TRP CZ3  C  Y N 365 
TRP CH2  C  Y N 366 
TRP OXT  O  N N 367 
TRP H    H  N N 368 
TRP H2   H  N N 369 
TRP HA   H  N N 370 
TRP HB2  H  N N 371 
TRP HB3  H  N N 372 
TRP HD1  H  N N 373 
TRP HE1  H  N N 374 
TRP HE3  H  N N 375 
TRP HZ2  H  N N 376 
TRP HZ3  H  N N 377 
TRP HH2  H  N N 378 
TRP HXT  H  N N 379 
TYR N    N  N N 380 
TYR CA   C  N S 381 
TYR C    C  N N 382 
TYR O    O  N N 383 
TYR CB   C  N N 384 
TYR CG   C  Y N 385 
TYR CD1  C  Y N 386 
TYR CD2  C  Y N 387 
TYR CE1  C  Y N 388 
TYR CE2  C  Y N 389 
TYR CZ   C  Y N 390 
TYR OH   O  N N 391 
TYR OXT  O  N N 392 
TYR H    H  N N 393 
TYR H2   H  N N 394 
TYR HA   H  N N 395 
TYR HB2  H  N N 396 
TYR HB3  H  N N 397 
TYR HD1  H  N N 398 
TYR HD2  H  N N 399 
TYR HE1  H  N N 400 
TYR HE2  H  N N 401 
TYR HH   H  N N 402 
TYR HXT  H  N N 403 
VAL N    N  N N 404 
VAL CA   C  N S 405 
VAL C    C  N N 406 
VAL O    O  N N 407 
VAL CB   C  N N 408 
VAL CG1  C  N N 409 
VAL CG2  C  N N 410 
VAL OXT  O  N N 411 
VAL H    H  N N 412 
VAL H2   H  N N 413 
VAL HA   H  N N 414 
VAL HB   H  N N 415 
VAL HG11 H  N N 416 
VAL HG12 H  N N 417 
VAL HG13 H  N N 418 
VAL HG21 H  N N 419 
VAL HG22 H  N N 420 
VAL HG23 H  N N 421 
VAL HXT  H  N N 422 
ZN  ZN   ZN N N 423 
# 
loop_
_chem_comp_bond.comp_id 
_chem_comp_bond.atom_id_1 
_chem_comp_bond.atom_id_2 
_chem_comp_bond.value_order 
_chem_comp_bond.pdbx_aromatic_flag 
_chem_comp_bond.pdbx_stereo_config 
_chem_comp_bond.pdbx_ordinal 
ALA N   CA   sing N N 1   
ALA N   H    sing N N 2   
ALA N   H2   sing N N 3   
ALA CA  C    sing N N 4   
ALA CA  CB   sing N N 5   
ALA CA  HA   sing N N 6   
ALA C   O    doub N N 7   
ALA C   OXT  sing N N 8   
ALA CB  HB1  sing N N 9   
ALA CB  HB2  sing N N 10  
ALA CB  HB3  sing N N 11  
ALA OXT HXT  sing N N 12  
ARG N   CA   sing N N 13  
ARG N   H    sing N N 14  
ARG N   H2   sing N N 15  
ARG CA  C    sing N N 16  
ARG CA  CB   sing N N 17  
ARG CA  HA   sing N N 18  
ARG C   O    doub N N 19  
ARG C   OXT  sing N N 20  
ARG CB  CG   sing N N 21  
ARG CB  HB2  sing N N 22  
ARG CB  HB3  sing N N 23  
ARG CG  CD   sing N N 24  
ARG CG  HG2  sing N N 25  
ARG CG  HG3  sing N N 26  
ARG CD  NE   sing N N 27  
ARG CD  HD2  sing N N 28  
ARG CD  HD3  sing N N 29  
ARG NE  CZ   sing N N 30  
ARG NE  HE   sing N N 31  
ARG CZ  NH1  sing N N 32  
ARG CZ  NH2  doub N N 33  
ARG NH1 HH11 sing N N 34  
ARG NH1 HH12 sing N N 35  
ARG NH2 HH21 sing N N 36  
ARG NH2 HH22 sing N N 37  
ARG OXT HXT  sing N N 38  
ASN N   CA   sing N N 39  
ASN N   H    sing N N 40  
ASN N   H2   sing N N 41  
ASN CA  C    sing N N 42  
ASN CA  CB   sing N N 43  
ASN CA  HA   sing N N 44  
ASN C   O    doub N N 45  
ASN C   OXT  sing N N 46  
ASN CB  CG   sing N N 47  
ASN CB  HB2  sing N N 48  
ASN CB  HB3  sing N N 49  
ASN CG  OD1  doub N N 50  
ASN CG  ND2  sing N N 51  
ASN ND2 HD21 sing N N 52  
ASN ND2 HD22 sing N N 53  
ASN OXT HXT  sing N N 54  
ASP N   CA   sing N N 55  
ASP N   H    sing N N 56  
ASP N   H2   sing N N 57  
ASP CA  C    sing N N 58  
ASP CA  CB   sing N N 59  
ASP CA  HA   sing N N 60  
ASP C   O    doub N N 61  
ASP C   OXT  sing N N 62  
ASP CB  CG   sing N N 63  
ASP CB  HB2  sing N N 64  
ASP CB  HB3  sing N N 65  
ASP CG  OD1  doub N N 66  
ASP CG  OD2  sing N N 67  
ASP OD2 HD2  sing N N 68  
ASP OXT HXT  sing N N 69  
BBT N1  C2   doub N N 70  
BBT N1  C6   sing N N 71  
BBT C2  O2   sing N N 72  
BBT C2  N3   sing N N 73  
BBT O2  HO2  sing N N 74  
BBT N3  C4   sing N N 75  
BBT N3  H3   sing N N 76  
BBT C4  O4   doub N N 77  
BBT C4  C5   sing N N 78  
BBT C5  C6   sing N N 79  
BBT C5  NP1  sing N N 80  
BBT C5  CG   sing N N 81  
BBT C6  O6   doub N N 82  
BBT NP1 CP2  sing N N 83  
BBT NP1 CP6  sing N N 84  
BBT CP2 CP3  sing N N 85  
BBT CP2 HP21 sing N N 86  
BBT CP2 HP22 sing N N 87  
BBT CP3 CP4  sing N N 88  
BBT CP3 HP31 sing N N 89  
BBT CP3 HP32 sing N N 90  
BBT CP4 CP5  sing N N 91  
BBT CP4 CP7  sing N N 92  
BBT CP4 HP4  sing N N 93  
BBT CP5 CP6  sing N N 94  
BBT CP5 HP51 sing N N 95  
BBT CP5 HP52 sing N N 96  
BBT CP6 HP61 sing N N 97  
BBT CP6 HP62 sing N N 98  
BBT CP7 CP8  sing N N 99  
BBT CP7 HP71 sing N N 100 
BBT CP7 HP72 sing N N 101 
BBT CP8 OP9  sing N N 102 
BBT CP8 HP81 sing N N 103 
BBT CP8 HP82 sing N N 104 
BBT OP9 HO9  sing N N 105 
BBT CG  CD1  doub Y N 106 
BBT CG  CD2  sing Y N 107 
BBT CD1 CE1  sing Y N 108 
BBT CD1 HD1  sing N N 109 
BBT CD2 CE2  doub Y N 110 
BBT CD2 HD2  sing N N 111 
BBT CE1 CZ   doub Y N 112 
BBT CE1 HE1  sing N N 113 
BBT CE2 CZ   sing Y N 114 
BBT CE2 HE2  sing N N 115 
BBT CZ  HZ   sing N N 116 
GLN N   CA   sing N N 117 
GLN N   H    sing N N 118 
GLN N   H2   sing N N 119 
GLN CA  C    sing N N 120 
GLN CA  CB   sing N N 121 
GLN CA  HA   sing N N 122 
GLN C   O    doub N N 123 
GLN C   OXT  sing N N 124 
GLN CB  CG   sing N N 125 
GLN CB  HB2  sing N N 126 
GLN CB  HB3  sing N N 127 
GLN CG  CD   sing N N 128 
GLN CG  HG2  sing N N 129 
GLN CG  HG3  sing N N 130 
GLN CD  OE1  doub N N 131 
GLN CD  NE2  sing N N 132 
GLN NE2 HE21 sing N N 133 
GLN NE2 HE22 sing N N 134 
GLN OXT HXT  sing N N 135 
GLU N   CA   sing N N 136 
GLU N   H    sing N N 137 
GLU N   H2   sing N N 138 
GLU CA  C    sing N N 139 
GLU CA  CB   sing N N 140 
GLU CA  HA   sing N N 141 
GLU C   O    doub N N 142 
GLU C   OXT  sing N N 143 
GLU CB  CG   sing N N 144 
GLU CB  HB2  sing N N 145 
GLU CB  HB3  sing N N 146 
GLU CG  CD   sing N N 147 
GLU CG  HG2  sing N N 148 
GLU CG  HG3  sing N N 149 
GLU CD  OE1  doub N N 150 
GLU CD  OE2  sing N N 151 
GLU OE2 HE2  sing N N 152 
GLU OXT HXT  sing N N 153 
GLY N   CA   sing N N 154 
GLY N   H    sing N N 155 
GLY N   H2   sing N N 156 
GLY CA  C    sing N N 157 
GLY CA  HA2  sing N N 158 
GLY CA  HA3  sing N N 159 
GLY C   O    doub N N 160 
GLY C   OXT  sing N N 161 
GLY OXT HXT  sing N N 162 
HIS N   CA   sing N N 163 
HIS N   H    sing N N 164 
HIS N   H2   sing N N 165 
HIS CA  C    sing N N 166 
HIS CA  CB   sing N N 167 
HIS CA  HA   sing N N 168 
HIS C   O    doub N N 169 
HIS C   OXT  sing N N 170 
HIS CB  CG   sing N N 171 
HIS CB  HB2  sing N N 172 
HIS CB  HB3  sing N N 173 
HIS CG  ND1  sing Y N 174 
HIS CG  CD2  doub Y N 175 
HIS ND1 CE1  doub Y N 176 
HIS ND1 HD1  sing N N 177 
HIS CD2 NE2  sing Y N 178 
HIS CD2 HD2  sing N N 179 
HIS CE1 NE2  sing Y N 180 
HIS CE1 HE1  sing N N 181 
HIS NE2 HE2  sing N N 182 
HIS OXT HXT  sing N N 183 
HOH O   H1   sing N N 184 
HOH O   H2   sing N N 185 
ILE N   CA   sing N N 186 
ILE N   H    sing N N 187 
ILE N   H2   sing N N 188 
ILE CA  C    sing N N 189 
ILE CA  CB   sing N N 190 
ILE CA  HA   sing N N 191 
ILE C   O    doub N N 192 
ILE C   OXT  sing N N 193 
ILE CB  CG1  sing N N 194 
ILE CB  CG2  sing N N 195 
ILE CB  HB   sing N N 196 
ILE CG1 CD1  sing N N 197 
ILE CG1 HG12 sing N N 198 
ILE CG1 HG13 sing N N 199 
ILE CG2 HG21 sing N N 200 
ILE CG2 HG22 sing N N 201 
ILE CG2 HG23 sing N N 202 
ILE CD1 HD11 sing N N 203 
ILE CD1 HD12 sing N N 204 
ILE CD1 HD13 sing N N 205 
ILE OXT HXT  sing N N 206 
LEU N   CA   sing N N 207 
LEU N   H    sing N N 208 
LEU N   H2   sing N N 209 
LEU CA  C    sing N N 210 
LEU CA  CB   sing N N 211 
LEU CA  HA   sing N N 212 
LEU C   O    doub N N 213 
LEU C   OXT  sing N N 214 
LEU CB  CG   sing N N 215 
LEU CB  HB2  sing N N 216 
LEU CB  HB3  sing N N 217 
LEU CG  CD1  sing N N 218 
LEU CG  CD2  sing N N 219 
LEU CG  HG   sing N N 220 
LEU CD1 HD11 sing N N 221 
LEU CD1 HD12 sing N N 222 
LEU CD1 HD13 sing N N 223 
LEU CD2 HD21 sing N N 224 
LEU CD2 HD22 sing N N 225 
LEU CD2 HD23 sing N N 226 
LEU OXT HXT  sing N N 227 
LYS N   CA   sing N N 228 
LYS N   H    sing N N 229 
LYS N   H2   sing N N 230 
LYS CA  C    sing N N 231 
LYS CA  CB   sing N N 232 
LYS CA  HA   sing N N 233 
LYS C   O    doub N N 234 
LYS C   OXT  sing N N 235 
LYS CB  CG   sing N N 236 
LYS CB  HB2  sing N N 237 
LYS CB  HB3  sing N N 238 
LYS CG  CD   sing N N 239 
LYS CG  HG2  sing N N 240 
LYS CG  HG3  sing N N 241 
LYS CD  CE   sing N N 242 
LYS CD  HD2  sing N N 243 
LYS CD  HD3  sing N N 244 
LYS CE  NZ   sing N N 245 
LYS CE  HE2  sing N N 246 
LYS CE  HE3  sing N N 247 
LYS NZ  HZ1  sing N N 248 
LYS NZ  HZ2  sing N N 249 
LYS NZ  HZ3  sing N N 250 
LYS OXT HXT  sing N N 251 
MET N   CA   sing N N 252 
MET N   H    sing N N 253 
MET N   H2   sing N N 254 
MET CA  C    sing N N 255 
MET CA  CB   sing N N 256 
MET CA  HA   sing N N 257 
MET C   O    doub N N 258 
MET C   OXT  sing N N 259 
MET CB  CG   sing N N 260 
MET CB  HB2  sing N N 261 
MET CB  HB3  sing N N 262 
MET CG  SD   sing N N 263 
MET CG  HG2  sing N N 264 
MET CG  HG3  sing N N 265 
MET SD  CE   sing N N 266 
MET CE  HE1  sing N N 267 
MET CE  HE2  sing N N 268 
MET CE  HE3  sing N N 269 
MET OXT HXT  sing N N 270 
PHE N   CA   sing N N 271 
PHE N   H    sing N N 272 
PHE N   H2   sing N N 273 
PHE CA  C    sing N N 274 
PHE CA  CB   sing N N 275 
PHE CA  HA   sing N N 276 
PHE C   O    doub N N 277 
PHE C   OXT  sing N N 278 
PHE CB  CG   sing N N 279 
PHE CB  HB2  sing N N 280 
PHE CB  HB3  sing N N 281 
PHE CG  CD1  doub Y N 282 
PHE CG  CD2  sing Y N 283 
PHE CD1 CE1  sing Y N 284 
PHE CD1 HD1  sing N N 285 
PHE CD2 CE2  doub Y N 286 
PHE CD2 HD2  sing N N 287 
PHE CE1 CZ   doub Y N 288 
PHE CE1 HE1  sing N N 289 
PHE CE2 CZ   sing Y N 290 
PHE CE2 HE2  sing N N 291 
PHE CZ  HZ   sing N N 292 
PHE OXT HXT  sing N N 293 
PRO N   CA   sing N N 294 
PRO N   CD   sing N N 295 
PRO N   H    sing N N 296 
PRO CA  C    sing N N 297 
PRO CA  CB   sing N N 298 
PRO CA  HA   sing N N 299 
PRO C   O    doub N N 300 
PRO C   OXT  sing N N 301 
PRO CB  CG   sing N N 302 
PRO CB  HB2  sing N N 303 
PRO CB  HB3  sing N N 304 
PRO CG  CD   sing N N 305 
PRO CG  HG2  sing N N 306 
PRO CG  HG3  sing N N 307 
PRO CD  HD2  sing N N 308 
PRO CD  HD3  sing N N 309 
PRO OXT HXT  sing N N 310 
SER N   CA   sing N N 311 
SER N   H    sing N N 312 
SER N   H2   sing N N 313 
SER CA  C    sing N N 314 
SER CA  CB   sing N N 315 
SER CA  HA   sing N N 316 
SER C   O    doub N N 317 
SER C   OXT  sing N N 318 
SER CB  OG   sing N N 319 
SER CB  HB2  sing N N 320 
SER CB  HB3  sing N N 321 
SER OG  HG   sing N N 322 
SER OXT HXT  sing N N 323 
THR N   CA   sing N N 324 
THR N   H    sing N N 325 
THR N   H2   sing N N 326 
THR CA  C    sing N N 327 
THR CA  CB   sing N N 328 
THR CA  HA   sing N N 329 
THR C   O    doub N N 330 
THR C   OXT  sing N N 331 
THR CB  OG1  sing N N 332 
THR CB  CG2  sing N N 333 
THR CB  HB   sing N N 334 
THR OG1 HG1  sing N N 335 
THR CG2 HG21 sing N N 336 
THR CG2 HG22 sing N N 337 
THR CG2 HG23 sing N N 338 
THR OXT HXT  sing N N 339 
TRP N   CA   sing N N 340 
TRP N   H    sing N N 341 
TRP N   H2   sing N N 342 
TRP CA  C    sing N N 343 
TRP CA  CB   sing N N 344 
TRP CA  HA   sing N N 345 
TRP C   O    doub N N 346 
TRP C   OXT  sing N N 347 
TRP CB  CG   sing N N 348 
TRP CB  HB2  sing N N 349 
TRP CB  HB3  sing N N 350 
TRP CG  CD1  doub Y N 351 
TRP CG  CD2  sing Y N 352 
TRP CD1 NE1  sing Y N 353 
TRP CD1 HD1  sing N N 354 
TRP CD2 CE2  doub Y N 355 
TRP CD2 CE3  sing Y N 356 
TRP NE1 CE2  sing Y N 357 
TRP NE1 HE1  sing N N 358 
TRP CE2 CZ2  sing Y N 359 
TRP CE3 CZ3  doub Y N 360 
TRP CE3 HE3  sing N N 361 
TRP CZ2 CH2  doub Y N 362 
TRP CZ2 HZ2  sing N N 363 
TRP CZ3 CH2  sing Y N 364 
TRP CZ3 HZ3  sing N N 365 
TRP CH2 HH2  sing N N 366 
TRP OXT HXT  sing N N 367 
TYR N   CA   sing N N 368 
TYR N   H    sing N N 369 
TYR N   H2   sing N N 370 
TYR CA  C    sing N N 371 
TYR CA  CB   sing N N 372 
TYR CA  HA   sing N N 373 
TYR C   O    doub N N 374 
TYR C   OXT  sing N N 375 
TYR CB  CG   sing N N 376 
TYR CB  HB2  sing N N 377 
TYR CB  HB3  sing N N 378 
TYR CG  CD1  doub Y N 379 
TYR CG  CD2  sing Y N 380 
TYR CD1 CE1  sing Y N 381 
TYR CD1 HD1  sing N N 382 
TYR CD2 CE2  doub Y N 383 
TYR CD2 HD2  sing N N 384 
TYR CE1 CZ   doub Y N 385 
TYR CE1 HE1  sing N N 386 
TYR CE2 CZ   sing Y N 387 
TYR CE2 HE2  sing N N 388 
TYR CZ  OH   sing N N 389 
TYR OH  HH   sing N N 390 
TYR OXT HXT  sing N N 391 
VAL N   CA   sing N N 392 
VAL N   H    sing N N 393 
VAL N   H2   sing N N 394 
VAL CA  C    sing N N 395 
VAL CA  CB   sing N N 396 
VAL CA  HA   sing N N 397 
VAL C   O    doub N N 398 
VAL C   OXT  sing N N 399 
VAL CB  CG1  sing N N 400 
VAL CB  CG2  sing N N 401 
VAL CB  HB   sing N N 402 
VAL CG1 HG11 sing N N 403 
VAL CG1 HG12 sing N N 404 
VAL CG1 HG13 sing N N 405 
VAL CG2 HG21 sing N N 406 
VAL CG2 HG22 sing N N 407 
VAL CG2 HG23 sing N N 408 
VAL OXT HXT  sing N N 409 
# 
_atom_sites.entry_id                    1JJ9 
_atom_sites.fract_transf_matrix[1][1]   -0.00805004 
_atom_sites.fract_transf_matrix[1][2]   0.00249466 
_atom_sites.fract_transf_matrix[1][3]   -0.01405489 
_atom_sites.fract_transf_matrix[2][1]   -0.01147957 
_atom_sites.fract_transf_matrix[2][2]   -0.00695369 
_atom_sites.fract_transf_matrix[2][3]   0.00534077 
_atom_sites.fract_transf_matrix[3][1]   -0.00403036 
_atom_sites.fract_transf_matrix[3][2]   0.00975660 
_atom_sites.fract_transf_matrix[3][3]   0.00404016 
_atom_sites.fract_transf_vector[1]      0.243600 
_atom_sites.fract_transf_vector[2]      0.390349 
_atom_sites.fract_transf_vector[3]      0.290302 
# 
loop_
_atom_type.symbol 
C  
CA 
N  
O  
S  
ZN 
# 
loop_
_atom_site.group_PDB 
_atom_site.id 
_atom_site.type_symbol 
_atom_site.label_atom_id 
_atom_site.label_alt_id 
_atom_site.label_comp_id 
_atom_site.label_asym_id 
_atom_site.label_entity_id 
_atom_site.label_seq_id 
_atom_site.pdbx_PDB_ins_code 
_atom_site.Cartn_x 
_atom_site.Cartn_y 
_atom_site.Cartn_z 
_atom_site.occupancy 
_atom_site.B_iso_or_equiv 
_atom_site.pdbx_formal_charge 
_atom_site.auth_seq_id 
_atom_site.auth_comp_id 
_atom_site.auth_asym_id 
_atom_site.auth_atom_id 
_atom_site.pdbx_PDB_model_num 
ATOM   1    N  N   . ASN A 1 6   ? -2.407  -15.553 -12.107 0.00 35.62 ? 85   ASN A N   1 
ATOM   2    C  CA  . ASN A 1 6   ? -2.520  -15.106 -10.693 0.00 35.61 ? 85   ASN A CA  1 
ATOM   3    C  C   . ASN A 1 6   ? -1.138  -14.941 -10.079 0.00 35.49 ? 85   ASN A C   1 
ATOM   4    O  O   . ASN A 1 6   ? -0.591  -15.888 -9.514  0.00 35.56 ? 85   ASN A O   1 
ATOM   5    C  CB  . ASN A 1 6   ? -3.333  -16.117 -9.872  0.00 35.71 ? 85   ASN A CB  1 
ATOM   6    C  CG  . ASN A 1 6   ? -3.320  -15.809 -8.382  0.00 35.78 ? 85   ASN A CG  1 
ATOM   7    O  OD1 . ASN A 1 6   ? -3.447  -14.657 -7.977  0.00 35.84 ? 85   ASN A OD1 1 
ATOM   8    N  ND2 . ASN A 1 6   ? -3.157  -16.841 -7.563  0.00 35.84 ? 85   ASN A ND2 1 
ATOM   9    N  N   . PRO A 1 7   ? -0.498  -13.783 -10.303 1.00 35.45 ? 86   PRO A N   1 
ATOM   10   C  CA  . PRO A 1 7   ? 0.831   -13.584 -9.717  1.00 35.01 ? 86   PRO A CA  1 
ATOM   11   C  C   . PRO A 1 7   ? 0.687   -13.464 -8.191  1.00 34.11 ? 86   PRO A C   1 
ATOM   12   O  O   . PRO A 1 7   ? -0.116  -12.667 -7.692  1.00 34.48 ? 86   PRO A O   1 
ATOM   13   C  CB  . PRO A 1 7   ? 1.292   -12.256 -10.350 1.00 35.36 ? 86   PRO A CB  1 
ATOM   14   C  CG  . PRO A 1 7   ? 0.496   -12.174 -11.636 1.00 35.44 ? 86   PRO A CG  1 
ATOM   15   C  CD  . PRO A 1 7   ? -0.859  -12.663 -11.193 1.00 35.39 ? 86   PRO A CD  1 
ATOM   16   N  N   . LYS A 1 8   ? 1.426   -14.280 -7.452  1.00 32.87 ? 87   LYS A N   1 
ATOM   17   C  CA  . LYS A 1 8   ? 1.339   -14.223 -6.006  1.00 31.91 ? 87   LYS A CA  1 
ATOM   18   C  C   . LYS A 1 8   ? 2.678   -14.579 -5.391  1.00 31.02 ? 87   LYS A C   1 
ATOM   19   O  O   . LYS A 1 8   ? 3.530   -15.192 -6.029  1.00 30.35 ? 87   LYS A O   1 
ATOM   20   C  CB  . LYS A 1 8   ? 0.266   -15.187 -5.501  1.00 32.23 ? 87   LYS A CB  1 
ATOM   21   C  CG  . LYS A 1 8   ? 0.701   -16.640 -5.438  1.00 32.69 ? 87   LYS A CG  1 
ATOM   22   C  CD  . LYS A 1 8   ? -0.484  -17.540 -5.131  1.00 34.11 ? 87   LYS A CD  1 
ATOM   23   C  CE  . LYS A 1 8   ? -0.243  -18.398 -3.898  1.00 34.93 ? 87   LYS A CE  1 
ATOM   24   N  NZ  . LYS A 1 8   ? 0.957   -19.264 -4.025  1.00 36.98 ? 87   LYS A NZ  1 
ATOM   25   N  N   . TRP A 1 9   ? 2.874   -14.164 -4.152  1.00 30.58 ? 88   TRP A N   1 
ATOM   26   C  CA  . TRP A 1 9   ? 4.105   -14.453 -3.455  1.00 30.42 ? 88   TRP A CA  1 
ATOM   27   C  C   . TRP A 1 9   ? 4.104   -15.938 -3.140  1.00 31.31 ? 88   TRP A C   1 
ATOM   28   O  O   . TRP A 1 9   ? 3.070   -16.523 -2.833  1.00 30.54 ? 88   TRP A O   1 
ATOM   29   C  CB  . TRP A 1 9   ? 4.197   -13.618 -2.184  1.00 29.18 ? 88   TRP A CB  1 
ATOM   30   C  CG  . TRP A 1 9   ? 4.295   -12.157 -2.493  1.00 28.69 ? 88   TRP A CG  1 
ATOM   31   C  CD1 . TRP A 1 9   ? 3.288   -11.233 -2.436  1.00 28.27 ? 88   TRP A CD1 1 
ATOM   32   C  CD2 . TRP A 1 9   ? 5.463   -11.455 -2.938  1.00 27.67 ? 88   TRP A CD2 1 
ATOM   33   N  NE1 . TRP A 1 9   ? 3.759   -9.999  -2.817  1.00 27.88 ? 88   TRP A NE1 1 
ATOM   34   C  CE2 . TRP A 1 9   ? 5.093   -10.105 -3.133  1.00 27.65 ? 88   TRP A CE2 1 
ATOM   35   C  CE3 . TRP A 1 9   ? 6.790   -11.830 -3.198  1.00 27.25 ? 88   TRP A CE3 1 
ATOM   36   C  CZ2 . TRP A 1 9   ? 5.999   -9.132  -3.569  1.00 27.30 ? 88   TRP A CZ2 1 
ATOM   37   C  CZ3 . TRP A 1 9   ? 7.692   -10.863 -3.635  1.00 26.52 ? 88   TRP A CZ3 1 
ATOM   38   C  CH2 . TRP A 1 9   ? 7.289   -9.532  -3.814  1.00 26.82 ? 88   TRP A CH2 1 
ATOM   39   N  N   . GLU A 1 10  ? 5.265   -16.555 -3.294  1.00 32.83 ? 89   GLU A N   1 
ATOM   40   C  CA  . GLU A 1 10  ? 5.437   -17.977 -3.036  1.00 34.69 ? 89   GLU A CA  1 
ATOM   41   C  C   . GLU A 1 10  ? 5.899   -18.173 -1.604  1.00 34.78 ? 89   GLU A C   1 
ATOM   42   O  O   . GLU A 1 10  ? 5.995   -19.306 -1.122  1.00 35.66 ? 89   GLU A O   1 
ATOM   43   C  CB  . GLU A 1 10  ? 6.524   -18.558 -3.943  1.00 36.81 ? 89   GLU A CB  1 
ATOM   44   C  CG  . GLU A 1 10  ? 6.426   -18.203 -5.420  1.00 40.39 ? 89   GLU A CG  1 
ATOM   45   C  CD  . GLU A 1 10  ? 5.189   -18.776 -6.107  1.00 42.85 ? 89   GLU A CD  1 
ATOM   46   O  OE1 . GLU A 1 10  ? 4.586   -18.047 -6.939  1.00 44.42 ? 89   GLU A OE1 1 
ATOM   47   O  OE2 . GLU A 1 10  ? 4.829   -19.954 -5.834  1.00 44.17 ? 89   GLU A OE2 1 
ATOM   48   N  N   . ARG A 1 11  ? 6.196   -17.070 -0.936  1.00 33.95 ? 90   ARG A N   1 
ATOM   49   C  CA  . ARG A 1 11  ? 6.669   -17.105 0.432   1.00 33.59 ? 90   ARG A CA  1 
ATOM   50   C  C   . ARG A 1 11  ? 5.679   -16.334 1.301   1.00 32.54 ? 90   ARG A C   1 
ATOM   51   O  O   . ARG A 1 11  ? 5.007   -15.427 0.796   1.00 32.50 ? 90   ARG A O   1 
ATOM   52   C  CB  . ARG A 1 11  ? 8.024   -16.415 0.438   1.00 35.50 ? 90   ARG A CB  1 
ATOM   53   C  CG  . ARG A 1 11  ? 8.972   -16.845 1.510   1.00 38.44 ? 90   ARG A CG  1 
ATOM   54   C  CD  . ARG A 1 11  ? 10.391  -16.421 1.135   1.00 40.78 ? 90   ARG A CD  1 
ATOM   55   N  NE  . ARG A 1 11  ? 10.551  -14.967 1.025   1.00 42.29 ? 90   ARG A NE  1 
ATOM   56   C  CZ  . ARG A 1 11  ? 10.539  -14.275 -0.115  1.00 42.60 ? 90   ARG A CZ  1 
ATOM   57   N  NH1 . ARG A 1 11  ? 10.367  -14.866 -1.297  1.00 43.23 ? 90   ARG A NH1 1 
ATOM   58   N  NH2 . ARG A 1 11  ? 10.710  -12.971 -0.070  1.00 42.89 ? 90   ARG A NH2 1 
ATOM   59   N  N   . THR A 1 12  ? 5.573   -16.678 2.586   1.00 30.75 ? 91   THR A N   1 
ATOM   60   C  CA  . THR A 1 12  ? 4.636   -15.949 3.452   1.00 29.28 ? 91   THR A CA  1 
ATOM   61   C  C   . THR A 1 12  ? 5.274   -14.842 4.283   1.00 27.47 ? 91   THR A C   1 
ATOM   62   O  O   . THR A 1 12  ? 4.557   -13.972 4.756   1.00 26.59 ? 91   THR A O   1 
ATOM   63   C  CB  . THR A 1 12  ? 3.758   -16.869 4.341   1.00 29.46 ? 91   THR A CB  1 
ATOM   64   O  OG1 . THR A 1 12  ? 4.586   -17.652 5.206   1.00 29.91 ? 91   THR A OG1 1 
ATOM   65   C  CG2 . THR A 1 12  ? 2.886   -17.767 3.474   1.00 29.56 ? 91   THR A CG2 1 
ATOM   66   N  N   . ASN A 1 13  ? 6.569   -14.934 4.591   1.00 26.45 ? 92   ASN A N   1 
ATOM   67   C  CA  . ASN A 1 13  ? 7.175   -13.850 5.361   1.00 26.07 ? 92   ASN A CA  1 
ATOM   68   C  C   . ASN A 1 13  ? 7.817   -12.974 4.305   1.00 24.08 ? 92   ASN A C   1 
ATOM   69   O  O   . ASN A 1 13  ? 8.659   -13.422 3.524   1.00 24.17 ? 92   ASN A O   1 
ATOM   70   C  CB  . ASN A 1 13  ? 8.256   -14.275 6.356   1.00 28.65 ? 92   ASN A CB  1 
ATOM   71   C  CG  . ASN A 1 13  ? 9.000   -13.042 6.993   1.00 31.58 ? 92   ASN A CG  1 
ATOM   72   O  OD1 . ASN A 1 13  ? 10.210  -13.111 7.249   1.00 34.36 ? 92   ASN A OD1 1 
ATOM   73   N  ND2 . ASN A 1 13  ? 8.292   -11.916 7.195   1.00 31.53 ? 92   ASN A ND2 1 
ATOM   74   N  N   . LEU A 1 14  ? 7.394   -11.728 4.270   1.00 21.76 ? 93   LEU A N   1 
ATOM   75   C  CA  . LEU A 1 14  ? 7.912   -10.783 3.319   1.00 19.44 ? 93   LEU A CA  1 
ATOM   76   C  C   . LEU A 1 14  ? 8.531   -9.636  4.084   1.00 17.74 ? 93   LEU A C   1 
ATOM   77   O  O   . LEU A 1 14  ? 8.218   -9.413  5.244   1.00 16.77 ? 93   LEU A O   1 
ATOM   78   C  CB  . LEU A 1 14  ? 6.776   -10.272 2.442   1.00 18.71 ? 93   LEU A CB  1 
ATOM   79   C  CG  . LEU A 1 14  ? 6.088   -11.376 1.661   1.00 18.06 ? 93   LEU A CG  1 
ATOM   80   C  CD1 . LEU A 1 14  ? 4.861   -10.801 1.000   1.00 18.58 ? 93   LEU A CD1 1 
ATOM   81   C  CD2 . LEU A 1 14  ? 7.054   -11.980 0.641   1.00 17.71 ? 93   LEU A CD2 1 
ATOM   82   N  N   . THR A 1 15  ? 9.442   -8.931  3.430   1.00 16.52 ? 94   THR A N   1 
ATOM   83   C  CA  . THR A 1 15  ? 10.104  -7.795  4.052   1.00 15.20 ? 94   THR A CA  1 
ATOM   84   C  C   . THR A 1 15  ? 9.717   -6.567  3.269   1.00 13.75 ? 94   THR A C   1 
ATOM   85   O  O   . THR A 1 15  ? 9.323   -6.652  2.112   1.00 13.17 ? 94   THR A O   1 
ATOM   86   C  CB  . THR A 1 15  ? 11.639  -7.915  3.999   1.00 15.10 ? 94   THR A CB  1 
ATOM   87   O  OG1 . THR A 1 15  ? 12.050  -8.240  2.665   1.00 15.32 ? 94   THR A OG1 1 
ATOM   88   C  CG2 . THR A 1 15  ? 12.121  -9.003  4.921   1.00 15.10 ? 94   THR A CG2 1 
ATOM   89   N  N   . TYR A 1 16  ? 9.766   -5.427  3.921   1.00 13.35 ? 95   TYR A N   1 
ATOM   90   C  CA  . TYR A 1 16  ? 9.432   -4.206  3.259   1.00 14.07 ? 95   TYR A CA  1 
ATOM   91   C  C   . TYR A 1 16  ? 10.435  -3.202  3.747   1.00 14.34 ? 95   TYR A C   1 
ATOM   92   O  O   . TYR A 1 16  ? 11.002  -3.351  4.825   1.00 13.84 ? 95   TYR A O   1 
ATOM   93   C  CB  . TYR A 1 16  ? 7.991   -3.765  3.527   1.00 14.22 ? 95   TYR A CB  1 
ATOM   94   C  CG  . TYR A 1 16  ? 7.659   -3.333  4.944   1.00 14.47 ? 95   TYR A CG  1 
ATOM   95   C  CD1 . TYR A 1 16  ? 7.149   -4.245  5.885   1.00 14.68 ? 95   TYR A CD1 1 
ATOM   96   C  CD2 . TYR A 1 16  ? 7.784   -1.997  5.325   1.00 14.27 ? 95   TYR A CD2 1 
ATOM   97   C  CE1 . TYR A 1 16  ? 6.764   -3.816  7.166   1.00 14.98 ? 95   TYR A CE1 1 
ATOM   98   C  CE2 . TYR A 1 16  ? 7.414   -1.563  6.593   1.00 14.33 ? 95   TYR A CE2 1 
ATOM   99   C  CZ  . TYR A 1 16  ? 6.904   -2.466  7.509   1.00 14.62 ? 95   TYR A CZ  1 
ATOM   100  O  OH  . TYR A 1 16  ? 6.539   -1.998  8.747   1.00 14.70 ? 95   TYR A OH  1 
ATOM   101  N  N   . ARG A 1 17  ? 10.676  -2.187  2.932   1.00 15.47 ? 96   ARG A N   1 
ATOM   102  C  CA  . ARG A 1 17  ? 11.621  -1.153  3.290   1.00 15.73 ? 96   ARG A CA  1 
ATOM   103  C  C   . ARG A 1 17  ? 11.125  0.222   2.867   1.00 16.01 ? 96   ARG A C   1 
ATOM   104  O  O   . ARG A 1 17  ? 10.724  0.397   1.725   1.00 16.83 ? 96   ARG A O   1 
ATOM   105  C  CB  . ARG A 1 17  ? 12.961  -1.457  2.634   1.00 17.00 ? 96   ARG A CB  1 
ATOM   106  C  CG  . ARG A 1 17  ? 14.009  -0.445  2.971   1.00 18.40 ? 96   ARG A CG  1 
ATOM   107  C  CD  . ARG A 1 17  ? 15.356  -0.867  2.471   1.00 20.21 ? 96   ARG A CD  1 
ATOM   108  N  NE  . ARG A 1 17  ? 16.299  0.230   2.653   1.00 21.61 ? 96   ARG A NE  1 
ATOM   109  C  CZ  . ARG A 1 17  ? 17.508  0.284   2.109   1.00 22.35 ? 96   ARG A CZ  1 
ATOM   110  N  NH1 . ARG A 1 17  ? 17.958  -0.724  1.364   1.00 22.51 ? 96   ARG A NH1 1 
ATOM   111  N  NH2 . ARG A 1 17  ? 18.232  1.399   2.223   1.00 22.82 ? 96   ARG A NH2 1 
ATOM   112  N  N   . ILE A 1 18  ? 11.085  1.171   3.803   1.00 15.79 ? 97   ILE A N   1 
ATOM   113  C  CA  . ILE A 1 18  ? 10.635  2.534   3.518   1.00 16.06 ? 97   ILE A CA  1 
ATOM   114  C  C   . ILE A 1 18  ? 11.920  3.253   3.091   1.00 16.90 ? 97   ILE A C   1 
ATOM   115  O  O   . ILE A 1 18  ? 12.807  3.537   3.907   1.00 16.32 ? 97   ILE A O   1 
ATOM   116  C  CB  . ILE A 1 18  ? 9.987   3.216   4.771   1.00 15.53 ? 97   ILE A CB  1 
ATOM   117  C  CG1 . ILE A 1 18  ? 8.821   2.363   5.290   1.00 15.24 ? 97   ILE A CG1 1 
ATOM   118  C  CG2 . ILE A 1 18  ? 9.468   4.604   4.415   1.00 14.35 ? 97   ILE A CG2 1 
ATOM   119  C  CD1 . ILE A 1 18  ? 8.296   2.817   6.649   1.00 15.50 ? 97   ILE A CD1 1 
ATOM   120  N  N   . ARG A 1 19  ? 12.018  3.501   1.792   1.00 17.73 ? 98   ARG A N   1 
ATOM   121  C  CA  . ARG A 1 19  ? 13.170  4.149   1.169   1.00 18.33 ? 98   ARG A CA  1 
ATOM   122  C  C   . ARG A 1 19  ? 13.346  5.648   1.374   1.00 18.13 ? 98   ARG A C   1 
ATOM   123  O  O   . ARG A 1 19  ? 14.476  6.163   1.338   1.00 18.14 ? 98   ARG A O   1 
ATOM   124  C  CB  . ARG A 1 19  ? 13.185  3.767   -0.282  1.00 19.61 ? 98   ARG A CB  1 
ATOM   125  C  CG  . ARG A 1 19  ? 13.078  2.272   -0.369  1.00 22.62 ? 98   ARG A CG  1 
ATOM   126  C  CD  . ARG A 1 19  ? 13.412  1.790   -1.706  1.00 27.33 ? 98   ARG A CD  1 
ATOM   127  N  NE  . ARG A 1 19  ? 14.736  2.257   -2.060  1.00 30.47 ? 98   ARG A NE  1 
ATOM   128  C  CZ  . ARG A 1 19  ? 15.830  1.498   -2.117  1.00 31.30 ? 98   ARG A CZ  1 
ATOM   129  N  NH1 . ARG A 1 19  ? 15.765  0.187   -1.874  1.00 30.90 ? 98   ARG A NH1 1 
ATOM   130  N  NH2 . ARG A 1 19  ? 16.969  2.051   -2.505  1.00 32.43 ? 98   ARG A NH2 1 
ATOM   131  N  N   . ASN A 1 20  ? 12.236  6.342   1.530   1.00 17.31 ? 99   ASN A N   1 
ATOM   132  C  CA  . ASN A 1 20  ? 12.249  7.775   1.740   1.00 17.49 ? 99   ASN A CA  1 
ATOM   133  C  C   . ASN A 1 20  ? 10.948  8.139   2.414   1.00 17.56 ? 99   ASN A C   1 
ATOM   134  O  O   . ASN A 1 20  ? 10.046  7.302   2.549   1.00 17.10 ? 99   ASN A O   1 
ATOM   135  C  CB  . ASN A 1 20  ? 12.514  8.571   0.442   1.00 17.92 ? 99   ASN A CB  1 
ATOM   136  C  CG  . ASN A 1 20  ? 11.403  8.449   -0.595  1.00 18.04 ? 99   ASN A CG  1 
ATOM   137  O  OD1 . ASN A 1 20  ? 10.255  8.208   -0.269  1.00 18.83 ? 99   ASN A OD1 1 
ATOM   138  N  ND2 . ASN A 1 20  ? 11.741  8.696   -1.853  1.00 18.43 ? 99   ASN A ND2 1 
ATOM   139  N  N   . TYR A 1 21  ? 10.882  9.364   2.903   1.00 17.43 ? 100  TYR A N   1 
ATOM   140  C  CA  . TYR A 1 21  ? 9.700   9.844   3.583   1.00 18.33 ? 100  TYR A CA  1 
ATOM   141  C  C   . TYR A 1 21  ? 9.198   11.114  2.944   1.00 19.16 ? 100  TYR A C   1 
ATOM   142  O  O   . TYR A 1 21  ? 9.877   11.698  2.100   1.00 20.24 ? 100  TYR A O   1 
ATOM   143  C  CB  . TYR A 1 21  ? 10.049  10.120  5.045   1.00 17.65 ? 100  TYR A CB  1 
ATOM   144  C  CG  . TYR A 1 21  ? 10.500  8.903   5.812   1.00 17.81 ? 100  TYR A CG  1 
ATOM   145  C  CD1 . TYR A 1 21  ? 9.629   8.234   6.683   1.00 17.99 ? 100  TYR A CD1 1 
ATOM   146  C  CD2 . TYR A 1 21  ? 11.794  8.400   5.663   1.00 17.97 ? 100  TYR A CD2 1 
ATOM   147  C  CE1 . TYR A 1 21  ? 10.040  7.095   7.381   1.00 17.73 ? 100  TYR A CE1 1 
ATOM   148  C  CE2 . TYR A 1 21  ? 12.211  7.263   6.357   1.00 18.15 ? 100  TYR A CE2 1 
ATOM   149  C  CZ  . TYR A 1 21  ? 11.331  6.619   7.211   1.00 18.47 ? 100  TYR A CZ  1 
ATOM   150  O  OH  . TYR A 1 21  ? 11.761  5.503   7.893   1.00 19.16 ? 100  TYR A OH  1 
ATOM   151  N  N   . THR A 1 22  ? 7.978   11.498  3.296   1.00 19.64 ? 101  THR A N   1 
ATOM   152  C  CA  . THR A 1 22  ? 7.368   12.710  2.772   1.00 20.46 ? 101  THR A CA  1 
ATOM   153  C  C   . THR A 1 22  ? 7.554   13.722  3.888   1.00 22.21 ? 101  THR A C   1 
ATOM   154  O  O   . THR A 1 22  ? 7.431   13.378  5.067   1.00 22.68 ? 101  THR A O   1 
ATOM   155  C  CB  . THR A 1 22  ? 5.850   12.555  2.476   1.00 19.67 ? 101  THR A CB  1 
ATOM   156  O  OG1 . THR A 1 22  ? 5.274   13.845  2.260   1.00 18.10 ? 101  THR A OG1 1 
ATOM   157  C  CG2 . THR A 1 22  ? 5.111   11.888  3.632   1.00 19.16 ? 101  THR A CG2 1 
ATOM   158  N  N   . PRO A 1 23  ? 7.883   14.977  3.539   1.00 23.59 ? 102  PRO A N   1 
ATOM   159  C  CA  . PRO A 1 23  ? 8.089   16.048  4.527   1.00 24.37 ? 102  PRO A CA  1 
ATOM   160  C  C   . PRO A 1 23  ? 6.817   16.333  5.342   1.00 24.97 ? 102  PRO A C   1 
ATOM   161  O  O   . PRO A 1 23  ? 6.888   16.775  6.487   1.00 24.85 ? 102  PRO A O   1 
ATOM   162  C  CB  . PRO A 1 23  ? 8.433   17.255  3.645   1.00 24.49 ? 102  PRO A CB  1 
ATOM   163  C  CG  . PRO A 1 23  ? 9.028   16.630  2.416   1.00 24.74 ? 102  PRO A CG  1 
ATOM   164  C  CD  . PRO A 1 23  ? 8.119   15.470  2.171   1.00 24.02 ? 102  PRO A CD  1 
ATOM   165  N  N   . GLN A 1 24  ? 5.663   16.106  4.716   1.00 25.49 ? 103  GLN A N   1 
ATOM   166  C  CA  . GLN A 1 24  ? 4.349   16.316  5.319   1.00 26.14 ? 103  GLN A CA  1 
ATOM   167  C  C   . GLN A 1 24  ? 4.083   15.721  6.707   1.00 26.11 ? 103  GLN A C   1 
ATOM   168  O  O   . GLN A 1 24  ? 3.304   16.282  7.479   1.00 26.43 ? 103  GLN A O   1 
ATOM   169  C  CB  . GLN A 1 24  ? 3.271   15.770  4.393   1.00 27.51 ? 103  GLN A CB  1 
ATOM   170  C  CG  . GLN A 1 24  ? 2.555   16.807  3.577   1.00 29.40 ? 103  GLN A CG  1 
ATOM   171  C  CD  . GLN A 1 24  ? 3.177   16.970  2.233   1.00 30.29 ? 103  GLN A CD  1 
ATOM   172  O  OE1 . GLN A 1 24  ? 4.043   17.821  2.044   1.00 32.42 ? 103  GLN A OE1 1 
ATOM   173  N  NE2 . GLN A 1 24  ? 2.797   16.116  1.299   1.00 30.11 ? 103  GLN A NE2 1 
ATOM   174  N  N   . LEU A 1 25  ? 4.687   14.575  7.003   1.00 25.68 ? 104  LEU A N   1 
ATOM   175  C  CA  . LEU A 1 25  ? 4.502   13.901  8.291   1.00 24.98 ? 104  LEU A CA  1 
ATOM   176  C  C   . LEU A 1 25  ? 5.823   13.506  8.914   1.00 24.99 ? 104  LEU A C   1 
ATOM   177  O  O   . LEU A 1 25  ? 6.839   13.418  8.229   1.00 25.00 ? 104  LEU A O   1 
ATOM   178  C  CB  . LEU A 1 25  ? 3.689   12.615  8.081   1.00 25.01 ? 104  LEU A CB  1 
ATOM   179  C  CG  . LEU A 1 25  ? 2.288   12.747  7.490   1.00 24.94 ? 104  LEU A CG  1 
ATOM   180  C  CD1 . LEU A 1 25  ? 1.856   11.429  6.879   1.00 24.88 ? 104  LEU A CD1 1 
ATOM   181  C  CD2 . LEU A 1 25  ? 1.311   13.209  8.562   1.00 25.18 ? 104  LEU A CD2 1 
ATOM   182  N  N   . SER A 1 26  ? 5.799   13.207  10.210  1.00 24.33 ? 105  SER A N   1 
ATOM   183  C  CA  . SER A 1 26  ? 7.013   12.810  10.889  1.00 24.61 ? 105  SER A CA  1 
ATOM   184  C  C   . SER A 1 26  ? 7.329   11.404  10.426  1.00 24.36 ? 105  SER A C   1 
ATOM   185  O  O   . SER A 1 26  ? 6.463   10.708  9.897   1.00 24.43 ? 105  SER A O   1 
ATOM   186  C  CB  . SER A 1 26  ? 6.839   12.839  12.408  1.00 24.52 ? 105  SER A CB  1 
ATOM   187  O  OG  . SER A 1 26  ? 6.164   11.683  12.865  1.00 26.34 ? 105  SER A OG  1 
ATOM   188  N  N   . GLU A 1 27  ? 8.569   10.988  10.624  1.00 24.12 ? 106  GLU A N   1 
ATOM   189  C  CA  . GLU A 1 27  ? 8.977   9.665   10.218  1.00 24.65 ? 106  GLU A CA  1 
ATOM   190  C  C   . GLU A 1 27  ? 8.136   8.619   10.927  1.00 23.79 ? 106  GLU A C   1 
ATOM   191  O  O   . GLU A 1 27  ? 7.594   7.746   10.272  1.00 23.92 ? 106  GLU A O   1 
ATOM   192  C  CB  . GLU A 1 27  ? 10.472  9.448   10.465  1.00 26.22 ? 106  GLU A CB  1 
ATOM   193  C  CG  . GLU A 1 27  ? 11.354  10.406  9.641   1.00 29.91 ? 106  GLU A CG  1 
ATOM   194  C  CD  . GLU A 1 27  ? 12.812  9.948   9.525   1.00 32.17 ? 106  GLU A CD  1 
ATOM   195  O  OE1 . GLU A 1 27  ? 13.427  10.183  8.456   1.00 33.89 ? 106  GLU A OE1 1 
ATOM   196  O  OE2 . GLU A 1 27  ? 13.351  9.360   10.494  1.00 33.62 ? 106  GLU A OE2 1 
ATOM   197  N  N   . ALA A 1 28  ? 7.946   8.785   12.236  1.00 23.10 ? 107  ALA A N   1 
ATOM   198  C  CA  . ALA A 1 28  ? 7.155   7.860   13.070  1.00 22.14 ? 107  ALA A CA  1 
ATOM   199  C  C   . ALA A 1 28  ? 5.721   7.716   12.547  1.00 21.36 ? 107  ALA A C   1 
ATOM   200  O  O   . ALA A 1 28  ? 5.139   6.633   12.559  1.00 20.66 ? 107  ALA A O   1 
ATOM   201  C  CB  . ALA A 1 28  ? 7.137   8.342   14.527  1.00 21.38 ? 107  ALA A CB  1 
ATOM   202  N  N   . GLU A 1 29  ? 5.167   8.819   12.076  1.00 21.25 ? 108  GLU A N   1 
ATOM   203  C  CA  . GLU A 1 29  ? 3.822   8.811   11.552  1.00 21.75 ? 108  GLU A CA  1 
ATOM   204  C  C   . GLU A 1 29  ? 3.755   8.001   10.274  1.00 21.34 ? 108  GLU A C   1 
ATOM   205  O  O   . GLU A 1 29  ? 2.836   7.194   10.088  1.00 21.63 ? 108  GLU A O   1 
ATOM   206  C  CB  . GLU A 1 29  ? 3.345   10.228  11.326  1.00 22.49 ? 108  GLU A CB  1 
ATOM   207  C  CG  . GLU A 1 29  ? 3.195   10.965  12.641  1.00 25.54 ? 108  GLU A CG  1 
ATOM   208  C  CD  . GLU A 1 29  ? 2.703   12.391  12.476  1.00 27.24 ? 108  GLU A CD  1 
ATOM   209  O  OE1 . GLU A 1 29  ? 1.830   12.820  13.269  1.00 29.32 ? 108  GLU A OE1 1 
ATOM   210  O  OE2 . GLU A 1 29  ? 3.193   13.092  11.564  1.00 28.06 ? 108  GLU A OE2 1 
ATOM   211  N  N   . VAL A 1 30  ? 4.734   8.193   9.397   1.00 19.92 ? 109  VAL A N   1 
ATOM   212  C  CA  . VAL A 1 30  ? 4.760   7.457   8.143   1.00 18.38 ? 109  VAL A CA  1 
ATOM   213  C  C   . VAL A 1 30  ? 4.925   5.969   8.445   1.00 18.31 ? 109  VAL A C   1 
ATOM   214  O  O   . VAL A 1 30  ? 4.198   5.137   7.904   1.00 18.16 ? 109  VAL A O   1 
ATOM   215  C  CB  . VAL A 1 30  ? 5.908   7.955   7.228   1.00 17.76 ? 109  VAL A CB  1 
ATOM   216  C  CG1 . VAL A 1 30  ? 6.086   7.019   6.030   1.00 16.34 ? 109  VAL A CG1 1 
ATOM   217  C  CG2 . VAL A 1 30  ? 5.628   9.389   6.772   1.00 15.99 ? 109  VAL A CG2 1 
ATOM   218  N  N   . GLU A 1 31  ? 5.850   5.648   9.344   1.00 18.07 ? 110  GLU A N   1 
ATOM   219  C  CA  . GLU A 1 31  ? 6.114   4.263   9.731   1.00 18.88 ? 110  GLU A CA  1 
ATOM   220  C  C   . GLU A 1 31  ? 4.886   3.607   10.381  1.00 19.15 ? 110  GLU A C   1 
ATOM   221  O  O   . GLU A 1 31  ? 4.578   2.450   10.117  1.00 19.21 ? 110  GLU A O   1 
ATOM   222  C  CB  . GLU A 1 31  ? 7.324   4.207   10.655  1.00 18.99 ? 110  GLU A CB  1 
ATOM   223  C  CG  . GLU A 1 31  ? 8.525   4.892   10.009  1.00 21.26 ? 110  GLU A CG  1 
ATOM   224  C  CD  . GLU A 1 31  ? 9.761   4.969   10.886  1.00 21.75 ? 110  GLU A CD  1 
ATOM   225  O  OE1 . GLU A 1 31  ? 10.878  4.960   10.323  1.00 23.42 ? 110  GLU A OE1 1 
ATOM   226  O  OE2 . GLU A 1 31  ? 9.630   5.055   12.125  1.00 21.75 ? 110  GLU A OE2 1 
ATOM   227  N  N   . ARG A 1 32  ? 4.161   4.367   11.195  1.00 20.29 ? 111  ARG A N   1 
ATOM   228  C  CA  . ARG A 1 32  ? 2.967   3.855   11.865  1.00 20.83 ? 111  ARG A CA  1 
ATOM   229  C  C   . ARG A 1 32  ? 1.894   3.543   10.827  1.00 19.53 ? 111  ARG A C   1 
ATOM   230  O  O   . ARG A 1 32  ? 1.287   2.473   10.866  1.00 19.82 ? 111  ARG A O   1 
ATOM   231  C  CB  . ARG A 1 32  ? 2.441   4.872   12.880  1.00 22.93 ? 111  ARG A CB  1 
ATOM   232  C  CG  . ARG A 1 32  ? 1.174   4.439   13.611  1.00 26.92 ? 111  ARG A CG  1 
ATOM   233  C  CD  . ARG A 1 32  ? 0.707   5.491   14.629  1.00 30.21 ? 111  ARG A CD  1 
ATOM   234  N  NE  . ARG A 1 32  ? 0.297   6.754   14.009  1.00 33.31 ? 111  ARG A NE  1 
ATOM   235  C  CZ  . ARG A 1 32  ? 0.706   7.965   14.411  1.00 34.26 ? 111  ARG A CZ  1 
ATOM   236  N  NH1 . ARG A 1 32  ? 1.552   8.096   15.435  1.00 34.99 ? 111  ARG A NH1 1 
ATOM   237  N  NH2 . ARG A 1 32  ? 0.226   9.049   13.811  1.00 35.03 ? 111  ARG A NH2 1 
ATOM   238  N  N   . ALA A 1 33  ? 1.687   4.458   9.881   1.00 18.07 ? 112  ALA A N   1 
ATOM   239  C  CA  . ALA A 1 33  ? 0.687   4.277   8.826   1.00 16.80 ? 112  ALA A CA  1 
ATOM   240  C  C   . ALA A 1 33  ? 0.934   3.029   7.979   1.00 16.17 ? 112  ALA A C   1 
ATOM   241  O  O   . ALA A 1 33  ? 0.011   2.279   7.654   1.00 14.83 ? 112  ALA A O   1 
ATOM   242  C  CB  . ALA A 1 33  ? 0.626   5.512   7.942   1.00 16.69 ? 112  ALA A CB  1 
ATOM   243  N  N   . ILE A 1 34  ? 2.195   2.819   7.628   1.00 15.46 ? 113  ILE A N   1 
ATOM   244  C  CA  . ILE A 1 34  ? 2.605   1.685   6.825   1.00 14.65 ? 113  ILE A CA  1 
ATOM   245  C  C   . ILE A 1 34  ? 2.433   0.395   7.631   1.00 14.55 ? 113  ILE A C   1 
ATOM   246  O  O   . ILE A 1 34  ? 1.895   -0.592  7.129   1.00 13.58 ? 113  ILE A O   1 
ATOM   247  C  CB  . ILE A 1 34  ? 4.096   1.845   6.380   1.00 14.82 ? 113  ILE A CB  1 
ATOM   248  C  CG1 . ILE A 1 34  ? 4.284   3.135   5.563   1.00 15.49 ? 113  ILE A CG1 1 
ATOM   249  C  CG2 . ILE A 1 34  ? 4.575   0.624   5.651   1.00 14.10 ? 113  ILE A CG2 1 
ATOM   250  C  CD1 . ILE A 1 34  ? 3.276   3.377   4.471   1.00 16.70 ? 113  ILE A CD1 1 
ATOM   251  N  N   . LYS A 1 35  ? 2.915   0.402   8.867   1.00 14.80 ? 114  LYS A N   1 
ATOM   252  C  CA  . LYS A 1 35  ? 2.812   -0.762  9.747   1.00 15.98 ? 114  LYS A CA  1 
ATOM   253  C  C   . LYS A 1 35  ? 1.341   -1.207  9.895   1.00 15.21 ? 114  LYS A C   1 
ATOM   254  O  O   . LYS A 1 35  ? 1.020   -2.367  9.700   1.00 15.32 ? 114  LYS A O   1 
ATOM   255  C  CB  . LYS A 1 35  ? 3.395   -0.412  11.114  1.00 17.44 ? 114  LYS A CB  1 
ATOM   256  C  CG  . LYS A 1 35  ? 3.591   -1.594  12.034  1.00 19.80 ? 114  LYS A CG  1 
ATOM   257  C  CD  . LYS A 1 35  ? 4.451   -1.142  13.194  1.00 22.06 ? 114  LYS A CD  1 
ATOM   258  C  CE  . LYS A 1 35  ? 4.938   -2.301  14.037  1.00 23.70 ? 114  LYS A CE  1 
ATOM   259  N  NZ  . LYS A 1 35  ? 3.844   -2.955  14.795  1.00 25.30 ? 114  LYS A NZ  1 
ATOM   260  N  N   . ASP A 1 36  ? 0.461   -0.254  10.186  1.00 15.27 ? 115  ASP A N   1 
ATOM   261  C  CA  . ASP A 1 36  ? -0.975  -0.503  10.360  1.00 14.67 ? 115  ASP A CA  1 
ATOM   262  C  C   . ASP A 1 36  ? -1.604  -1.028  9.092   1.00 14.84 ? 115  ASP A C   1 
ATOM   263  O  O   . ASP A 1 36  ? -2.426  -1.935  9.130   1.00 14.54 ? 115  ASP A O   1 
ATOM   264  C  CB  . ASP A 1 36  ? -1.693  0.776   10.790  1.00 13.95 ? 115  ASP A CB  1 
ATOM   265  C  CG  . ASP A 1 36  ? -1.362  1.186   12.227  1.00 13.89 ? 115  ASP A CG  1 
ATOM   266  O  OD1 . ASP A 1 36  ? -1.762  2.298   12.615  1.00 15.29 ? 115  ASP A OD1 1 
ATOM   267  O  OD2 . ASP A 1 36  ? -0.709  0.422   12.966  1.00 13.19 ? 115  ASP A OD2 1 
ATOM   268  N  N   . ALA A 1 37  ? -1.190  -0.453  7.965   1.00 15.22 ? 116  ALA A N   1 
ATOM   269  C  CA  . ALA A 1 37  ? -1.688  -0.840  6.645   1.00 14.78 ? 116  ALA A CA  1 
ATOM   270  C  C   . ALA A 1 37  ? -1.366  -2.309  6.342   1.00 14.80 ? 116  ALA A C   1 
ATOM   271  O  O   . ALA A 1 37  ? -2.203  -3.023  5.774   1.00 14.59 ? 116  ALA A O   1 
ATOM   272  C  CB  . ALA A 1 37  ? -1.101  0.097   5.563   1.00 14.61 ? 116  ALA A CB  1 
ATOM   273  N  N   . PHE A 1 38  ? -0.154  -2.750  6.698   1.00 15.15 ? 117  PHE A N   1 
ATOM   274  C  CA  . PHE A 1 38  ? 0.289   -4.136  6.481   1.00 15.49 ? 117  PHE A CA  1 
ATOM   275  C  C   . PHE A 1 38  ? -0.449  -5.088  7.433   1.00 16.38 ? 117  PHE A C   1 
ATOM   276  O  O   . PHE A 1 38  ? -0.743  -6.236  7.066   1.00 14.88 ? 117  PHE A O   1 
ATOM   277  C  CB  . PHE A 1 38  ? 1.813   -4.282  6.673   1.00 15.54 ? 117  PHE A CB  1 
ATOM   278  C  CG  . PHE A 1 38  ? 2.622   -4.005  5.410   1.00 14.86 ? 117  PHE A CG  1 
ATOM   279  C  CD1 . PHE A 1 38  ? 2.291   -4.626  4.202   1.00 14.19 ? 117  PHE A CD1 1 
ATOM   280  C  CD2 . PHE A 1 38  ? 3.693   -3.112  5.430   1.00 14.70 ? 117  PHE A CD2 1 
ATOM   281  C  CE1 . PHE A 1 38  ? 3.015   -4.362  3.027   1.00 14.48 ? 117  PHE A CE1 1 
ATOM   282  C  CE2 . PHE A 1 38  ? 4.421   -2.841  4.249   1.00 14.39 ? 117  PHE A CE2 1 
ATOM   283  C  CZ  . PHE A 1 38  ? 4.079   -3.468  3.051   1.00 13.73 ? 117  PHE A CZ  1 
ATOM   284  N  N   . GLU A 1 39  ? -0.716  -4.611  8.648   1.00 17.73 ? 118  GLU A N   1 
ATOM   285  C  CA  . GLU A 1 39  ? -1.421  -5.403  9.660   1.00 20.36 ? 118  GLU A CA  1 
ATOM   286  C  C   . GLU A 1 39  ? -2.842  -5.778  9.197   1.00 19.65 ? 118  GLU A C   1 
ATOM   287  O  O   . GLU A 1 39  ? -3.326  -6.873  9.521   1.00 19.77 ? 118  GLU A O   1 
ATOM   288  C  CB  . GLU A 1 39  ? -1.499  -4.666  11.000  1.00 23.19 ? 118  GLU A CB  1 
ATOM   289  C  CG  . GLU A 1 39  ? -0.174  -4.442  11.720  1.00 29.41 ? 118  GLU A CG  1 
ATOM   290  C  CD  . GLU A 1 39  ? 0.781   -5.633  11.650  1.00 32.80 ? 118  GLU A CD  1 
ATOM   291  O  OE1 . GLU A 1 39  ? 1.908   -5.434  11.128  1.00 35.37 ? 118  GLU A OE1 1 
ATOM   292  O  OE2 . GLU A 1 39  ? 0.418   -6.751  12.106  1.00 35.36 ? 118  GLU A OE2 1 
ATOM   293  N  N   . LEU A 1 40  ? -3.508  -4.874  8.476   1.00 18.47 ? 119  LEU A N   1 
ATOM   294  C  CA  . LEU A 1 40  ? -4.861  -5.122  7.976   1.00 17.63 ? 119  LEU A CA  1 
ATOM   295  C  C   . LEU A 1 40  ? -4.906  -6.458  7.246   1.00 16.86 ? 119  LEU A C   1 
ATOM   296  O  O   . LEU A 1 40  ? -5.794  -7.290  7.492   1.00 15.92 ? 119  LEU A O   1 
ATOM   297  C  CB  . LEU A 1 40  ? -5.287  -4.047  6.977   1.00 18.26 ? 119  LEU A CB  1 
ATOM   298  C  CG  . LEU A 1 40  ? -5.798  -2.677  7.402   1.00 18.94 ? 119  LEU A CG  1 
ATOM   299  C  CD1 . LEU A 1 40  ? -6.411  -2.031  6.148   1.00 18.83 ? 119  LEU A CD1 1 
ATOM   300  C  CD2 . LEU A 1 40  ? -6.859  -2.804  8.510   1.00 18.55 ? 119  LEU A CD2 1 
ATOM   301  N  N   . TRP A 1 41  ? -3.942  -6.629  6.339   1.00 15.53 ? 120  TRP A N   1 
ATOM   302  C  CA  . TRP A 1 41  ? -3.806  -7.829  5.524   1.00 14.48 ? 120  TRP A CA  1 
ATOM   303  C  C   . TRP A 1 41  ? -3.272  -9.034  6.282   1.00 14.76 ? 120  TRP A C   1 
ATOM   304  O  O   . TRP A 1 41  ? -3.693  -10.163 6.022   1.00 15.39 ? 120  TRP A O   1 
ATOM   305  C  CB  . TRP A 1 41  ? -2.932  -7.539  4.300   1.00 13.38 ? 120  TRP A CB  1 
ATOM   306  C  CG  . TRP A 1 41  ? -3.476  -6.433  3.426   1.00 12.19 ? 120  TRP A CG  1 
ATOM   307  C  CD1 . TRP A 1 41  ? -2.999  -5.149  3.334   1.00 11.36 ? 120  TRP A CD1 1 
ATOM   308  C  CD2 . TRP A 1 41  ? -4.591  -6.516  2.518   1.00 11.33 ? 120  TRP A CD2 1 
ATOM   309  N  NE1 . TRP A 1 41  ? -3.748  -4.426  2.430   1.00 11.61 ? 120  TRP A NE1 1 
ATOM   310  C  CE2 . TRP A 1 41  ? -4.734  -5.241  1.910   1.00 11.35 ? 120  TRP A CE2 1 
ATOM   311  C  CE3 . TRP A 1 41  ? -5.490  -7.535  2.159   1.00 10.13 ? 120  TRP A CE3 1 
ATOM   312  C  CZ2 . TRP A 1 41  ? -5.729  -4.957  0.962   1.00 10.71 ? 120  TRP A CZ2 1 
ATOM   313  C  CZ3 . TRP A 1 41  ? -6.486  -7.253  1.217   1.00 10.31 ? 120  TRP A CZ3 1 
ATOM   314  C  CH2 . TRP A 1 41  ? -6.595  -5.972  0.627   1.00 10.16 ? 120  TRP A CH2 1 
ATOM   315  N  N   . SER A 1 42  ? -2.345  -8.797  7.201   1.00 14.19 ? 121  SER A N   1 
ATOM   316  C  CA  . SER A 1 42  ? -1.752  -9.859  8.001   1.00 15.19 ? 121  SER A CA  1 
ATOM   317  C  C   . SER A 1 42  ? -2.749  -10.648 8.840   1.00 14.84 ? 121  SER A C   1 
ATOM   318  O  O   . SER A 1 42  ? -2.631  -11.852 8.944   1.00 15.16 ? 121  SER A O   1 
ATOM   319  C  CB  . SER A 1 42  ? -0.719  -9.284  8.946   1.00 15.56 ? 121  SER A CB  1 
ATOM   320  O  OG  . SER A 1 42  ? 0.559   -9.596  8.473   1.00 20.81 ? 121  SER A OG  1 
ATOM   321  N  N   . VAL A 1 43  ? -3.703  -9.965  9.461   1.00 15.37 ? 122  VAL A N   1 
ATOM   322  C  CA  . VAL A 1 43  ? -4.707  -10.627 10.304  1.00 15.57 ? 122  VAL A CA  1 
ATOM   323  C  C   . VAL A 1 43  ? -5.742  -11.480 9.562   1.00 15.98 ? 122  VAL A C   1 
ATOM   324  O  O   . VAL A 1 43  ? -6.486  -12.225 10.192  1.00 16.58 ? 122  VAL A O   1 
ATOM   325  C  CB  . VAL A 1 43  ? -5.463  -9.620  11.183  1.00 14.92 ? 122  VAL A CB  1 
ATOM   326  C  CG1 . VAL A 1 43  ? -4.506  -8.882  12.107  1.00 15.24 ? 122  VAL A CG1 1 
ATOM   327  C  CG2 . VAL A 1 43  ? -6.217  -8.646  10.326  1.00 15.36 ? 122  VAL A CG2 1 
ATOM   328  N  N   . ALA A 1 44  ? -5.730  -11.430 8.236   1.00 15.81 ? 123  ALA A N   1 
ATOM   329  C  CA  . ALA A 1 44  ? -6.677  -12.188 7.422   1.00 15.02 ? 123  ALA A CA  1 
ATOM   330  C  C   . ALA A 1 44  ? -6.015  -13.170 6.470   1.00 14.76 ? 123  ALA A C   1 
ATOM   331  O  O   . ALA A 1 44  ? -6.675  -13.708 5.565   1.00 14.48 ? 123  ALA A O   1 
ATOM   332  C  CB  . ALA A 1 44  ? -7.567  -11.219 6.648   1.00 15.50 ? 123  ALA A CB  1 
ATOM   333  N  N   . SER A 1 45  ? -4.733  -13.436 6.671   1.00 13.61 ? 124  SER A N   1 
ATOM   334  C  CA  . SER A 1 45  ? -3.987  -14.346 5.815   1.00 12.90 ? 124  SER A CA  1 
ATOM   335  C  C   . SER A 1 45  ? -2.813  -14.855 6.617   1.00 12.74 ? 124  SER A C   1 
ATOM   336  O  O   . SER A 1 45  ? -2.659  -14.485 7.776   1.00 13.19 ? 124  SER A O   1 
ATOM   337  C  CB  . SER A 1 45  ? -3.444  -13.571 4.612   1.00 13.27 ? 124  SER A CB  1 
ATOM   338  O  OG  . SER A 1 45  ? -2.511  -12.583 5.034   1.00 11.19 ? 124  SER A OG  1 
ATOM   339  N  N   . PRO A 1 46  ? -2.003  -15.770 6.040   1.00 12.58 ? 125  PRO A N   1 
ATOM   340  C  CA  . PRO A 1 46  ? -0.832  -16.305 6.729   1.00 13.68 ? 125  PRO A CA  1 
ATOM   341  C  C   . PRO A 1 46  ? 0.432   -15.443 6.429   1.00 15.02 ? 125  PRO A C   1 
ATOM   342  O  O   . PRO A 1 46  ? 1.548   -15.803 6.796   1.00 15.46 ? 125  PRO A O   1 
ATOM   343  C  CB  . PRO A 1 46  ? -0.708  -17.696 6.126   1.00 13.13 ? 125  PRO A CB  1 
ATOM   344  C  CG  . PRO A 1 46  ? -1.120  -17.471 4.740   1.00 13.08 ? 125  PRO A CG  1 
ATOM   345  C  CD  . PRO A 1 46  ? -2.339  -16.594 4.876   1.00 11.94 ? 125  PRO A CD  1 
ATOM   346  N  N   . LEU A 1 47  ? 0.225   -14.280 5.802   1.00 15.77 ? 126  LEU A N   1 
ATOM   347  C  CA  . LEU A 1 47  ? 1.323   -13.375 5.460   1.00 16.39 ? 126  LEU A CA  1 
ATOM   348  C  C   . LEU A 1 47  ? 1.884   -12.639 6.666   1.00 16.08 ? 126  LEU A C   1 
ATOM   349  O  O   . LEU A 1 47  ? 1.141   -12.099 7.479   1.00 14.69 ? 126  LEU A O   1 
ATOM   350  C  CB  . LEU A 1 47  ? 0.863   -12.350 4.414   1.00 17.31 ? 126  LEU A CB  1 
ATOM   351  C  CG  . LEU A 1 47  ? 0.392   -12.887 3.061   1.00 17.71 ? 126  LEU A CG  1 
ATOM   352  C  CD1 . LEU A 1 47  ? -0.142  -11.758 2.221   1.00 18.89 ? 126  LEU A CD1 1 
ATOM   353  C  CD2 . LEU A 1 47  ? 1.530   -13.570 2.343   1.00 18.95 ? 126  LEU A CD2 1 
ATOM   354  N  N   . ILE A 1 48  ? 3.205   -12.623 6.771   1.00 16.38 ? 127  ILE A N   1 
ATOM   355  C  CA  . ILE A 1 48  ? 3.899   -11.950 7.865   1.00 16.37 ? 127  ILE A CA  1 
ATOM   356  C  C   . ILE A 1 48  ? 4.818   -10.902 7.228   1.00 16.43 ? 127  ILE A C   1 
ATOM   357  O  O   . ILE A 1 48  ? 5.570   -11.214 6.319   1.00 16.08 ? 127  ILE A O   1 
ATOM   358  C  CB  . ILE A 1 48  ? 4.723   -12.943 8.703   1.00 17.01 ? 127  ILE A CB  1 
ATOM   359  C  CG1 . ILE A 1 48  ? 3.787   -13.937 9.395   1.00 18.09 ? 127  ILE A CG1 1 
ATOM   360  C  CG2 . ILE A 1 48  ? 5.544   -12.200 9.764   1.00 16.91 ? 127  ILE A CG2 1 
ATOM   361  C  CD1 . ILE A 1 48  ? 4.507   -15.099 10.056  1.00 19.39 ? 127  ILE A CD1 1 
ATOM   362  N  N   . PHE A 1 49  ? 4.714   -9.656  7.670   1.00 16.23 ? 128  PHE A N   1 
ATOM   363  C  CA  . PHE A 1 49  ? 5.536   -8.582  7.129   1.00 16.46 ? 128  PHE A CA  1 
ATOM   364  C  C   . PHE A 1 49  ? 6.592   -8.078  8.098   1.00 17.34 ? 128  PHE A C   1 
ATOM   365  O  O   . PHE A 1 49  ? 6.278   -7.666  9.210   1.00 16.52 ? 128  PHE A O   1 
ATOM   366  C  CB  . PHE A 1 49  ? 4.645   -7.429  6.688   1.00 15.30 ? 128  PHE A CB  1 
ATOM   367  C  CG  . PHE A 1 49  ? 3.626   -7.829  5.684   1.00 15.03 ? 128  PHE A CG  1 
ATOM   368  C  CD1 . PHE A 1 49  ? 3.990   -8.022  4.353   1.00 14.40 ? 128  PHE A CD1 1 
ATOM   369  C  CD2 . PHE A 1 49  ? 2.291   -8.025  6.060   1.00 14.93 ? 128  PHE A CD2 1 
ATOM   370  C  CE1 . PHE A 1 49  ? 3.047   -8.405  3.401   1.00 14.58 ? 128  PHE A CE1 1 
ATOM   371  C  CE2 . PHE A 1 49  ? 1.329   -8.408  5.120   1.00 14.53 ? 128  PHE A CE2 1 
ATOM   372  C  CZ  . PHE A 1 49  ? 1.705   -8.599  3.785   1.00 15.07 ? 128  PHE A CZ  1 
ATOM   373  N  N   . THR A 1 50  ? 7.845   -8.087  7.653   1.00 18.33 ? 129  THR A N   1 
ATOM   374  C  CA  . THR A 1 50  ? 8.959   -7.634  8.470   1.00 18.97 ? 129  THR A CA  1 
ATOM   375  C  C   . THR A 1 50  ? 9.617   -6.384  7.877   1.00 18.90 ? 129  THR A C   1 
ATOM   376  O  O   . THR A 1 50  ? 9.946   -6.357  6.699   1.00 18.65 ? 129  THR A O   1 
ATOM   377  C  CB  . THR A 1 50  ? 10.021  -8.746  8.578   1.00 19.84 ? 129  THR A CB  1 
ATOM   378  O  OG1 . THR A 1 50  ? 9.402   -9.955  9.043   1.00 20.94 ? 129  THR A OG1 1 
ATOM   379  C  CG2 . THR A 1 50  ? 11.148  -8.343  9.532   1.00 20.57 ? 129  THR A CG2 1 
ATOM   380  N  N   . ARG A 1 51  ? 9.764   -5.341  8.675   1.00 19.13 ? 130  ARG A N   1 
ATOM   381  C  CA  . ARG A 1 51  ? 10.388  -4.114  8.209   1.00 19.99 ? 130  ARG A CA  1 
ATOM   382  C  C   . ARG A 1 51  ? 11.914  -4.185  8.306   1.00 20.01 ? 130  ARG A C   1 
ATOM   383  O  O   . ARG A 1 51  ? 12.462  -4.639  9.305   1.00 19.28 ? 130  ARG A O   1 
ATOM   384  C  CB  . ARG A 1 51  ? 9.920   -2.930  9.034   1.00 21.37 ? 130  ARG A CB  1 
ATOM   385  C  CG  . ARG A 1 51  ? 10.604  -1.623  8.675   1.00 23.28 ? 130  ARG A CG  1 
ATOM   386  C  CD  . ARG A 1 51  ? 10.115  -0.533  9.598   1.00 25.72 ? 130  ARG A CD  1 
ATOM   387  N  NE  . ARG A 1 51  ? 10.770  0.758   9.394   1.00 28.02 ? 130  ARG A NE  1 
ATOM   388  C  CZ  . ARG A 1 51  ? 12.059  0.985   9.615   1.00 29.55 ? 130  ARG A CZ  1 
ATOM   389  N  NH1 . ARG A 1 51  ? 12.854  -0.002  10.028  1.00 31.57 ? 130  ARG A NH1 1 
ATOM   390  N  NH2 . ARG A 1 51  ? 12.524  2.230   9.559   1.00 30.03 ? 130  ARG A NH2 1 
ATOM   391  N  N   . ILE A 1 52  ? 12.593  -3.779  7.239   1.00 20.22 ? 131  ILE A N   1 
ATOM   392  C  CA  . ILE A 1 52  ? 14.047  -3.785  7.230   1.00 20.48 ? 131  ILE A CA  1 
ATOM   393  C  C   . ILE A 1 52  ? 14.527  -2.370  6.888   1.00 21.25 ? 131  ILE A C   1 
ATOM   394  O  O   . ILE A 1 52  ? 13.778  -1.565  6.314   1.00 20.41 ? 131  ILE A O   1 
ATOM   395  C  CB  . ILE A 1 52  ? 14.647  -4.852  6.270   1.00 20.15 ? 131  ILE A CB  1 
ATOM   396  C  CG1 . ILE A 1 52  ? 14.458  -4.471  4.799   1.00 19.38 ? 131  ILE A CG1 1 
ATOM   397  C  CG2 . ILE A 1 52  ? 14.019  -6.227  6.547   1.00 20.45 ? 131  ILE A CG2 1 
ATOM   398  C  CD1 . ILE A 1 52  ? 15.164  -5.413  3.865   1.00 18.31 ? 131  ILE A CD1 1 
ATOM   399  N  N   . SER A 1 53  ? 15.732  -2.039  7.352   1.00 22.45 ? 132  SER A N   1 
ATOM   400  C  CA  . SER A 1 53  ? 16.326  -0.730  7.109   1.00 23.56 ? 132  SER A CA  1 
ATOM   401  C  C   . SER A 1 53  ? 17.531  -0.757  6.200   1.00 24.28 ? 132  SER A C   1 
ATOM   402  O  O   . SER A 1 53  ? 17.973  0.296   5.759   1.00 24.07 ? 132  SER A O   1 
ATOM   403  C  CB  . SER A 1 53  ? 16.758  -0.081  8.412   1.00 23.70 ? 132  SER A CB  1 
ATOM   404  O  OG  . SER A 1 53  ? 15.629  0.256   9.168   1.00 25.52 ? 132  SER A OG  1 
ATOM   405  N  N   . GLN A 1 54  ? 18.094  -1.948  5.988   1.00 24.99 ? 133  GLN A N   1 
ATOM   406  C  CA  . GLN A 1 54  ? 19.261  -2.139  5.133   1.00 26.16 ? 133  GLN A CA  1 
ATOM   407  C  C   . GLN A 1 54  ? 19.035  -3.333  4.237   1.00 25.86 ? 133  GLN A C   1 
ATOM   408  O  O   . GLN A 1 54  ? 18.377  -4.295  4.632   1.00 25.91 ? 133  GLN A O   1 
ATOM   409  C  CB  . GLN A 1 54  ? 20.511  -2.448  5.956   1.00 27.94 ? 133  GLN A CB  1 
ATOM   410  C  CG  . GLN A 1 54  ? 21.155  -1.291  6.679   1.00 31.19 ? 133  GLN A CG  1 
ATOM   411  C  CD  . GLN A 1 54  ? 22.528  -1.687  7.238   1.00 33.01 ? 133  GLN A CD  1 
ATOM   412  O  OE1 . GLN A 1 54  ? 23.492  -1.860  6.488   1.00 34.60 ? 133  GLN A OE1 1 
ATOM   413  N  NE2 . GLN A 1 54  ? 22.611  -1.849  8.552   1.00 34.02 ? 133  GLN A NE2 1 
ATOM   414  N  N   . GLY A 1 55  ? 19.666  -3.303  3.072   1.00 25.52 ? 134  GLY A N   1 
ATOM   415  C  CA  . GLY A 1 55  ? 19.537  -4.386  2.120   1.00 25.58 ? 134  GLY A CA  1 
ATOM   416  C  C   . GLY A 1 55  ? 18.307  -4.374  1.239   1.00 25.46 ? 134  GLY A C   1 
ATOM   417  O  O   . GLY A 1 55  ? 17.597  -3.374  1.145   1.00 25.31 ? 134  GLY A O   1 
ATOM   418  N  N   . GLU A 1 56  ? 18.114  -5.479  0.529   1.00 25.58 ? 135  GLU A N   1 
ATOM   419  C  CA  . GLU A 1 56  ? 16.983  -5.655  -0.375  1.00 26.40 ? 135  GLU A CA  1 
ATOM   420  C  C   . GLU A 1 56  ? 15.745  -6.211  0.290   1.00 24.74 ? 135  GLU A C   1 
ATOM   421  O  O   . GLU A 1 56  ? 15.785  -7.263  0.918   1.00 25.35 ? 135  GLU A O   1 
ATOM   422  C  CB  . GLU A 1 56  ? 17.344  -6.572  -1.549  1.00 28.77 ? 135  GLU A CB  1 
ATOM   423  C  CG  . GLU A 1 56  ? 18.022  -5.857  -2.697  1.00 34.13 ? 135  GLU A CG  1 
ATOM   424  C  CD  . GLU A 1 56  ? 17.414  -4.473  -2.982  1.00 37.21 ? 135  GLU A CD  1 
ATOM   425  O  OE1 . GLU A 1 56  ? 18.215  -3.526  -3.203  1.00 39.50 ? 135  GLU A OE1 1 
ATOM   426  O  OE2 . GLU A 1 56  ? 16.155  -4.317  -2.962  1.00 38.38 ? 135  GLU A OE2 1 
ATOM   427  N  N   . ALA A 1 57  ? 14.632  -5.526  0.081   1.00 23.02 ? 136  ALA A N   1 
ATOM   428  C  CA  . ALA A 1 57  ? 13.363  -5.935  0.648   1.00 21.40 ? 136  ALA A CA  1 
ATOM   429  C  C   . ALA A 1 57  ? 12.422  -6.343  -0.487  1.00 20.40 ? 136  ALA A C   1 
ATOM   430  O  O   . ALA A 1 57  ? 12.590  -5.916  -1.648  1.00 20.43 ? 136  ALA A O   1 
ATOM   431  C  CB  . ALA A 1 57  ? 12.759  -4.796  1.454   1.00 20.62 ? 136  ALA A CB  1 
ATOM   432  N  N   . ASP A 1 58  ? 11.471  -7.218  -0.176  1.00 18.67 ? 137  ASP A N   1 
ATOM   433  C  CA  . ASP A 1 58  ? 10.504  -7.679  -1.174  1.00 17.01 ? 137  ASP A CA  1 
ATOM   434  C  C   . ASP A 1 58  ? 9.658   -6.499  -1.650  1.00 15.06 ? 137  ASP A C   1 
ATOM   435  O  O   . ASP A 1 58  ? 9.474   -6.286  -2.850  1.00 15.53 ? 137  ASP A O   1 
ATOM   436  C  CB  . ASP A 1 58  ? 9.571   -8.766  -0.603  1.00 17.40 ? 137  ASP A CB  1 
ATOM   437  C  CG  . ASP A 1 58  ? 10.320  -9.992  -0.145  1.00 17.24 ? 137  ASP A CG  1 
ATOM   438  O  OD1 . ASP A 1 58  ? 10.212  -10.327 1.053   1.00 17.97 ? 137  ASP A OD1 1 
ATOM   439  O  OD2 . ASP A 1 58  ? 11.028  -10.612 -0.971  1.00 17.86 ? 137  ASP A OD2 1 
ATOM   440  N  N   . ILE A 1 59  ? 9.163   -5.729  -0.703  1.00 13.68 ? 138  ILE A N   1 
ATOM   441  C  CA  . ILE A 1 59  ? 8.352   -4.587  -1.037  1.00 12.71 ? 138  ILE A CA  1 
ATOM   442  C  C   . ILE A 1 59  ? 9.049   -3.284  -0.686  1.00 12.15 ? 138  ILE A C   1 
ATOM   443  O  O   . ILE A 1 59  ? 9.297   -3.003  0.482   1.00 12.39 ? 138  ILE A O   1 
ATOM   444  C  CB  . ILE A 1 59  ? 6.997   -4.667  -0.312  1.00 12.17 ? 138  ILE A CB  1 
ATOM   445  C  CG1 . ILE A 1 59  ? 6.286   -5.958  -0.722  1.00 12.03 ? 138  ILE A CG1 1 
ATOM   446  C  CG2 . ILE A 1 59  ? 6.147   -3.436  -0.616  1.00 11.84 ? 138  ILE A CG2 1 
ATOM   447  C  CD1 . ILE A 1 59  ? 5.029   -6.275  0.111   1.00 11.59 ? 138  ILE A CD1 1 
ATOM   448  N  N   . ASN A 1 60  ? 9.424   -2.522  -1.710  1.00 11.74 ? 139  ASN A N   1 
ATOM   449  C  CA  . ASN A 1 60  ? 10.087  -1.244  -1.498  1.00 11.16 ? 139  ASN A CA  1 
ATOM   450  C  C   . ASN A 1 60  ? 8.999   -0.188  -1.544  1.00 10.98 ? 139  ASN A C   1 
ATOM   451  O  O   . ASN A 1 60  ? 8.141   -0.212  -2.433  1.00 11.95 ? 139  ASN A O   1 
ATOM   452  C  CB  . ASN A 1 60  ? 11.137  -0.957  -2.580  1.00 10.54 ? 139  ASN A CB  1 
ATOM   453  C  CG  . ASN A 1 60  ? 12.414  -1.710  -2.344  1.00 9.59  ? 139  ASN A CG  1 
ATOM   454  O  OD1 . ASN A 1 60  ? 13.055  -1.543  -1.317  1.00 9.80  ? 139  ASN A OD1 1 
ATOM   455  N  ND2 . ASN A 1 60  ? 12.757  -2.599  -3.258  1.00 10.76 ? 139  ASN A ND2 1 
ATOM   456  N  N   . ILE A 1 61  ? 9.002   0.700   -0.565  1.00 10.69 ? 140  ILE A N   1 
ATOM   457  C  CA  . ILE A 1 61  ? 8.022   1.768   -0.492  1.00 11.50 ? 140  ILE A CA  1 
ATOM   458  C  C   . ILE A 1 61  ? 8.765   3.109   -0.640  1.00 11.71 ? 140  ILE A C   1 
ATOM   459  O  O   . ILE A 1 61  ? 9.776   3.329   0.032   1.00 12.26 ? 140  ILE A O   1 
ATOM   460  C  CB  . ILE A 1 61  ? 7.276   1.712   0.877   1.00 11.81 ? 140  ILE A CB  1 
ATOM   461  C  CG1 . ILE A 1 61  ? 6.559   0.359   1.013   1.00 11.48 ? 140  ILE A CG1 1 
ATOM   462  C  CG2 . ILE A 1 61  ? 6.274   2.840   0.993   1.00 11.28 ? 140  ILE A CG2 1 
ATOM   463  C  CD1 . ILE A 1 61  ? 6.461   -0.101  2.410   1.00 13.34 ? 140  ILE A CD1 1 
ATOM   464  N  N   . ALA A 1 62  ? 8.253   3.998   -1.487  1.00 12.16 ? 141  ALA A N   1 
ATOM   465  C  CA  . ALA A 1 62  ? 8.874   5.306   -1.703  1.00 11.94 ? 141  ALA A CA  1 
ATOM   466  C  C   . ALA A 1 62  ? 7.922   6.360   -2.235  1.00 12.17 ? 141  ALA A C   1 
ATOM   467  O  O   . ALA A 1 62  ? 6.877   6.047   -2.813  1.00 11.72 ? 141  ALA A O   1 
ATOM   468  C  CB  . ALA A 1 62  ? 10.074  5.159   -2.671  1.00 11.82 ? 141  ALA A CB  1 
ATOM   469  N  N   . PHE A 1 63  ? 8.278   7.625   -1.995  1.00 12.72 ? 142  PHE A N   1 
ATOM   470  C  CA  . PHE A 1 63  ? 7.495   8.781   -2.444  1.00 13.55 ? 142  PHE A CA  1 
ATOM   471  C  C   . PHE A 1 63  ? 8.294   9.385   -3.599  1.00 14.06 ? 142  PHE A C   1 
ATOM   472  O  O   . PHE A 1 63  ? 9.453   9.773   -3.402  1.00 14.05 ? 142  PHE A O   1 
ATOM   473  C  CB  . PHE A 1 63  ? 7.363   9.820   -1.338  1.00 13.72 ? 142  PHE A CB  1 
ATOM   474  C  CG  . PHE A 1 63  ? 6.660   9.310   -0.134  1.00 14.49 ? 142  PHE A CG  1 
ATOM   475  C  CD1 . PHE A 1 63  ? 5.327   9.618   0.072   1.00 14.97 ? 142  PHE A CD1 1 
ATOM   476  C  CD2 . PHE A 1 63  ? 7.310   8.456   0.757   1.00 13.84 ? 142  PHE A CD2 1 
ATOM   477  C  CE1 . PHE A 1 63  ? 4.646   9.073   1.150   1.00 14.93 ? 142  PHE A CE1 1 
ATOM   478  C  CE2 . PHE A 1 63  ? 6.641   7.907   1.833   1.00 14.14 ? 142  PHE A CE2 1 
ATOM   479  C  CZ  . PHE A 1 63  ? 5.307   8.216   2.027   1.00 14.04 ? 142  PHE A CZ  1 
ATOM   480  N  N   . TYR A 1 64  ? 7.693   9.459   -4.787  1.00 13.97 ? 143  TYR A N   1 
ATOM   481  C  CA  . TYR A 1 64  ? 8.372   10.018  -5.953  1.00 14.40 ? 143  TYR A CA  1 
ATOM   482  C  C   . TYR A 1 64  ? 7.546   11.086  -6.645  1.00 15.44 ? 143  TYR A C   1 
ATOM   483  O  O   . TYR A 1 64  ? 6.334   11.169  -6.453  1.00 15.51 ? 143  TYR A O   1 
ATOM   484  C  CB  . TYR A 1 64  ? 8.689   8.922   -6.978  1.00 13.13 ? 143  TYR A CB  1 
ATOM   485  C  CG  . TYR A 1 64  ? 9.673   7.849   -6.543  1.00 12.46 ? 143  TYR A CG  1 
ATOM   486  C  CD1 . TYR A 1 64  ? 10.877  8.190   -5.913  1.00 12.31 ? 143  TYR A CD1 1 
ATOM   487  C  CD2 . TYR A 1 64  ? 9.414   6.500   -6.786  1.00 12.39 ? 143  TYR A CD2 1 
ATOM   488  C  CE1 . TYR A 1 64  ? 11.795  7.212   -5.536  1.00 12.08 ? 143  TYR A CE1 1 
ATOM   489  C  CE2 . TYR A 1 64  ? 10.321  5.511   -6.427  1.00 12.72 ? 143  TYR A CE2 1 
ATOM   490  C  CZ  . TYR A 1 64  ? 11.508  5.876   -5.795  1.00 13.04 ? 143  TYR A CZ  1 
ATOM   491  O  OH  . TYR A 1 64  ? 12.389  4.894   -5.405  1.00 13.30 ? 143  TYR A OH  1 
ATOM   492  N  N   . GLN A 1 65  ? 8.227   11.917  -7.425  1.00 16.85 ? 144  GLN A N   1 
ATOM   493  C  CA  . GLN A 1 65  ? 7.620   13.012  -8.181  1.00 18.18 ? 144  GLN A CA  1 
ATOM   494  C  C   . GLN A 1 65  ? 7.738   12.696  -9.672  1.00 18.28 ? 144  GLN A C   1 
ATOM   495  O  O   . GLN A 1 65  ? 8.709   12.092  -10.103 1.00 18.12 ? 144  GLN A O   1 
ATOM   496  C  CB  . GLN A 1 65  ? 8.390   14.300  -7.965  1.00 20.58 ? 144  GLN A CB  1 
ATOM   497  C  CG  . GLN A 1 65  ? 8.035   15.091  -6.761  1.00 23.71 ? 144  GLN A CG  1 
ATOM   498  C  CD  . GLN A 1 65  ? 8.320   16.555  -6.997  1.00 25.05 ? 144  GLN A CD  1 
ATOM   499  O  OE1 . GLN A 1 65  ? 8.502   16.977  -8.145  1.00 25.91 ? 144  GLN A OE1 1 
ATOM   500  N  NE2 . GLN A 1 65  ? 8.275   17.347  -5.931  1.00 26.52 ? 144  GLN A NE2 1 
ATOM   501  N  N   . ARG A 1 66  ? 6.753   13.125  -10.448 1.00 18.37 ? 145  ARG A N   1 
ATOM   502  C  CA  . ARG A 1 66  ? 6.730   12.902  -11.898 1.00 18.36 ? 145  ARG A CA  1 
ATOM   503  C  C   . ARG A 1 66  ? 7.482   11.651  -12.402 1.00 18.59 ? 145  ARG A C   1 
ATOM   504  O  O   . ARG A 1 66  ? 7.162   10.542  -11.984 1.00 18.24 ? 145  ARG A O   1 
ATOM   505  C  CB  . ARG A 1 66  ? 7.242   14.180  -12.571 1.00 18.43 ? 145  ARG A CB  1 
ATOM   506  C  CG  . ARG A 1 66  ? 6.557   15.450  -12.076 1.00 18.47 ? 145  ARG A CG  1 
ATOM   507  C  CD  . ARG A 1 66  ? 5.126   15.586  -12.622 1.00 20.01 ? 145  ARG A CD  1 
ATOM   508  N  NE  . ARG A 1 66  ? 4.408   16.705  -12.012 1.00 20.55 ? 145  ARG A NE  1 
ATOM   509  C  CZ  . ARG A 1 66  ? 3.339   17.309  -12.531 1.00 21.78 ? 145  ARG A CZ  1 
ATOM   510  N  NH1 . ARG A 1 66  ? 2.828   16.913  -13.692 1.00 21.85 ? 145  ARG A NH1 1 
ATOM   511  N  NH2 . ARG A 1 66  ? 2.787   18.335  -11.890 1.00 22.29 ? 145  ARG A NH2 1 
ATOM   512  N  N   . ASP A 1 67  ? 8.437   11.817  -13.317 1.00 19.09 ? 146  ASP A N   1 
ATOM   513  C  CA  . ASP A 1 67  ? 9.201   10.674  -13.852 1.00 19.07 ? 146  ASP A CA  1 
ATOM   514  C  C   . ASP A 1 67  ? 10.083  10.110  -12.753 1.00 18.51 ? 146  ASP A C   1 
ATOM   515  O  O   . ASP A 1 67  ? 10.832  10.847  -12.151 1.00 18.04 ? 146  ASP A O   1 
ATOM   516  C  CB  . ASP A 1 67  ? 10.112  11.117  -15.007 1.00 21.41 ? 146  ASP A CB  1 
ATOM   517  C  CG  . ASP A 1 67  ? 9.339   11.665  -16.189 1.00 22.90 ? 146  ASP A CG  1 
ATOM   518  O  OD1 . ASP A 1 67  ? 9.610   12.816  -16.591 1.00 24.63 ? 146  ASP A OD1 1 
ATOM   519  O  OD2 . ASP A 1 67  ? 8.461   10.965  -16.727 1.00 24.59 ? 146  ASP A OD2 1 
ATOM   520  N  N   . HIS A 1 68  ? 10.049  8.812   -12.532 1.00 17.75 ? 147  HIS A N   1 
ATOM   521  C  CA  . HIS A 1 68  ? 10.882  8.240   -11.475 1.00 17.29 ? 147  HIS A CA  1 
ATOM   522  C  C   . HIS A 1 68  ? 11.472  6.914   -11.875 1.00 17.82 ? 147  HIS A C   1 
ATOM   523  O  O   . HIS A 1 68  ? 11.608  6.007   -11.056 1.00 17.38 ? 147  HIS A O   1 
ATOM   524  C  CB  . HIS A 1 68  ? 10.127  8.143   -10.148 1.00 16.53 ? 147  HIS A CB  1 
ATOM   525  C  CG  . HIS A 1 68  ? 8.770   7.511   -10.261 1.00 15.73 ? 147  HIS A CG  1 
ATOM   526  N  ND1 . HIS A 1 68  ? 7.632   8.189   -10.635 1.00 16.00 ? 147  HIS A ND1 1 
ATOM   527  C  CD2 . HIS A 1 68  ? 8.379   6.234   -10.033 1.00 14.79 ? 147  HIS A CD2 1 
ATOM   528  C  CE1 . HIS A 1 68  ? 6.601   7.343   -10.630 1.00 16.02 ? 147  HIS A CE1 1 
ATOM   529  N  NE2 . HIS A 1 68  ? 6.989   6.131   -10.268 1.00 15.50 ? 147  HIS A NE2 1 
ATOM   530  N  N   . GLY A 1 69  ? 11.766  6.797   -13.157 1.00 18.96 ? 148  GLY A N   1 
ATOM   531  C  CA  . GLY A 1 69  ? 12.355  5.584   -13.686 1.00 20.32 ? 148  GLY A CA  1 
ATOM   532  C  C   . GLY A 1 69  ? 11.539  4.340   -13.942 1.00 22.03 ? 148  GLY A C   1 
ATOM   533  O  O   . GLY A 1 69  ? 12.163  3.281   -14.088 1.00 22.08 ? 148  GLY A O   1 
ATOM   534  N  N   . ASP A 1 70  ? 10.209  4.426   -14.079 1.00 22.95 ? 149  ASP A N   1 
ATOM   535  C  CA  . ASP A 1 70  ? 9.417   3.201   -14.324 1.00 24.03 ? 149  ASP A CA  1 
ATOM   536  C  C   . ASP A 1 70  ? 8.275   3.165   -15.342 1.00 25.90 ? 149  ASP A C   1 
ATOM   537  O  O   . ASP A 1 70  ? 7.369   2.366   -15.172 1.00 27.46 ? 149  ASP A O   1 
ATOM   538  C  CB  . ASP A 1 70  ? 8.907   2.599   -12.998 1.00 21.56 ? 149  ASP A CB  1 
ATOM   539  C  CG  . ASP A 1 70  ? 7.741   3.379   -12.381 1.00 19.76 ? 149  ASP A CG  1 
ATOM   540  O  OD1 . ASP A 1 70  ? 7.233   4.350   -12.986 1.00 18.57 ? 149  ASP A OD1 1 
ATOM   541  O  OD2 . ASP A 1 70  ? 7.333   3.015   -11.256 1.00 17.89 ? 149  ASP A OD2 1 
ATOM   542  N  N   . ASN A 1 71  ? 8.262   4.026   -16.347 1.00 27.19 ? 150  ASN A N   1 
ATOM   543  C  CA  . ASN A 1 71  ? 7.176   4.014   -17.347 1.00 28.27 ? 150  ASN A CA  1 
ATOM   544  C  C   . ASN A 1 71  ? 5.834   4.564   -16.871 1.00 27.19 ? 150  ASN A C   1 
ATOM   545  O  O   . ASN A 1 71  ? 4.902   4.684   -17.669 1.00 27.15 ? 150  ASN A O   1 
ATOM   546  C  CB  . ASN A 1 71  ? 7.000   2.627   -18.034 1.00 30.70 ? 150  ASN A CB  1 
ATOM   547  C  CG  . ASN A 1 71  ? 6.012   1.672   -17.295 1.00 33.41 ? 150  ASN A CG  1 
ATOM   548  O  OD1 . ASN A 1 71  ? 6.382   0.554   -16.911 1.00 34.58 ? 150  ASN A OD1 1 
ATOM   549  N  ND2 . ASN A 1 71  ? 4.751   2.088   -17.163 1.00 34.34 ? 150  ASN A ND2 1 
ATOM   550  N  N   . SER A 1 72  ? 5.735   4.907   -15.595 1.00 25.77 ? 151  SER A N   1 
ATOM   551  C  CA  . SER A 1 72  ? 4.492   5.450   -15.064 1.00 24.62 ? 151  SER A CA  1 
ATOM   552  C  C   . SER A 1 72  ? 4.752   6.668   -14.218 1.00 22.95 ? 151  SER A C   1 
ATOM   553  O  O   . SER A 1 72  ? 4.773   6.577   -12.987 1.00 22.80 ? 151  SER A O   1 
ATOM   554  C  CB  . SER A 1 72  ? 3.762   4.415   -14.232 1.00 25.84 ? 151  SER A CB  1 
ATOM   555  O  OG  . SER A 1 72  ? 3.177   3.460   -15.078 1.00 28.57 ? 151  SER A OG  1 
ATOM   556  N  N   . PRO A 1 73  ? 5.033   7.813   -14.859 1.00 21.71 ? 152  PRO A N   1 
ATOM   557  C  CA  . PRO A 1 73  ? 5.289   9.021   -14.073 1.00 20.66 ? 152  PRO A CA  1 
ATOM   558  C  C   . PRO A 1 73  ? 4.023   9.487   -13.366 1.00 19.64 ? 152  PRO A C   1 
ATOM   559  O  O   . PRO A 1 73  ? 2.924   9.224   -13.838 1.00 19.26 ? 152  PRO A O   1 
ATOM   560  C  CB  . PRO A 1 73  ? 5.745   10.030  -15.135 1.00 19.65 ? 152  PRO A CB  1 
ATOM   561  C  CG  . PRO A 1 73  ? 4.996   9.614   -16.324 1.00 19.79 ? 152  PRO A CG  1 
ATOM   562  C  CD  . PRO A 1 73  ? 5.117   8.100   -16.302 1.00 20.29 ? 152  PRO A CD  1 
ATOM   563  N  N   . PHE A 1 74  ? 4.188   10.114  -12.203 1.00 19.35 ? 153  PHE A N   1 
ATOM   564  C  CA  . PHE A 1 74  ? 3.057   10.614  -11.449 1.00 19.07 ? 153  PHE A CA  1 
ATOM   565  C  C   . PHE A 1 74  ? 2.609   11.898  -12.119 1.00 19.25 ? 153  PHE A C   1 
ATOM   566  O  O   . PHE A 1 74  ? 3.390   12.560  -12.803 1.00 20.25 ? 153  PHE A O   1 
ATOM   567  C  CB  . PHE A 1 74  ? 3.397   10.778  -9.970  1.00 19.23 ? 153  PHE A CB  1 
ATOM   568  C  CG  . PHE A 1 74  ? 3.412   9.465   -9.210  1.00 19.26 ? 153  PHE A CG  1 
ATOM   569  C  CD1 . PHE A 1 74  ? 2.329   8.586   -9.290  1.00 18.91 ? 153  PHE A CD1 1 
ATOM   570  C  CD2 . PHE A 1 74  ? 4.520   9.089   -8.453  1.00 19.22 ? 153  PHE A CD2 1 
ATOM   571  C  CE1 . PHE A 1 74  ? 2.355   7.351   -8.632  1.00 18.50 ? 153  PHE A CE1 1 
ATOM   572  C  CE2 . PHE A 1 74  ? 4.550   7.854   -7.793  1.00 19.29 ? 153  PHE A CE2 1 
ATOM   573  C  CZ  . PHE A 1 74  ? 3.458   6.987   -7.889  1.00 18.75 ? 153  PHE A CZ  1 
ATOM   574  N  N   . ASP A 1 75  ? 1.369   12.274  -11.868 1.00 18.43 ? 154  ASP A N   1 
ATOM   575  C  CA  . ASP A 1 75  ? 0.778   13.465  -12.455 1.00 17.77 ? 154  ASP A CA  1 
ATOM   576  C  C   . ASP A 1 75  ? 0.638   14.718  -11.633 1.00 17.68 ? 154  ASP A C   1 
ATOM   577  O  O   . ASP A 1 75  ? -0.136  15.598  -12.003 1.00 17.77 ? 154  ASP A O   1 
ATOM   578  C  CB  . ASP A 1 75  ? -0.619  13.069  -12.926 1.00 17.28 ? 154  ASP A CB  1 
ATOM   579  C  CG  . ASP A 1 75  ? -1.460  12.423  -11.803 1.00 16.57 ? 154  ASP A CG  1 
ATOM   580  O  OD1 . ASP A 1 75  ? -2.552  11.916  -12.108 1.00 17.10 ? 154  ASP A OD1 1 
ATOM   581  O  OD2 . ASP A 1 75  ? -1.039  12.415  -10.622 1.00 15.05 ? 154  ASP A OD2 1 
ATOM   582  N  N   . GLY A 1 76  ? 1.374   14.835  -10.540 1.00 17.98 ? 155  GLY A N   1 
ATOM   583  C  CA  . GLY A 1 76  ? 1.238   16.031  -9.736  1.00 19.28 ? 155  GLY A CA  1 
ATOM   584  C  C   . GLY A 1 76  ? 0.057   15.872  -8.777  1.00 20.30 ? 155  GLY A C   1 
ATOM   585  O  O   . GLY A 1 76  ? -0.482  14.743  -8.625  1.00 20.92 ? 155  GLY A O   1 
ATOM   586  N  N   . PRO A 1 77  ? -0.360  16.958  -8.104  1.00 20.83 ? 156  PRO A N   1 
ATOM   587  C  CA  . PRO A 1 77  ? -1.473  17.002  -7.139  1.00 21.11 ? 156  PRO A CA  1 
ATOM   588  C  C   . PRO A 1 77  ? -2.736  16.345  -7.692  1.00 21.26 ? 156  PRO A C   1 
ATOM   589  O  O   . PRO A 1 77  ? -3.129  16.606  -8.831  1.00 21.52 ? 156  PRO A O   1 
ATOM   590  C  CB  . PRO A 1 77  ? -1.670  18.493  -6.924  1.00 21.43 ? 156  PRO A CB  1 
ATOM   591  C  CG  . PRO A 1 77  ? -0.277  19.028  -7.097  1.00 21.36 ? 156  PRO A CG  1 
ATOM   592  C  CD  . PRO A 1 77  ? 0.184   18.312  -8.323  1.00 20.85 ? 156  PRO A CD  1 
ATOM   593  N  N   . ASN A 1 78  ? -3.357  15.505  -6.868  1.00 21.21 ? 157  ASN A N   1 
ATOM   594  C  CA  . ASN A 1 78  ? -4.574  14.760  -7.210  1.00 20.48 ? 157  ASN A CA  1 
ATOM   595  C  C   . ASN A 1 78  ? -4.381  13.762  -8.347  1.00 19.96 ? 157  ASN A C   1 
ATOM   596  O  O   . ASN A 1 78  ? -3.237  13.316  -8.607  1.00 19.56 ? 157  ASN A O   1 
ATOM   597  C  CB  . ASN A 1 78  ? -5.745  15.711  -7.448  1.00 21.26 ? 157  ASN A CB  1 
ATOM   598  C  CG  . ASN A 1 78  ? -5.952  16.666  -6.282  1.00 21.64 ? 157  ASN A CG  1 
ATOM   599  O  OD1 . ASN A 1 78  ? -6.012  16.253  -5.120  1.00 22.29 ? 157  ASN A OD1 1 
ATOM   600  N  ND2 . ASN A 1 78  ? -5.973  17.955  -6.577  1.00 22.72 ? 157  ASN A ND2 1 
ATOM   601  N  N   . GLY A 1 79  ? -5.474  13.364  -8.997  1.00 19.59 ? 158  GLY A N   1 
ATOM   602  C  CA  . GLY A 1 79  ? -5.383  12.397  -10.084 1.00 19.34 ? 158  GLY A CA  1 
ATOM   603  C  C   . GLY A 1 79  ? -4.927  11.087  -9.450  1.00 19.23 ? 158  GLY A C   1 
ATOM   604  O  O   . GLY A 1 79  ? -5.441  10.697  -8.394  1.00 18.83 ? 158  GLY A O   1 
ATOM   605  N  N   . ILE A 1 80  ? -3.938  10.418  -10.032 1.00 18.91 ? 159  ILE A N   1 
ATOM   606  C  CA  . ILE A 1 80  ? -3.497  9.173   -9.416  1.00 18.74 ? 159  ILE A CA  1 
ATOM   607  C  C   . ILE A 1 80  ? -2.682  9.548   -8.194  1.00 17.96 ? 159  ILE A C   1 
ATOM   608  O  O   . ILE A 1 80  ? -1.892  10.520  -8.194  1.00 18.14 ? 159  ILE A O   1 
ATOM   609  C  CB  . ILE A 1 80  ? -2.741  8.176   -10.356 1.00 20.07 ? 159  ILE A CB  1 
ATOM   610  C  CG1 . ILE A 1 80  ? -1.242  8.234   -10.114 1.00 21.68 ? 159  ILE A CG1 1 
ATOM   611  C  CG2 . ILE A 1 80  ? -3.111  8.398   -11.813 1.00 19.56 ? 159  ILE A CG2 1 
ATOM   612  C  CD1 . ILE A 1 80  ? -0.566  7.002   -10.572 1.00 24.23 ? 159  ILE A CD1 1 
ATOM   613  N  N   . LEU A 1 81  ? -2.936  8.807   -7.137  1.00 16.74 ? 160  LEU A N   1 
ATOM   614  C  CA  . LEU A 1 81  ? -2.295  8.989   -5.858  1.00 15.93 ? 160  LEU A CA  1 
ATOM   615  C  C   . LEU A 1 81  ? -1.052  8.154   -5.614  1.00 15.17 ? 160  LEU A C   1 
ATOM   616  O  O   . LEU A 1 81  ? -0.152  8.583   -4.892  1.00 14.66 ? 160  LEU A O   1 
ATOM   617  C  CB  . LEU A 1 81  ? -3.312  8.660   -4.752  1.00 15.71 ? 160  LEU A CB  1 
ATOM   618  C  CG  . LEU A 1 81  ? -4.388  9.651   -4.301  1.00 16.84 ? 160  LEU A CG  1 
ATOM   619  C  CD1 . LEU A 1 81  ? -4.658  10.763  -5.318  1.00 15.74 ? 160  LEU A CD1 1 
ATOM   620  C  CD2 . LEU A 1 81  ? -5.646  8.866   -3.927  1.00 15.42 ? 160  LEU A CD2 1 
ATOM   621  N  N   . ALA A 1 82  ? -1.029  6.949   -6.177  1.00 14.38 ? 161  ALA A N   1 
ATOM   622  C  CA  . ALA A 1 82  ? 0.095   6.035   -6.009  1.00 13.82 ? 161  ALA A CA  1 
ATOM   623  C  C   . ALA A 1 82  ? -0.110  4.841   -6.914  1.00 13.65 ? 161  ALA A C   1 
ATOM   624  O  O   . ALA A 1 82  ? -1.118  4.765   -7.621  1.00 14.41 ? 161  ALA A O   1 
ATOM   625  C  CB  . ALA A 1 82  ? 0.147   5.546   -4.554  1.00 13.44 ? 161  ALA A CB  1 
ATOM   626  N  N   . HIS A 1 83  ? 0.863   3.940   -6.934  1.00 13.23 ? 162  HIS A N   1 
ATOM   627  C  CA  . HIS A 1 83  ? 0.777   2.728   -7.750  1.00 13.16 ? 162  HIS A CA  1 
ATOM   628  C  C   . HIS A 1 83  ? 1.690   1.651   -7.199  1.00 12.73 ? 162  HIS A C   1 
ATOM   629  O  O   . HIS A 1 83  ? 2.672   1.952   -6.533  1.00 13.00 ? 162  HIS A O   1 
ATOM   630  C  CB  . HIS A 1 83  ? 0.949   2.958   -9.284  1.00 14.12 ? 162  HIS A CB  1 
ATOM   631  C  CG  . HIS A 1 83  ? 2.253   3.585   -9.702  1.00 14.72 ? 162  HIS A CG  1 
ATOM   632  N  ND1 . HIS A 1 83  ? 2.338   4.645   -10.584 1.00 14.75 ? 162  HIS A ND1 1 
ATOM   633  C  CD2 . HIS A 1 83  ? 3.538   3.228   -9.433  1.00 13.71 ? 162  HIS A CD2 1 
ATOM   634  C  CE1 . HIS A 1 83  ? 3.629   4.881   -10.832 1.00 14.31 ? 162  HIS A CE1 1 
ATOM   635  N  NE2 . HIS A 1 83  ? 4.399   4.055   -10.159 1.00 14.32 ? 162  HIS A NE2 1 
ATOM   636  N  N   . ALA A 1 84  ? 1.305   0.398   -7.403  1.00 12.62 ? 163  ALA A N   1 
ATOM   637  C  CA  . ALA A 1 84  ? 2.078   -0.739  -6.925  1.00 12.57 ? 163  ALA A CA  1 
ATOM   638  C  C   . ALA A 1 84  ? 2.211   -1.760  -8.020  1.00 13.62 ? 163  ALA A C   1 
ATOM   639  O  O   . ALA A 1 84  ? 1.447   -1.744  -8.981  1.00 13.92 ? 163  ALA A O   1 
ATOM   640  C  CB  . ALA A 1 84  ? 1.415   -1.358  -5.707  1.00 12.48 ? 163  ALA A CB  1 
ATOM   641  N  N   . PHE A 1 85  ? 3.210   -2.625  -7.891  1.00 14.64 ? 164  PHE A N   1 
ATOM   642  C  CA  . PHE A 1 85  ? 3.481   -3.675  -8.866  1.00 15.61 ? 164  PHE A CA  1 
ATOM   643  C  C   . PHE A 1 85  ? 3.044   -5.043  -8.354  1.00 15.90 ? 164  PHE A C   1 
ATOM   644  O  O   . PHE A 1 85  ? 3.189   -5.338  -7.168  1.00 16.24 ? 164  PHE A O   1 
ATOM   645  C  CB  . PHE A 1 85  ? 4.985   -3.659  -9.240  1.00 15.89 ? 164  PHE A CB  1 
ATOM   646  C  CG  . PHE A 1 85  ? 5.413   -2.382  -9.930  1.00 16.42 ? 164  PHE A CG  1 
ATOM   647  C  CD1 . PHE A 1 85  ? 5.456   -2.309  -11.325 1.00 16.27 ? 164  PHE A CD1 1 
ATOM   648  C  CD2 . PHE A 1 85  ? 5.633   -1.218  -9.192  1.00 16.37 ? 164  PHE A CD2 1 
ATOM   649  C  CE1 . PHE A 1 85  ? 5.699   -1.097  -11.975 1.00 16.97 ? 164  PHE A CE1 1 
ATOM   650  C  CE2 . PHE A 1 85  ? 5.878   0.002   -9.829  1.00 16.75 ? 164  PHE A CE2 1 
ATOM   651  C  CZ  . PHE A 1 85  ? 5.907   0.064   -11.223 1.00 16.95 ? 164  PHE A CZ  1 
ATOM   652  N  N   . GLN A 1 86  ? 2.482   -5.851  -9.248  1.00 16.58 ? 165  GLN A N   1 
ATOM   653  C  CA  . GLN A 1 86  ? 2.018   -7.192  -8.903  1.00 17.79 ? 165  GLN A CA  1 
ATOM   654  C  C   . GLN A 1 86  ? 3.197   -7.952  -8.342  1.00 17.46 ? 165  GLN A C   1 
ATOM   655  O  O   . GLN A 1 86  ? 4.358   -7.662  -8.689  1.00 16.95 ? 165  GLN A O   1 
ATOM   656  C  CB  . GLN A 1 86  ? 1.488   -7.943  -10.147 1.00 19.98 ? 165  GLN A CB  1 
ATOM   657  C  CG  . GLN A 1 86  ? 2.566   -8.277  -11.217 1.00 23.08 ? 165  GLN A CG  1 
ATOM   658  C  CD  . GLN A 1 86  ? 2.056   -9.125  -12.401 1.00 24.62 ? 165  GLN A CD  1 
ATOM   659  O  OE1 . GLN A 1 86  ? 0.896   -9.017  -12.815 1.00 25.17 ? 165  GLN A OE1 1 
ATOM   660  N  NE2 . GLN A 1 86  ? 2.936   -9.962  -12.945 1.00 25.08 ? 165  GLN A NE2 1 
ATOM   661  N  N   . PRO A 1 87  ? 2.926   -8.965  -7.501  1.00 16.90 ? 166  PRO A N   1 
ATOM   662  C  CA  . PRO A 1 87  ? 3.987   -9.774  -6.892  1.00 16.35 ? 166  PRO A CA  1 
ATOM   663  C  C   . PRO A 1 87  ? 5.050   -10.247 -7.905  1.00 16.32 ? 166  PRO A C   1 
ATOM   664  O  O   . PRO A 1 87  ? 4.736   -10.691 -9.020  1.00 15.73 ? 166  PRO A O   1 
ATOM   665  C  CB  . PRO A 1 87  ? 3.211   -10.942 -6.274  1.00 16.60 ? 166  PRO A CB  1 
ATOM   666  C  CG  . PRO A 1 87  ? 1.898   -10.303 -5.891  1.00 16.35 ? 166  PRO A CG  1 
ATOM   667  C  CD  . PRO A 1 87  ? 1.583   -9.438  -7.095  1.00 16.38 ? 166  PRO A CD  1 
ATOM   668  N  N   . GLY A 1 88  ? 6.318   -10.107 -7.523  1.00 16.32 ? 167  GLY A N   1 
ATOM   669  C  CA  . GLY A 1 88  ? 7.396   -10.516 -8.398  1.00 16.88 ? 167  GLY A CA  1 
ATOM   670  C  C   . GLY A 1 88  ? 8.768   -10.053 -7.931  1.00 17.06 ? 167  GLY A C   1 
ATOM   671  O  O   . GLY A 1 88  ? 8.906   -9.410  -6.873  1.00 16.36 ? 167  GLY A O   1 
ATOM   672  N  N   . GLN A 1 89  ? 9.791   -10.443 -8.693  1.00 17.45 ? 168  GLN A N   1 
ATOM   673  C  CA  . GLN A 1 89  ? 11.157  -10.067 -8.368  1.00 17.85 ? 168  GLN A CA  1 
ATOM   674  C  C   . GLN A 1 89  ? 11.420  -8.615  -8.769  1.00 17.93 ? 168  GLN A C   1 
ATOM   675  O  O   . GLN A 1 89  ? 10.660  -8.024  -9.551  1.00 18.62 ? 168  GLN A O   1 
ATOM   676  C  CB  . GLN A 1 89  ? 12.168  -11.034 -9.003  1.00 17.96 ? 168  GLN A CB  1 
ATOM   677  C  CG  . GLN A 1 89  ? 12.670  -12.102 -8.025  0.00 18.17 ? 168  GLN A CG  1 
ATOM   678  C  CD  . GLN A 1 89  ? 13.050  -11.515 -6.671  0.00 18.22 ? 168  GLN A CD  1 
ATOM   679  O  OE1 . GLN A 1 89  ? 13.749  -10.504 -6.593  0.00 18.18 ? 168  GLN A OE1 1 
ATOM   680  N  NE2 . GLN A 1 89  ? 12.555  -12.124 -5.601  0.00 18.18 ? 168  GLN A NE2 1 
ATOM   681  N  N   . GLY A 1 90  ? 12.416  -8.007  -8.138  1.00 17.84 ? 169  GLY A N   1 
ATOM   682  C  CA  . GLY A 1 90  ? 12.749  -6.627  -8.442  1.00 17.02 ? 169  GLY A CA  1 
ATOM   683  C  C   . GLY A 1 90  ? 11.639  -5.655  -8.122  1.00 16.50 ? 169  GLY A C   1 
ATOM   684  O  O   . GLY A 1 90  ? 11.145  -5.603  -6.987  1.00 17.07 ? 169  GLY A O   1 
ATOM   685  N  N   . ILE A 1 91  ? 11.245  -4.874  -9.122  1.00 16.10 ? 170  ILE A N   1 
ATOM   686  C  CA  . ILE A 1 91  ? 10.186  -3.871  -8.975  1.00 15.65 ? 170  ILE A CA  1 
ATOM   687  C  C   . ILE A 1 91  ? 8.846   -4.473  -8.514  1.00 15.95 ? 170  ILE A C   1 
ATOM   688  O  O   . ILE A 1 91  ? 8.007   -3.763  -7.935  1.00 16.01 ? 170  ILE A O   1 
ATOM   689  C  CB  . ILE A 1 91  ? 9.971   -3.100  -10.301 1.00 14.78 ? 170  ILE A CB  1 
ATOM   690  C  CG1 . ILE A 1 91  ? 9.132   -1.835  -10.081 1.00 14.96 ? 170  ILE A CG1 1 
ATOM   691  C  CG2 . ILE A 1 91  ? 9.278   -3.997  -11.333 1.00 15.30 ? 170  ILE A CG2 1 
ATOM   692  C  CD1 . ILE A 1 91  ? 9.758   -0.816  -9.218  1.00 16.03 ? 170  ILE A CD1 1 
ATOM   693  N  N   . GLY A 1 92  ? 8.671   -5.772  -8.750  1.00 15.90 ? 171  GLY A N   1 
ATOM   694  C  CA  . GLY A 1 92  ? 7.453   -6.453  -8.356  1.00 14.98 ? 171  GLY A CA  1 
ATOM   695  C  C   . GLY A 1 92  ? 7.181   -6.245  -6.883  1.00 14.94 ? 171  GLY A C   1 
ATOM   696  O  O   . GLY A 1 92  ? 8.123   -6.194  -6.058  1.00 15.58 ? 171  GLY A O   1 
ATOM   697  N  N   . GLY A 1 93  ? 5.901   -6.040  -6.562  1.00 13.93 ? 172  GLY A N   1 
ATOM   698  C  CA  . GLY A 1 93  ? 5.467   -5.825  -5.198  1.00 12.14 ? 172  GLY A CA  1 
ATOM   699  C  C   . GLY A 1 93  ? 5.716   -4.431  -4.659  1.00 11.93 ? 172  GLY A C   1 
ATOM   700  O  O   . GLY A 1 93  ? 5.119   -4.043  -3.661  1.00 11.47 ? 172  GLY A O   1 
ATOM   701  N  N   . ASP A 1 94  ? 6.570   -3.665  -5.334  1.00 11.23 ? 173  ASP A N   1 
ATOM   702  C  CA  . ASP A 1 94  ? 6.884   -2.314  -4.891  1.00 10.98 ? 173  ASP A CA  1 
ATOM   703  C  C   . ASP A 1 94  ? 5.726   -1.353  -5.009  1.00 10.31 ? 173  ASP A C   1 
ATOM   704  O  O   . ASP A 1 94  ? 4.905   -1.444  -5.926  1.00 10.44 ? 173  ASP A O   1 
ATOM   705  C  CB  . ASP A 1 94  ? 8.081   -1.763  -5.677  1.00 12.08 ? 173  ASP A CB  1 
ATOM   706  C  CG  . ASP A 1 94  ? 9.352   -2.551  -5.438  1.00 12.37 ? 173  ASP A CG  1 
ATOM   707  O  OD1 . ASP A 1 94  ? 10.406  -2.113  -5.916  1.00 13.62 ? 173  ASP A OD1 1 
ATOM   708  O  OD2 . ASP A 1 94  ? 9.333   -3.610  -4.782  1.00 13.96 ? 173  ASP A OD2 1 
ATOM   709  N  N   . ALA A 1 95  ? 5.709   -0.376  -4.116  1.00 10.49 ? 174  ALA A N   1 
ATOM   710  C  CA  . ALA A 1 95  ? 4.652   0.628   -4.110  1.00 10.82 ? 174  ALA A CA  1 
ATOM   711  C  C   . ALA A 1 95  ? 5.236   2.033   -4.102  1.00 9.89  ? 174  ALA A C   1 
ATOM   712  O  O   . ALA A 1 95  ? 6.089   2.346   -3.263  1.00 10.57 ? 174  ALA A O   1 
ATOM   713  C  CB  . ALA A 1 95  ? 3.729   0.423   -2.886  1.00 10.77 ? 174  ALA A CB  1 
ATOM   714  N  N   . HIS A 1 96  ? 4.763   2.881   -5.013  1.00 9.95  ? 175  HIS A N   1 
ATOM   715  C  CA  . HIS A 1 96  ? 5.227   4.267   -5.128  1.00 10.20 ? 175  HIS A CA  1 
ATOM   716  C  C   . HIS A 1 96  ? 4.085   5.229   -4.839  1.00 10.30 ? 175  HIS A C   1 
ATOM   717  O  O   . HIS A 1 96  ? 2.985   5.081   -5.378  1.00 10.98 ? 175  HIS A O   1 
ATOM   718  C  CB  . HIS A 1 96  ? 5.755   4.562   -6.545  1.00 9.15  ? 175  HIS A CB  1 
ATOM   719  C  CG  . HIS A 1 96  ? 6.881   3.692   -6.980  1.00 9.18  ? 175  HIS A CG  1 
ATOM   720  N  ND1 . HIS A 1 96  ? 7.177   3.483   -8.304  1.00 10.41 ? 175  HIS A ND1 1 
ATOM   721  C  CD2 . HIS A 1 96  ? 7.726   2.941   -6.221  1.00 9.41  ? 175  HIS A CD2 1 
ATOM   722  C  CE1 . HIS A 1 96  ? 8.163   2.621   -8.329  1.00 9.61  ? 175  HIS A CE1 1 
ATOM   723  N  NE2 . HIS A 1 96  ? 8.533   2.262   -7.092  1.00 8.76  ? 175  HIS A NE2 1 
ATOM   724  N  N   . PHE A 1 97  ? 4.357   6.226   -4.012  1.00 11.01 ? 176  PHE A N   1 
ATOM   725  C  CA  . PHE A 1 97  ? 3.367   7.226   -3.654  1.00 12.79 ? 176  PHE A CA  1 
ATOM   726  C  C   . PHE A 1 97  ? 3.755   8.555   -4.289  1.00 13.49 ? 176  PHE A C   1 
ATOM   727  O  O   . PHE A 1 97  ? 4.931   8.926   -4.305  1.00 13.12 ? 176  PHE A O   1 
ATOM   728  C  CB  . PHE A 1 97  ? 3.288   7.377   -2.130  1.00 13.14 ? 176  PHE A CB  1 
ATOM   729  C  CG  . PHE A 1 97  ? 2.858   6.108   -1.422  1.00 14.78 ? 176  PHE A CG  1 
ATOM   730  C  CD1 . PHE A 1 97  ? 1.551   5.957   -0.970  1.00 14.75 ? 176  PHE A CD1 1 
ATOM   731  C  CD2 . PHE A 1 97  ? 3.760   5.058   -1.223  1.00 15.01 ? 176  PHE A CD2 1 
ATOM   732  C  CE1 . PHE A 1 97  ? 1.144   4.779   -0.329  1.00 14.33 ? 176  PHE A CE1 1 
ATOM   733  C  CE2 . PHE A 1 97  ? 3.366   3.877   -0.586  1.00 15.88 ? 176  PHE A CE2 1 
ATOM   734  C  CZ  . PHE A 1 97  ? 2.047   3.739   -0.139  1.00 14.88 ? 176  PHE A CZ  1 
ATOM   735  N  N   . ASP A 1 98  ? 2.761   9.265   -4.810  1.00 13.72 ? 177  ASP A N   1 
ATOM   736  C  CA  . ASP A 1 98  ? 2.995   10.549  -5.453  1.00 14.70 ? 177  ASP A CA  1 
ATOM   737  C  C   . ASP A 1 98  ? 3.412   11.574  -4.399  1.00 15.25 ? 177  ASP A C   1 
ATOM   738  O  O   . ASP A 1 98  ? 2.621   11.988  -3.544  1.00 14.69 ? 177  ASP A O   1 
ATOM   739  C  CB  . ASP A 1 98  ? 1.747   10.995  -6.236  1.00 15.10 ? 177  ASP A CB  1 
ATOM   740  C  CG  . ASP A 1 98  ? 2.002   12.192  -7.153  1.00 15.96 ? 177  ASP A CG  1 
ATOM   741  O  OD1 . ASP A 1 98  ? 1.217   12.356  -8.103  1.00 17.36 ? 177  ASP A OD1 1 
ATOM   742  O  OD2 . ASP A 1 98  ? 2.947   12.979  -6.930  1.00 15.60 ? 177  ASP A OD2 1 
ATOM   743  N  N   . ALA A 1 99  ? 4.688   11.966  -4.462  1.00 15.67 ? 178  ALA A N   1 
ATOM   744  C  CA  . ALA A 1 99  ? 5.253   12.932  -3.533  1.00 15.54 ? 178  ALA A CA  1 
ATOM   745  C  C   . ALA A 1 99  ? 4.590   14.307  -3.592  1.00 15.49 ? 178  ALA A C   1 
ATOM   746  O  O   . ALA A 1 99  ? 4.712   15.090  -2.663  1.00 15.79 ? 178  ALA A O   1 
ATOM   747  C  CB  . ALA A 1 99  ? 6.756   13.061  -3.766  1.00 16.58 ? 178  ALA A CB  1 
ATOM   748  N  N   . GLU A 1 100 ? 3.894   14.614  -4.675  1.00 15.74 ? 179  GLU A N   1 
ATOM   749  C  CA  . GLU A 1 100 ? 3.240   15.909  -4.777  1.00 16.11 ? 179  GLU A CA  1 
ATOM   750  C  C   . GLU A 1 100 ? 1.869   16.006  -4.111  1.00 16.57 ? 179  GLU A C   1 
ATOM   751  O  O   . GLU A 1 100 ? 1.240   17.058  -4.144  1.00 16.34 ? 179  GLU A O   1 
ATOM   752  C  CB  . GLU A 1 100 ? 3.145   16.334  -6.224  1.00 16.86 ? 179  GLU A CB  1 
ATOM   753  C  CG  . GLU A 1 100 ? 4.498   16.592  -6.843  1.00 18.34 ? 179  GLU A CG  1 
ATOM   754  C  CD  . GLU A 1 100 ? 4.372   17.367  -8.118  1.00 19.21 ? 179  GLU A CD  1 
ATOM   755  O  OE1 . GLU A 1 100 ? 4.105   18.583  -8.036  1.00 21.05 ? 179  GLU A OE1 1 
ATOM   756  O  OE2 . GLU A 1 100 ? 4.484   16.757  -9.198  1.00 19.69 ? 179  GLU A OE2 1 
ATOM   757  N  N   . GLU A 1 101 ? 1.401   14.911  -3.519  1.00 16.29 ? 180  GLU A N   1 
ATOM   758  C  CA  . GLU A 1 101 ? 0.098   14.905  -2.857  1.00 16.04 ? 180  GLU A CA  1 
ATOM   759  C  C   . GLU A 1 101 ? 0.244   15.385  -1.428  1.00 16.19 ? 180  GLU A C   1 
ATOM   760  O  O   . GLU A 1 101 ? 1.336   15.363  -0.873  1.00 15.71 ? 180  GLU A O   1 
ATOM   761  C  CB  . GLU A 1 101 ? -0.479  13.471  -2.787  1.00 15.01 ? 180  GLU A CB  1 
ATOM   762  C  CG  . GLU A 1 101 ? -0.530  12.704  -4.091  1.00 13.08 ? 180  GLU A CG  1 
ATOM   763  C  CD  . GLU A 1 101 ? -1.432  13.350  -5.111  1.00 13.56 ? 180  GLU A CD  1 
ATOM   764  O  OE1 . GLU A 1 101 ? -1.440  12.899  -6.282  1.00 12.41 ? 180  GLU A OE1 1 
ATOM   765  O  OE2 . GLU A 1 101 ? -2.146  14.311  -4.751  1.00 13.79 ? 180  GLU A OE2 1 
ATOM   766  N  N   . THR A 1 102 ? -0.840  15.882  -0.845  1.00 16.88 ? 181  THR A N   1 
ATOM   767  C  CA  . THR A 1 102 ? -0.794  16.327  0.534   1.00 17.23 ? 181  THR A CA  1 
ATOM   768  C  C   . THR A 1 102 ? -1.020  14.973  1.234   1.00 16.89 ? 181  THR A C   1 
ATOM   769  O  O   . THR A 1 102 ? -1.982  14.263  0.908   1.00 17.29 ? 181  THR A O   1 
ATOM   770  C  CB  . THR A 1 102 ? -1.953  17.270  0.870   1.00 18.02 ? 181  THR A CB  1 
ATOM   771  O  OG1 . THR A 1 102 ? -1.769  18.503  0.176   1.00 19.85 ? 181  THR A OG1 1 
ATOM   772  C  CG2 . THR A 1 102 ? -1.990  17.562  2.355   1.00 18.56 ? 181  THR A CG2 1 
ATOM   773  N  N   . TRP A 1 103 ? -0.106  14.575  2.110   1.00 16.25 ? 182  TRP A N   1 
ATOM   774  C  CA  . TRP A 1 103 ? -0.236  13.302  2.818   1.00 15.89 ? 182  TRP A CA  1 
ATOM   775  C  C   . TRP A 1 103 ? -0.584  13.603  4.256   1.00 16.18 ? 182  TRP A C   1 
ATOM   776  O  O   . TRP A 1 103 ? 0.087   14.412  4.900   1.00 15.88 ? 182  TRP A O   1 
ATOM   777  C  CB  . TRP A 1 103 ? 1.053   12.479  2.719   1.00 15.52 ? 182  TRP A CB  1 
ATOM   778  C  CG  . TRP A 1 103 ? 1.274   11.980  1.339   1.00 14.43 ? 182  TRP A CG  1 
ATOM   779  C  CD1 . TRP A 1 103 ? 2.235   12.379  0.466   1.00 14.05 ? 182  TRP A CD1 1 
ATOM   780  C  CD2 . TRP A 1 103 ? 0.462   11.032  0.640   1.00 14.79 ? 182  TRP A CD2 1 
ATOM   781  N  NE1 . TRP A 1 103 ? 2.071   11.753  -0.745  1.00 14.13 ? 182  TRP A NE1 1 
ATOM   782  C  CE2 . TRP A 1 103 ? 0.989   10.914  -0.669  1.00 14.27 ? 182  TRP A CE2 1 
ATOM   783  C  CE3 . TRP A 1 103 ? -0.669  10.271  0.983   1.00 13.91 ? 182  TRP A CE3 1 
ATOM   784  C  CZ2 . TRP A 1 103 ? 0.435   10.061  -1.633  1.00 13.95 ? 182  TRP A CZ2 1 
ATOM   785  C  CZ3 . TRP A 1 103 ? -1.217  9.426   0.026   1.00 13.77 ? 182  TRP A CZ3 1 
ATOM   786  C  CH2 . TRP A 1 103 ? -0.664  9.325   -1.270  1.00 13.69 ? 182  TRP A CH2 1 
ATOM   787  N  N   . THR A 1 104 ? -1.656  12.977  4.749   1.00 16.32 ? 183  THR A N   1 
ATOM   788  C  CA  . THR A 1 104 ? -2.097  13.201  6.114   1.00 15.78 ? 183  THR A CA  1 
ATOM   789  C  C   . THR A 1 104 ? -2.375  11.951  6.910   1.00 15.89 ? 183  THR A C   1 
ATOM   790  O  O   . THR A 1 104 ? -2.240  10.828  6.424   1.00 15.76 ? 183  THR A O   1 
ATOM   791  C  CB  . THR A 1 104 ? -3.430  14.006  6.142   1.00 15.79 ? 183  THR A CB  1 
ATOM   792  O  OG1 . THR A 1 104 ? -4.502  13.171  5.698   1.00 15.97 ? 183  THR A OG1 1 
ATOM   793  C  CG2 . THR A 1 104 ? -3.390  15.188  5.205   1.00 15.17 ? 183  THR A CG2 1 
ATOM   794  N  N   . ASN A 1 105 ? -2.712  12.174  8.174   1.00 16.27 ? 184  ASN A N   1 
ATOM   795  C  CA  . ASN A 1 105 ? -3.052  11.091  9.068   1.00 17.00 ? 184  ASN A CA  1 
ATOM   796  C  C   . ASN A 1 105 ? -4.355  11.511  9.764   1.00 16.69 ? 184  ASN A C   1 
ATOM   797  O  O   . ASN A 1 105 ? -4.614  11.182  10.916  1.00 17.00 ? 184  ASN A O   1 
ATOM   798  C  CB  . ASN A 1 105 ? -1.917  10.696  10.036  1.00 18.50 ? 184  ASN A CB  1 
ATOM   799  C  CG  . ASN A 1 105 ? -1.563  11.773  11.045  1.00 20.60 ? 184  ASN A CG  1 
ATOM   800  O  OD1 . ASN A 1 105 ? -0.919  11.476  12.061  1.00 22.00 ? 184  ASN A OD1 1 
ATOM   801  N  ND2 . ASN A 1 105 ? -1.909  13.029  10.755  1.00 21.88 ? 184  ASN A ND2 1 
ATOM   802  N  N   . THR A 1 106 ? -5.177  12.259  9.023   1.00 16.06 ? 185  THR A N   1 
ATOM   803  C  CA  . THR A 1 106 ? -6.465  12.747  9.509   1.00 16.12 ? 185  THR A CA  1 
ATOM   804  C  C   . THR A 1 106 ? -7.477  12.507  8.375   1.00 16.08 ? 185  THR A C   1 
ATOM   805  O  O   . THR A 1 106 ? -7.192  11.747  7.442   1.00 15.72 ? 185  THR A O   1 
ATOM   806  C  CB  . THR A 1 106 ? -6.407  14.249  9.826   1.00 15.81 ? 185  THR A CB  1 
ATOM   807  O  OG1 . THR A 1 106 ? -6.310  14.974  8.597   1.00 16.49 ? 185  THR A OG1 1 
ATOM   808  C  CG2 . THR A 1 106 ? -5.204  14.584  10.719  1.00 15.07 ? 185  THR A CG2 1 
ATOM   809  N  N   . SER A 1 107 ? -8.633  13.169  8.435   1.00 16.07 ? 186  SER A N   1 
ATOM   810  C  CA  . SER A 1 107 ? -9.660  13.011  7.407   1.00 15.90 ? 186  SER A CA  1 
ATOM   811  C  C   . SER A 1 107 ? -9.372  13.800  6.145   1.00 15.95 ? 186  SER A C   1 
ATOM   812  O  O   . SER A 1 107 ? -10.017 13.601  5.111   1.00 15.76 ? 186  SER A O   1 
ATOM   813  C  CB  . SER A 1 107 ? -11.031 13.420  7.954   1.00 16.39 ? 186  SER A CB  1 
ATOM   814  O  OG  . SER A 1 107 ? -11.096 14.801  8.290   1.00 16.43 ? 186  SER A OG  1 
ATOM   815  N  N   . ALA A 1 108 ? -8.416  14.715  6.226   1.00 16.22 ? 187  ALA A N   1 
ATOM   816  C  CA  . ALA A 1 108 ? -8.067  15.528  5.071   1.00 16.70 ? 187  ALA A CA  1 
ATOM   817  C  C   . ALA A 1 108 ? -7.389  14.695  3.984   1.00 16.81 ? 187  ALA A C   1 
ATOM   818  O  O   . ALA A 1 108 ? -6.717  13.709  4.277   1.00 17.31 ? 187  ALA A O   1 
ATOM   819  C  CB  . ALA A 1 108 ? -7.168  16.670  5.500   1.00 15.70 ? 187  ALA A CB  1 
ATOM   820  N  N   . ASN A 1 109 ? -7.625  15.062  2.729   1.00 17.15 ? 188  ASN A N   1 
ATOM   821  C  CA  . ASN A 1 109 ? -7.030  14.360  1.595   1.00 17.08 ? 188  ASN A CA  1 
ATOM   822  C  C   . ASN A 1 109 ? -5.536  14.649  1.610   1.00 16.33 ? 188  ASN A C   1 
ATOM   823  O  O   . ASN A 1 109 ? -5.147  15.798  1.686   1.00 16.62 ? 188  ASN A O   1 
ATOM   824  C  CB  . ASN A 1 109 ? -7.619  14.883  0.293   1.00 18.25 ? 188  ASN A CB  1 
ATOM   825  C  CG  . ASN A 1 109 ? -9.028  14.386  0.053   1.00 19.31 ? 188  ASN A CG  1 
ATOM   826  O  OD1 . ASN A 1 109 ? -9.601  13.679  0.884   1.00 20.18 ? 188  ASN A OD1 1 
ATOM   827  N  ND2 . ASN A 1 109 ? -9.585  14.743  -1.094  1.00 20.27 ? 188  ASN A ND2 1 
ATOM   828  N  N   . TYR A 1 110 ? -4.693  13.626  1.530   1.00 15.74 ? 189  TYR A N   1 
ATOM   829  C  CA  . TYR A 1 110 ? -5.104  12.235  1.427   1.00 14.90 ? 189  TYR A CA  1 
ATOM   830  C  C   . TYR A 1 110 ? -4.531  11.435  2.579   1.00 14.52 ? 189  TYR A C   1 
ATOM   831  O  O   . TYR A 1 110 ? -3.362  11.583  2.915   1.00 14.38 ? 189  TYR A O   1 
ATOM   832  C  CB  . TYR A 1 110 ? -4.596  11.664  0.115   1.00 15.09 ? 189  TYR A CB  1 
ATOM   833  C  CG  . TYR A 1 110 ? -5.300  12.246  -1.075  1.00 15.39 ? 189  TYR A CG  1 
ATOM   834  C  CD1 . TYR A 1 110 ? -4.762  13.327  -1.775  1.00 14.94 ? 189  TYR A CD1 1 
ATOM   835  C  CD2 . TYR A 1 110 ? -6.514  11.718  -1.504  1.00 14.94 ? 189  TYR A CD2 1 
ATOM   836  C  CE1 . TYR A 1 110 ? -5.422  13.861  -2.880  1.00 16.18 ? 189  TYR A CE1 1 
ATOM   837  C  CE2 . TYR A 1 110 ? -7.184  12.241  -2.604  1.00 16.26 ? 189  TYR A CE2 1 
ATOM   838  C  CZ  . TYR A 1 110 ? -6.632  13.312  -3.294  1.00 16.36 ? 189  TYR A CZ  1 
ATOM   839  O  OH  . TYR A 1 110 ? -7.268  13.802  -4.421  1.00 17.56 ? 189  TYR A OH  1 
ATOM   840  N  N   . ASN A 1 111 ? -5.360  10.595  3.201   1.00 13.82 ? 190  ASN A N   1 
ATOM   841  C  CA  . ASN A 1 111 ? -4.909  9.774   4.326   1.00 12.57 ? 190  ASN A CA  1 
ATOM   842  C  C   . ASN A 1 111 ? -3.919  8.715   3.827   1.00 11.41 ? 190  ASN A C   1 
ATOM   843  O  O   . ASN A 1 111 ? -4.259  7.859   3.022   1.00 11.16 ? 190  ASN A O   1 
ATOM   844  C  CB  . ASN A 1 111 ? -6.107  9.135   5.053   1.00 11.50 ? 190  ASN A CB  1 
ATOM   845  C  CG  . ASN A 1 111 ? -5.713  8.457   6.341   1.00 10.14 ? 190  ASN A CG  1 
ATOM   846  O  OD1 . ASN A 1 111 ? -5.363  7.285   6.344   1.00 11.21 ? 190  ASN A OD1 1 
ATOM   847  N  ND2 . ASN A 1 111 ? -5.772  9.180   7.444   1.00 10.46 ? 190  ASN A ND2 1 
ATOM   848  N  N   . LEU A 1 112 ? -2.692  8.766   4.341   1.00 11.59 ? 191  LEU A N   1 
ATOM   849  C  CA  . LEU A 1 112 ? -1.647  7.830   3.944   1.00 11.03 ? 191  LEU A CA  1 
ATOM   850  C  C   . LEU A 1 112 ? -1.944  6.366   4.288   1.00 10.79 ? 191  LEU A C   1 
ATOM   851  O  O   . LEU A 1 112 ? -1.709  5.474   3.457   1.00 10.18 ? 191  LEU A O   1 
ATOM   852  C  CB  . LEU A 1 112 ? -0.298  8.255   4.534   1.00 10.37 ? 191  LEU A CB  1 
ATOM   853  C  CG  . LEU A 1 112 ? 0.881   7.325   4.236   1.00 10.29 ? 191  LEU A CG  1 
ATOM   854  C  CD1 . LEU A 1 112 ? 1.185   7.283   2.742   1.00 10.08 ? 191  LEU A CD1 1 
ATOM   855  C  CD2 . LEU A 1 112 ? 2.092   7.772   5.041   1.00 9.70  ? 191  LEU A CD2 1 
ATOM   856  N  N   . PHE A 1 113 ? -2.477  6.132   5.487   1.00 10.27 ? 192  PHE A N   1 
ATOM   857  C  CA  . PHE A 1 113 ? -2.813  4.773   5.941   1.00 9.96  ? 192  PHE A CA  1 
ATOM   858  C  C   . PHE A 1 113 ? -3.775  4.108   4.965   1.00 9.08  ? 192  PHE A C   1 
ATOM   859  O  O   . PHE A 1 113 ? -3.535  2.968   4.559   1.00 9.72  ? 192  PHE A O   1 
ATOM   860  C  CB  . PHE A 1 113 ? -3.411  4.800   7.365   1.00 10.93 ? 192  PHE A CB  1 
ATOM   861  C  CG  . PHE A 1 113 ? -4.243  3.579   7.715   1.00 11.51 ? 192  PHE A CG  1 
ATOM   862  C  CD1 . PHE A 1 113 ? -3.641  2.343   7.996   1.00 11.24 ? 192  PHE A CD1 1 
ATOM   863  C  CD2 . PHE A 1 113 ? -5.633  3.675   7.766   1.00 11.90 ? 192  PHE A CD2 1 
ATOM   864  C  CE1 . PHE A 1 113 ? -4.423  1.222   8.322   1.00 11.96 ? 192  PHE A CE1 1 
ATOM   865  C  CE2 . PHE A 1 113 ? -6.414  2.561   8.089   1.00 12.28 ? 192  PHE A CE2 1 
ATOM   866  C  CZ  . PHE A 1 113 ? -5.809  1.339   8.366   1.00 11.65 ? 192  PHE A CZ  1 
ATOM   867  N  N   . LEU A 1 114 ? -4.820  4.830   4.556   1.00 9.49  ? 193  LEU A N   1 
ATOM   868  C  CA  . LEU A 1 114 ? -5.822  4.302   3.614   1.00 9.41  ? 193  LEU A CA  1 
ATOM   869  C  C   . LEU A 1 114 ? -5.277  4.047   2.211   1.00 9.34  ? 193  LEU A C   1 
ATOM   870  O  O   . LEU A 1 114 ? -5.533  2.998   1.613   1.00 9.20  ? 193  LEU A O   1 
ATOM   871  C  CB  . LEU A 1 114 ? -7.054  5.206   3.571   1.00 9.57  ? 193  LEU A CB  1 
ATOM   872  C  CG  . LEU A 1 114 ? -7.994  5.137   4.785   1.00 10.84 ? 193  LEU A CG  1 
ATOM   873  C  CD1 . LEU A 1 114 ? -9.050  6.208   4.630   1.00 11.20 ? 193  LEU A CD1 1 
ATOM   874  C  CD2 . LEU A 1 114 ? -8.668  3.781   4.886   1.00 10.95 ? 193  LEU A CD2 1 
ATOM   875  N  N   . VAL A 1 115 ? -4.501  4.999   1.688   1.00 8.92  ? 194  VAL A N   1 
ATOM   876  C  CA  . VAL A 1 115 ? -3.923  4.849   0.356   1.00 8.86  ? 194  VAL A CA  1 
ATOM   877  C  C   . VAL A 1 115 ? -2.922  3.700   0.385   1.00 8.32  ? 194  VAL A C   1 
ATOM   878  O  O   . VAL A 1 115 ? -2.909  2.854   -0.499  1.00 8.97  ? 194  VAL A O   1 
ATOM   879  C  CB  . VAL A 1 115 ? -3.259  6.175   -0.122  1.00 8.16  ? 194  VAL A CB  1 
ATOM   880  C  CG1 . VAL A 1 115 ? -2.439  5.947   -1.416  1.00 6.81  ? 194  VAL A CG1 1 
ATOM   881  C  CG2 . VAL A 1 115 ? -4.350  7.192   -0.384  1.00 8.25  ? 194  VAL A CG2 1 
ATOM   882  N  N   . ALA A 1 116 ? -2.135  3.629   1.450   1.00 9.19  ? 195  ALA A N   1 
ATOM   883  C  CA  . ALA A 1 116 ? -1.143  2.569   1.595   1.00 8.70  ? 195  ALA A CA  1 
ATOM   884  C  C   . ALA A 1 116 ? -1.806  1.190   1.682   1.00 8.94  ? 195  ALA A C   1 
ATOM   885  O  O   . ALA A 1 116 ? -1.362  0.244   1.029   1.00 8.84  ? 195  ALA A O   1 
ATOM   886  C  CB  . ALA A 1 116 ? -0.279  2.828   2.833   1.00 8.85  ? 195  ALA A CB  1 
ATOM   887  N  N   . ALA A 1 117 ? -2.871  1.072   2.481   1.00 8.68  ? 196  ALA A N   1 
ATOM   888  C  CA  . ALA A 1 117 ? -3.575  -0.212  2.628   1.00 7.74  ? 196  ALA A CA  1 
ATOM   889  C  C   . ALA A 1 117 ? -4.065  -0.681  1.263   1.00 6.87  ? 196  ALA A C   1 
ATOM   890  O  O   . ALA A 1 117 ? -3.929  -1.844  0.917   1.00 7.42  ? 196  ALA A O   1 
ATOM   891  C  CB  . ALA A 1 117 ? -4.735  -0.076  3.612   1.00 7.42  ? 196  ALA A CB  1 
ATOM   892  N  N   . HIS A 1 118 ? -4.584  0.245   0.467   1.00 7.34  ? 197  HIS A N   1 
ATOM   893  C  CA  . HIS A 1 118 ? -5.069  -0.110  -0.857  1.00 7.99  ? 197  HIS A CA  1 
ATOM   894  C  C   . HIS A 1 118 ? -3.921  -0.570  -1.765  1.00 8.61  ? 197  HIS A C   1 
ATOM   895  O  O   . HIS A 1 118 ? -4.067  -1.535  -2.528  1.00 7.95  ? 197  HIS A O   1 
ATOM   896  C  CB  . HIS A 1 118 ? -5.802  1.073   -1.483  1.00 8.81  ? 197  HIS A CB  1 
ATOM   897  C  CG  . HIS A 1 118 ? -6.252  0.830   -2.891  1.00 9.53  ? 197  HIS A CG  1 
ATOM   898  N  ND1 . HIS A 1 118 ? -7.535  0.473   -3.245  1.00 9.47  ? 197  HIS A ND1 1 
ATOM   899  C  CD2 . HIS A 1 118 ? -5.568  0.941   -4.058  1.00 10.22 ? 197  HIS A CD2 1 
ATOM   900  C  CE1 . HIS A 1 118 ? -7.594  0.382   -4.581  1.00 10.11 ? 197  HIS A CE1 1 
ATOM   901  N  NE2 . HIS A 1 118 ? -6.420  0.659   -5.122  1.00 10.81 ? 197  HIS A NE2 1 
ATOM   902  N  N   . GLU A 1 119 ? -2.805  0.172   -1.747  1.00 9.36  ? 198  GLU A N   1 
ATOM   903  C  CA  . GLU A 1 119 ? -1.629  -0.178  -2.570  1.00 8.93  ? 198  GLU A CA  1 
ATOM   904  C  C   . GLU A 1 119 ? -1.076  -1.546  -2.209  1.00 8.08  ? 198  GLU A C   1 
ATOM   905  O  O   . GLU A 1 119 ? -0.690  -2.304  -3.088  1.00 8.30  ? 198  GLU A O   1 
ATOM   906  C  CB  . GLU A 1 119 ? -0.495  0.853   -2.425  1.00 8.33  ? 198  GLU A CB  1 
ATOM   907  C  CG  . GLU A 1 119 ? -0.869  2.248   -2.900  1.00 9.36  ? 198  GLU A CG  1 
ATOM   908  C  CD  . GLU A 1 119 ? -1.518  2.235   -4.272  1.00 10.13 ? 198  GLU A CD  1 
ATOM   909  O  OE1 . GLU A 1 119 ? -2.525  2.942   -4.456  1.00 12.59 ? 198  GLU A OE1 1 
ATOM   910  O  OE2 . GLU A 1 119 ? -1.038  1.507   -5.163  1.00 11.00 ? 198  GLU A OE2 1 
ATOM   911  N  N   . PHE A 1 120 ? -1.021  -1.864  -0.920  1.00 8.24  ? 199  PHE A N   1 
ATOM   912  C  CA  . PHE A 1 120 ? -0.501  -3.165  -0.496  1.00 9.07  ? 199  PHE A CA  1 
ATOM   913  C  C   . PHE A 1 120 ? -1.365  -4.307  -0.994  1.00 8.47  ? 199  PHE A C   1 
ATOM   914  O  O   . PHE A 1 120 ? -0.906  -5.450  -1.055  1.00 8.85  ? 199  PHE A O   1 
ATOM   915  C  CB  . PHE A 1 120 ? -0.274  -3.230  1.012   1.00 10.05 ? 199  PHE A CB  1 
ATOM   916  C  CG  . PHE A 1 120 ? 0.706   -2.213  1.509   1.00 12.10 ? 199  PHE A CG  1 
ATOM   917  C  CD1 . PHE A 1 120 ? 0.621   -1.717  2.798   1.00 12.58 ? 199  PHE A CD1 1 
ATOM   918  C  CD2 . PHE A 1 120 ? 1.715   -1.720  0.655   1.00 12.93 ? 199  PHE A CD2 1 
ATOM   919  C  CE1 . PHE A 1 120 ? 1.512   -0.737  3.248   1.00 13.60 ? 199  PHE A CE1 1 
ATOM   920  C  CE2 . PHE A 1 120 ? 2.610   -0.744  1.090   1.00 13.27 ? 199  PHE A CE2 1 
ATOM   921  C  CZ  . PHE A 1 120 ? 2.514   -0.251  2.385   1.00 13.62 ? 199  PHE A CZ  1 
ATOM   922  N  N   . GLY A 1 121 ? -2.624  -4.012  -1.298  1.00 8.22  ? 200  GLY A N   1 
ATOM   923  C  CA  . GLY A 1 121 ? -3.508  -5.042  -1.807  1.00 8.26  ? 200  GLY A CA  1 
ATOM   924  C  C   . GLY A 1 121 ? -2.967  -5.375  -3.198  1.00 8.07  ? 200  GLY A C   1 
ATOM   925  O  O   . GLY A 1 121 ? -2.879  -6.542  -3.569  1.00 8.50  ? 200  GLY A O   1 
ATOM   926  N  N   . HIS A 1 122 ? -2.601  -4.343  -3.971  1.00 8.51  ? 201  HIS A N   1 
ATOM   927  C  CA  . HIS A 1 122 ? -2.050  -4.531  -5.316  1.00 9.14  ? 201  HIS A CA  1 
ATOM   928  C  C   . HIS A 1 122 ? -0.727  -5.296  -5.164  1.00 8.91  ? 201  HIS A C   1 
ATOM   929  O  O   . HIS A 1 122 ? -0.482  -6.287  -5.835  1.00 9.05  ? 201  HIS A O   1 
ATOM   930  C  CB  . HIS A 1 122 ? -1.791  -3.172  -6.007  1.00 10.34 ? 201  HIS A CB  1 
ATOM   931  C  CG  . HIS A 1 122 ? -3.031  -2.498  -6.517  1.00 11.22 ? 201  HIS A CG  1 
ATOM   932  N  ND1 . HIS A 1 122 ? -3.924  -3.080  -7.392  1.00 12.03 ? 201  HIS A ND1 1 
ATOM   933  C  CD2 . HIS A 1 122 ? -3.524  -1.260  -6.263  1.00 12.15 ? 201  HIS A CD2 1 
ATOM   934  C  CE1 . HIS A 1 122 ? -4.910  -2.202  -7.636  1.00 12.97 ? 201  HIS A CE1 1 
ATOM   935  N  NE2 . HIS A 1 122 ? -4.721  -1.074  -6.978  1.00 12.18 ? 201  HIS A NE2 1 
ATOM   936  N  N   . SER A 1 123 ? 0.102   -4.866  -4.219  1.00 9.71  ? 202  SER A N   1 
ATOM   937  C  CA  . SER A 1 123 ? 1.396   -5.518  -3.984  1.00 10.25 ? 202  SER A CA  1 
ATOM   938  C  C   . SER A 1 123 ? 1.230   -6.989  -3.648  1.00 11.07 ? 202  SER A C   1 
ATOM   939  O  O   . SER A 1 123 ? 2.163   -7.765  -3.811  1.00 11.28 ? 202  SER A O   1 
ATOM   940  C  CB  . SER A 1 123 ? 2.150   -4.845  -2.818  1.00 10.65 ? 202  SER A CB  1 
ATOM   941  O  OG  . SER A 1 123 ? 2.370   -3.458  -3.035  1.00 11.97 ? 202  SER A OG  1 
ATOM   942  N  N   . LEU A 1 124 ? 0.063   -7.356  -3.105  1.00 11.69 ? 203  LEU A N   1 
ATOM   943  C  CA  . LEU A 1 124 ? -0.211  -8.744  -2.739  1.00 12.26 ? 203  LEU A CA  1 
ATOM   944  C  C   . LEU A 1 124 ? -0.830  -9.560  -3.855  1.00 12.43 ? 203  LEU A C   1 
ATOM   945  O  O   . LEU A 1 124 ? -0.932  -10.780 -3.740  1.00 13.46 ? 203  LEU A O   1 
ATOM   946  C  CB  . LEU A 1 124 ? -1.046  -8.839  -1.439  1.00 11.89 ? 203  LEU A CB  1 
ATOM   947  C  CG  . LEU A 1 124 ? -0.336  -8.255  -0.210  1.00 12.43 ? 203  LEU A CG  1 
ATOM   948  C  CD1 . LEU A 1 124 ? -1.235  -8.274  1.028   1.00 12.83 ? 203  LEU A CD1 1 
ATOM   949  C  CD2 . LEU A 1 124 ? 0.986   -9.002  0.035   1.00 12.74 ? 203  LEU A CD2 1 
ATOM   950  N  N   . GLY A 1 125 ? -1.206  -8.902  -4.944  1.00 12.82 ? 204  GLY A N   1 
ATOM   951  C  CA  . GLY A 1 125 ? -1.793  -9.621  -6.057  1.00 13.24 ? 204  GLY A CA  1 
ATOM   952  C  C   . GLY A 1 125 ? -3.280  -9.452  -6.235  1.00 13.74 ? 204  GLY A C   1 
ATOM   953  O  O   . GLY A 1 125 ? -3.856  -10.055 -7.143  1.00 13.99 ? 204  GLY A O   1 
ATOM   954  N  N   . LEU A 1 126 ? -3.913  -8.651  -5.388  1.00 14.52 ? 205  LEU A N   1 
ATOM   955  C  CA  . LEU A 1 126 ? -5.357  -8.448  -5.515  1.00 15.14 ? 205  LEU A CA  1 
ATOM   956  C  C   . LEU A 1 126 ? -5.690  -7.472  -6.635  1.00 15.27 ? 205  LEU A C   1 
ATOM   957  O  O   . LEU A 1 126 ? -4.929  -6.540  -6.919  1.00 15.92 ? 205  LEU A O   1 
ATOM   958  C  CB  . LEU A 1 126 ? -5.978  -7.976  -4.196  1.00 16.07 ? 205  LEU A CB  1 
ATOM   959  C  CG  . LEU A 1 126 ? -6.148  -9.011  -3.067  1.00 16.84 ? 205  LEU A CG  1 
ATOM   960  C  CD1 . LEU A 1 126 ? -4.801  -9.317  -2.421  1.00 17.54 ? 205  LEU A CD1 1 
ATOM   961  C  CD2 . LEU A 1 126 ? -7.104  -8.464  -2.029  1.00 16.40 ? 205  LEU A CD2 1 
ATOM   962  N  N   . ALA A 1 127 ? -6.784  -7.734  -7.330  1.00 14.75 ? 206  ALA A N   1 
ATOM   963  C  CA  . ALA A 1 127 ? -7.206  -6.864  -8.406  1.00 15.09 ? 206  ALA A CA  1 
ATOM   964  C  C   . ALA A 1 127 ? -8.218  -5.889  -7.813  1.00 14.84 ? 206  ALA A C   1 
ATOM   965  O  O   . ALA A 1 127 ? -8.494  -5.917  -6.616  1.00 15.92 ? 206  ALA A O   1 
ATOM   966  C  CB  . ALA A 1 127 ? -7.843  -7.680  -9.516  1.00 15.45 ? 206  ALA A CB  1 
ATOM   967  N  N   . HIS A 1 128 ? -8.737  -4.986  -8.625  1.00 13.90 ? 207  HIS A N   1 
ATOM   968  C  CA  . HIS A 1 128 ? -9.715  -4.047  -8.126  1.00 13.61 ? 207  HIS A CA  1 
ATOM   969  C  C   . HIS A 1 128 ? -11.048 -4.769  -7.922  1.00 13.64 ? 207  HIS A C   1 
ATOM   970  O  O   . HIS A 1 128 ? -11.360 -5.715  -8.638  1.00 12.95 ? 207  HIS A O   1 
ATOM   971  C  CB  . HIS A 1 128 ? -9.908  -2.911  -9.114  1.00 12.99 ? 207  HIS A CB  1 
ATOM   972  C  CG  . HIS A 1 128 ? -8.858  -1.856  -9.009  1.00 12.45 ? 207  HIS A CG  1 
ATOM   973  N  ND1 . HIS A 1 128 ? -8.392  -1.133  -10.081 1.00 12.58 ? 207  HIS A ND1 1 
ATOM   974  C  CD2 . HIS A 1 128 ? -8.231  -1.346  -7.917  1.00 12.43 ? 207  HIS A CD2 1 
ATOM   975  C  CE1 . HIS A 1 128 ? -7.526  -0.220  -9.621  1.00 12.68 ? 207  HIS A CE1 1 
ATOM   976  N  NE2 . HIS A 1 128 ? -7.385  -0.314  -8.319  1.00 12.67 ? 207  HIS A NE2 1 
ATOM   977  N  N   . SER A 1 129 ? -11.839 -4.302  -6.966  1.00 13.69 ? 208  SER A N   1 
ATOM   978  C  CA  . SER A 1 129 ? -13.139 -4.893  -6.676  1.00 14.72 ? 208  SER A CA  1 
ATOM   979  C  C   . SER A 1 129 ? -14.278 -3.983  -7.156  1.00 14.77 ? 208  SER A C   1 
ATOM   980  O  O   . SER A 1 129 ? -14.139 -2.756  -7.186  1.00 14.58 ? 208  SER A O   1 
ATOM   981  C  CB  . SER A 1 129 ? -13.266 -5.169  -5.173  1.00 13.77 ? 208  SER A CB  1 
ATOM   982  O  OG  . SER A 1 129 ? -14.621 -5.364  -4.818  1.00 14.99 ? 208  SER A OG  1 
ATOM   983  N  N   . SER A 1 130 ? -15.424 -4.574  -7.490  1.00 15.23 ? 209  SER A N   1 
ATOM   984  C  CA  . SER A 1 130 ? -16.574 -3.804  -7.954  1.00 15.81 ? 209  SER A CA  1 
ATOM   985  C  C   . SER A 1 130 ? -17.472 -3.360  -6.809  1.00 15.77 ? 209  SER A C   1 
ATOM   986  O  O   . SER A 1 130 ? -18.390 -2.563  -7.002  1.00 16.05 ? 209  SER A O   1 
ATOM   987  C  CB  . SER A 1 130 ? -17.404 -4.617  -8.958  1.00 16.67 ? 209  SER A CB  1 
ATOM   988  O  OG  . SER A 1 130 ? -16.624 -5.087  -10.048 1.00 17.78 ? 209  SER A OG  1 
ATOM   989  N  N   . ASP A 1 131 ? -17.205 -3.880  -5.617  1.00 16.39 ? 210  ASP A N   1 
ATOM   990  C  CA  . ASP A 1 131 ? -17.975 -3.554  -4.410  1.00 16.55 ? 210  ASP A CA  1 
ATOM   991  C  C   . ASP A 1 131 ? -17.565 -2.179  -3.863  1.00 16.43 ? 210  ASP A C   1 
ATOM   992  O  O   . ASP A 1 131 ? -16.491 -2.034  -3.310  1.00 16.35 ? 210  ASP A O   1 
ATOM   993  C  CB  . ASP A 1 131 ? -17.700 -4.651  -3.369  1.00 17.62 ? 210  ASP A CB  1 
ATOM   994  C  CG  . ASP A 1 131 ? -18.598 -4.563  -2.133  1.00 19.21 ? 210  ASP A CG  1 
ATOM   995  O  OD1 . ASP A 1 131 ? -19.247 -3.519  -1.901  1.00 19.62 ? 210  ASP A OD1 1 
ATOM   996  O  OD2 . ASP A 1 131 ? -18.637 -5.559  -1.376  1.00 20.62 ? 210  ASP A OD2 1 
ATOM   997  N  N   . PRO A 1 132 ? -18.450 -1.174  -3.942  1.00 16.81 ? 211  PRO A N   1 
ATOM   998  C  CA  . PRO A 1 132 ? -18.175 0.187   -3.456  1.00 16.78 ? 211  PRO A CA  1 
ATOM   999  C  C   . PRO A 1 132 ? -17.743 0.317   -1.987  1.00 16.86 ? 211  PRO A C   1 
ATOM   1000 O  O   . PRO A 1 132 ? -17.248 1.370   -1.577  1.00 16.91 ? 211  PRO A O   1 
ATOM   1001 C  CB  . PRO A 1 132 ? -19.480 0.933   -3.753  1.00 17.29 ? 211  PRO A CB  1 
ATOM   1002 C  CG  . PRO A 1 132 ? -20.519 -0.160  -3.761  1.00 17.35 ? 211  PRO A CG  1 
ATOM   1003 C  CD  . PRO A 1 132 ? -19.814 -1.260  -4.494  1.00 17.03 ? 211  PRO A CD  1 
ATOM   1004 N  N   . GLY A 1 133 ? -17.949 -0.740  -1.203  1.00 16.45 ? 212  GLY A N   1 
ATOM   1005 C  CA  . GLY A 1 133 ? -17.572 -0.721  0.193   1.00 15.41 ? 212  GLY A CA  1 
ATOM   1006 C  C   . GLY A 1 133 ? -16.244 -1.429  0.422   1.00 15.26 ? 212  GLY A C   1 
ATOM   1007 O  O   . GLY A 1 133 ? -15.758 -1.497  1.544   1.00 15.97 ? 212  GLY A O   1 
ATOM   1008 N  N   . ALA A 1 134 ? -15.635 -1.953  -0.632  1.00 14.16 ? 213  ALA A N   1 
ATOM   1009 C  CA  . ALA A 1 134 ? -14.361 -2.650  -0.482  1.00 13.77 ? 213  ALA A CA  1 
ATOM   1010 C  C   . ALA A 1 134 ? -13.158 -1.719  -0.599  1.00 13.15 ? 213  ALA A C   1 
ATOM   1011 O  O   . ALA A 1 134 ? -13.180 -0.769  -1.378  1.00 13.17 ? 213  ALA A O   1 
ATOM   1012 C  CB  . ALA A 1 134 ? -14.241 -3.753  -1.519  1.00 12.50 ? 213  ALA A CB  1 
ATOM   1013 N  N   . LEU A 1 135 ? -12.119 -2.011  0.183   1.00 12.89 ? 214  LEU A N   1 
ATOM   1014 C  CA  . LEU A 1 135 ? -10.875 -1.233  0.184   1.00 11.92 ? 214  LEU A CA  1 
ATOM   1015 C  C   . LEU A 1 135 ? -10.282 -1.255  -1.223  1.00 11.82 ? 214  LEU A C   1 
ATOM   1016 O  O   . LEU A 1 135 ? -9.709  -0.275  -1.679  1.00 11.81 ? 214  LEU A O   1 
ATOM   1017 C  CB  . LEU A 1 135 ? -9.871  -1.851  1.151   1.00 11.77 ? 214  LEU A CB  1 
ATOM   1018 C  CG  . LEU A 1 135 ? -8.479  -1.230  1.169   1.00 11.56 ? 214  LEU A CG  1 
ATOM   1019 C  CD1 . LEU A 1 135 ? -8.579  0.229   1.553   1.00 11.15 ? 214  LEU A CD1 1 
ATOM   1020 C  CD2 . LEU A 1 135 ? -7.612  -1.979  2.136   1.00 11.39 ? 214  LEU A CD2 1 
ATOM   1021 N  N   . MET A 1 136 ? -10.446 -2.372  -1.922  1.00 11.67 ? 215  MET A N   1 
ATOM   1022 C  CA  . MET A 1 136 ? -9.930  -2.520  -3.273  1.00 11.65 ? 215  MET A CA  1 
ATOM   1023 C  C   . MET A 1 136 ? -10.766 -1.885  -4.405  1.00 11.26 ? 215  MET A C   1 
ATOM   1024 O  O   . MET A 1 136 ? -10.457 -2.070  -5.584  1.00 10.96 ? 215  MET A O   1 
ATOM   1025 C  CB  . MET A 1 136 ? -9.610  -3.991  -3.561  1.00 12.12 ? 215  MET A CB  1 
ATOM   1026 C  CG  . MET A 1 136 ? -8.457  -4.577  -2.721  1.00 13.03 ? 215  MET A CG  1 
ATOM   1027 S  SD  . MET A 1 136 ? -6.930  -3.523  -2.699  1.00 13.20 ? 215  MET A SD  1 
ATOM   1028 C  CE  . MET A 1 136 ? -6.458  -3.572  -4.408  1.00 13.34 ? 215  MET A CE  1 
ATOM   1029 N  N   . TYR A 1 137 ? -11.813 -1.143  -4.049  1.00 11.12 ? 216  TYR A N   1 
ATOM   1030 C  CA  . TYR A 1 137 ? -12.669 -0.480  -5.033  1.00 11.68 ? 216  TYR A CA  1 
ATOM   1031 C  C   . TYR A 1 137 ? -11.761 0.618   -5.624  1.00 12.17 ? 216  TYR A C   1 
ATOM   1032 O  O   . TYR A 1 137 ? -11.030 1.274   -4.883  1.00 13.10 ? 216  TYR A O   1 
ATOM   1033 C  CB  . TYR A 1 137 ? -13.898 0.136   -4.328  1.00 11.01 ? 216  TYR A CB  1 
ATOM   1034 C  CG  . TYR A 1 137 ? -14.927 0.779   -5.243  1.00 10.79 ? 216  TYR A CG  1 
ATOM   1035 C  CD1 . TYR A 1 137 ? -15.032 2.166   -5.326  1.00 11.58 ? 216  TYR A CD1 1 
ATOM   1036 C  CD2 . TYR A 1 137 ? -15.789 0.008   -6.020  1.00 10.40 ? 216  TYR A CD2 1 
ATOM   1037 C  CE1 . TYR A 1 137 ? -15.972 2.779   -6.168  1.00 11.74 ? 216  TYR A CE1 1 
ATOM   1038 C  CE2 . TYR A 1 137 ? -16.733 0.603   -6.863  1.00 10.81 ? 216  TYR A CE2 1 
ATOM   1039 C  CZ  . TYR A 1 137 ? -16.818 1.989   -6.933  1.00 11.31 ? 216  TYR A CZ  1 
ATOM   1040 O  OH  . TYR A 1 137 ? -17.729 2.600   -7.756  1.00 11.32 ? 216  TYR A OH  1 
ATOM   1041 N  N   . PRO A 1 138 ? -11.775 0.794   -6.950  1.00 12.81 ? 217  PRO A N   1 
ATOM   1042 C  CA  . PRO A 1 138 ? -10.971 1.784   -7.695  1.00 12.87 ? 217  PRO A CA  1 
ATOM   1043 C  C   . PRO A 1 138 ? -11.279 3.268   -7.476  1.00 13.72 ? 217  PRO A C   1 
ATOM   1044 O  O   . PRO A 1 138 ? -11.461 4.016   -8.442  1.00 14.22 ? 217  PRO A O   1 
ATOM   1045 C  CB  . PRO A 1 138 ? -11.192 1.361   -9.151  1.00 12.47 ? 217  PRO A CB  1 
ATOM   1046 C  CG  . PRO A 1 138 ? -12.591 0.845   -9.130  1.00 12.94 ? 217  PRO A CG  1 
ATOM   1047 C  CD  . PRO A 1 138 ? -12.590 -0.001  -7.885  1.00 12.56 ? 217  PRO A CD  1 
ATOM   1048 N  N   . ASN A 1 139 ? -11.323 3.707   -6.223  1.00 14.83 ? 218  ASN A N   1 
ATOM   1049 C  CA  . ASN A 1 139 ? -11.607 5.110   -5.918  1.00 16.12 ? 218  ASN A CA  1 
ATOM   1050 C  C   . ASN A 1 139 ? -11.227 5.374   -4.484  1.00 16.25 ? 218  ASN A C   1 
ATOM   1051 O  O   . ASN A 1 139 ? -11.285 4.473   -3.657  1.00 16.12 ? 218  ASN A O   1 
ATOM   1052 C  CB  . ASN A 1 139 ? -13.085 5.461   -6.135  1.00 18.94 ? 218  ASN A CB  1 
ATOM   1053 C  CG  . ASN A 1 139 ? -13.386 6.955   -5.938  1.00 20.97 ? 218  ASN A CG  1 
ATOM   1054 O  OD1 . ASN A 1 139 ? -14.431 7.315   -5.384  1.00 23.06 ? 218  ASN A OD1 1 
ATOM   1055 N  ND2 . ASN A 1 139 ? -12.482 7.833   -6.403  1.00 21.69 ? 218  ASN A ND2 1 
ATOM   1056 N  N   . TYR A 1 140 ? -10.783 6.593   -4.208  1.00 16.71 ? 219  TYR A N   1 
ATOM   1057 C  CA  . TYR A 1 140 ? -10.397 6.957   -2.856  1.00 16.38 ? 219  TYR A CA  1 
ATOM   1058 C  C   . TYR A 1 140 ? -11.563 7.638   -2.156  1.00 17.84 ? 219  TYR A C   1 
ATOM   1059 O  O   . TYR A 1 140 ? -12.192 8.545   -2.715  1.00 18.26 ? 219  TYR A O   1 
ATOM   1060 C  CB  . TYR A 1 140 ? -9.196  7.912   -2.858  1.00 13.87 ? 219  TYR A CB  1 
ATOM   1061 C  CG  . TYR A 1 140 ? -8.887  8.491   -1.491  1.00 11.60 ? 219  TYR A CG  1 
ATOM   1062 C  CD1 . TYR A 1 140 ? -9.504  9.664   -1.050  1.00 9.78  ? 219  TYR A CD1 1 
ATOM   1063 C  CD2 . TYR A 1 140 ? -8.019  7.839   -0.622  1.00 10.00 ? 219  TYR A CD2 1 
ATOM   1064 C  CE1 . TYR A 1 140 ? -9.268  10.169  0.229   1.00 9.82  ? 219  TYR A CE1 1 
ATOM   1065 C  CE2 . TYR A 1 140 ? -7.778  8.336   0.656   1.00 10.25 ? 219  TYR A CE2 1 
ATOM   1066 C  CZ  . TYR A 1 140 ? -8.405  9.497   1.076   1.00 9.58  ? 219  TYR A CZ  1 
ATOM   1067 O  OH  . TYR A 1 140 ? -8.163  9.991   2.348   1.00 10.70 ? 219  TYR A OH  1 
ATOM   1068 N  N   . ALA A 1 141 ? -11.814 7.229   -0.917  1.00 19.27 ? 220  ALA A N   1 
ATOM   1069 C  CA  . ALA A 1 141 ? -12.887 7.779   -0.084  1.00 20.45 ? 220  ALA A CA  1 
ATOM   1070 C  C   . ALA A 1 141 ? -12.453 7.520   1.361   1.00 20.56 ? 220  ALA A C   1 
ATOM   1071 O  O   . ALA A 1 141 ? -12.062 6.393   1.714   1.00 21.17 ? 220  ALA A O   1 
ATOM   1072 C  CB  . ALA A 1 141 ? -14.240 7.098   -0.387  1.00 21.29 ? 220  ALA A CB  1 
ATOM   1073 N  N   . PHE A 1 142 ? -12.422 8.575   2.167   1.00 20.22 ? 221  PHE A N   1 
ATOM   1074 C  CA  . PHE A 1 142 ? -12.020 8.438   3.558   1.00 20.82 ? 221  PHE A CA  1 
ATOM   1075 C  C   . PHE A 1 142 ? -13.084 7.690   4.390   1.00 21.70 ? 221  PHE A C   1 
ATOM   1076 O  O   . PHE A 1 142 ? -14.286 7.834   4.154   1.00 21.60 ? 221  PHE A O   1 
ATOM   1077 C  CB  . PHE A 1 142 ? -11.759 9.833   4.159   1.00 19.64 ? 221  PHE A CB  1 
ATOM   1078 C  CG  . PHE A 1 142 ? -11.300 9.805   5.595   1.00 18.74 ? 221  PHE A CG  1 
ATOM   1079 C  CD1 . PHE A 1 142 ? -9.974  9.503   5.913   1.00 17.79 ? 221  PHE A CD1 1 
ATOM   1080 C  CD2 . PHE A 1 142 ? -12.204 10.043  6.640   1.00 18.26 ? 221  PHE A CD2 1 
ATOM   1081 C  CE1 . PHE A 1 142 ? -9.556  9.432   7.245   1.00 17.49 ? 221  PHE A CE1 1 
ATOM   1082 C  CE2 . PHE A 1 142 ? -11.792 9.974   7.977   1.00 17.57 ? 221  PHE A CE2 1 
ATOM   1083 C  CZ  . PHE A 1 142 ? -10.463 9.666   8.277   1.00 17.33 ? 221  PHE A CZ  1 
ATOM   1084 N  N   . ARG A 1 143 ? -12.618 6.884   5.340   1.00 22.91 ? 222  ARG A N   1 
ATOM   1085 C  CA  . ARG A 1 143 ? -13.472 6.109   6.238   1.00 24.46 ? 222  ARG A CA  1 
ATOM   1086 C  C   . ARG A 1 143 ? -12.711 6.216   7.554   1.00 24.46 ? 222  ARG A C   1 
ATOM   1087 O  O   . ARG A 1 143 ? -11.476 6.310   7.539   1.00 24.17 ? 222  ARG A O   1 
ATOM   1088 C  CB  . ARG A 1 143 ? -13.538 4.620   5.841   1.00 26.44 ? 222  ARG A CB  1 
ATOM   1089 C  CG  . ARG A 1 143 ? -13.287 4.313   4.372   1.00 30.57 ? 222  ARG A CG  1 
ATOM   1090 C  CD  . ARG A 1 143 ? -14.425 3.540   3.729   1.00 33.46 ? 222  ARG A CD  1 
ATOM   1091 N  NE  . ARG A 1 143 ? -14.134 3.254   2.320   1.00 36.43 ? 222  ARG A NE  1 
ATOM   1092 C  CZ  . ARG A 1 143 ? -13.667 2.089   1.871   1.00 38.24 ? 222  ARG A CZ  1 
ATOM   1093 N  NH1 . ARG A 1 143 ? -13.426 1.085   2.731   1.00 38.49 ? 222  ARG A NH1 1 
ATOM   1094 N  NH2 . ARG A 1 143 ? -13.471 1.919   0.558   1.00 38.74 ? 222  ARG A NH2 1 
ATOM   1095 N  N   . GLU A 1 144 ? -13.426 6.222   8.680   1.00 24.10 ? 223  GLU A N   1 
ATOM   1096 C  CA  . GLU A 1 144 ? -12.804 6.316   10.005  1.00 24.23 ? 223  GLU A CA  1 
ATOM   1097 C  C   . GLU A 1 144 ? -11.634 5.357   10.152  1.00 23.92 ? 223  GLU A C   1 
ATOM   1098 O  O   . GLU A 1 144 ? -11.801 4.138   10.145  1.00 23.70 ? 223  GLU A O   1 
ATOM   1099 C  CB  . GLU A 1 144 ? -13.826 6.015   11.099  1.00 24.85 ? 223  GLU A CB  1 
ATOM   1100 C  CG  . GLU A 1 144 ? -14.445 7.236   11.671  1.00 25.51 ? 223  GLU A CG  1 
ATOM   1101 C  CD  . GLU A 1 144 ? -13.408 8.180   12.196  1.00 26.39 ? 223  GLU A CD  1 
ATOM   1102 O  OE1 . GLU A 1 144 ? -12.564 7.749   13.008  1.00 27.49 ? 223  GLU A OE1 1 
ATOM   1103 O  OE2 . GLU A 1 144 ? -13.417 9.354   11.784  1.00 27.85 ? 223  GLU A OE2 1 
ATOM   1104 N  N   . THR A 1 145 ? -10.460 5.914   10.381  1.00 23.26 ? 224  THR A N   1 
ATOM   1105 C  CA  . THR A 1 145 ? -9.291  5.092   10.519  1.00 23.74 ? 224  THR A CA  1 
ATOM   1106 C  C   . THR A 1 145 ? -9.076  4.445   11.881  1.00 24.30 ? 224  THR A C   1 
ATOM   1107 O  O   . THR A 1 145 ? -8.371  3.441   11.968  1.00 24.20 ? 224  THR A O   1 
ATOM   1108 C  CB  . THR A 1 145 ? -8.018  5.860   10.063  1.00 23.60 ? 224  THR A CB  1 
ATOM   1109 O  OG1 . THR A 1 145 ? -7.837  7.021   10.882  1.00 23.98 ? 224  THR A OG1 1 
ATOM   1110 C  CG2 . THR A 1 145 ? -8.142  6.302   8.598   1.00 22.56 ? 224  THR A CG2 1 
ATOM   1111 N  N   . SER A 1 146 ? -9.658  4.987   12.951  1.00 24.93 ? 225  SER A N   1 
ATOM   1112 C  CA  . SER A 1 146 ? -9.443  4.356   14.258  1.00 25.97 ? 225  SER A CA  1 
ATOM   1113 C  C   . SER A 1 146 ? -10.116 2.980   14.324  1.00 25.96 ? 225  SER A C   1 
ATOM   1114 O  O   . SER A 1 146 ? -11.303 2.832   13.990  1.00 26.76 ? 225  SER A O   1 
ATOM   1115 C  CB  . SER A 1 146 ? -9.893  5.264   15.408  1.00 26.43 ? 225  SER A CB  1 
ATOM   1116 O  OG  . SER A 1 146 ? -11.271 5.589   15.309  1.00 28.66 ? 225  SER A OG  1 
ATOM   1117 N  N   . ASN A 1 147 ? -9.314  1.963   14.622  0.00 25.79 ? 226  ASN A N   1 
ATOM   1118 C  CA  . ASN A 1 147 ? -9.795  0.587   14.729  0.00 25.42 ? 226  ASN A CA  1 
ATOM   1119 C  C   . ASN A 1 147 ? -10.453 0.076   13.444  0.00 24.93 ? 226  ASN A C   1 
ATOM   1120 O  O   . ASN A 1 147 ? -11.270 -0.844  13.481  0.00 24.93 ? 226  ASN A O   1 
ATOM   1121 C  CB  . ASN A 1 147 ? -10.777 0.450   15.899  0.00 25.75 ? 226  ASN A CB  1 
ATOM   1122 C  CG  . ASN A 1 147 ? -10.271 1.101   17.173  0.00 25.93 ? 226  ASN A CG  1 
ATOM   1123 O  OD1 . ASN A 1 147 ? -9.168  1.647   17.221  0.00 26.05 ? 226  ASN A OD1 1 
ATOM   1124 N  ND2 . ASN A 1 147 ? -11.087 1.052   18.214  0.00 26.05 ? 226  ASN A ND2 1 
ATOM   1125 N  N   . TYR A 1 148 ? -10.107 0.691   12.315  1.00 24.32 ? 227  TYR A N   1 
ATOM   1126 C  CA  . TYR A 1 148 ? -10.648 0.314   10.995  1.00 22.93 ? 227  TYR A CA  1 
ATOM   1127 C  C   . TYR A 1 148 ? -10.164 -1.110  10.737  1.00 21.57 ? 227  TYR A C   1 
ATOM   1128 O  O   . TYR A 1 148 ? -9.104  -1.491  11.228  1.00 21.75 ? 227  TYR A O   1 
ATOM   1129 C  CB  . TYR A 1 148 ? -10.068 1.256   9.916   1.00 22.96 ? 227  TYR A CB  1 
ATOM   1130 C  CG  . TYR A 1 148 ? -10.300 0.845   8.460   1.00 22.51 ? 227  TYR A CG  1 
ATOM   1131 C  CD1 . TYR A 1 148 ? -9.405  0.006   7.787   1.00 21.72 ? 227  TYR A CD1 1 
ATOM   1132 C  CD2 . TYR A 1 148 ? -11.423 1.294   7.762   1.00 22.24 ? 227  TYR A CD2 1 
ATOM   1133 C  CE1 . TYR A 1 148 ? -9.628  -0.373  6.461   1.00 20.80 ? 227  TYR A CE1 1 
ATOM   1134 C  CE2 . TYR A 1 148 ? -11.649 0.923   6.436   1.00 21.49 ? 227  TYR A CE2 1 
ATOM   1135 C  CZ  . TYR A 1 148 ? -10.750 0.096   5.796   1.00 21.00 ? 227  TYR A CZ  1 
ATOM   1136 O  OH  . TYR A 1 148 ? -10.968 -0.234  4.476   1.00 20.73 ? 227  TYR A OH  1 
ATOM   1137 N  N   . SER A 1 149 ? -10.972 -1.925  10.072  1.00 20.53 ? 228  SER A N   1 
ATOM   1138 C  CA  . SER A 1 149 ? -10.551 -3.294  9.777   1.00 19.63 ? 228  SER A CA  1 
ATOM   1139 C  C   . SER A 1 149 ? -10.922 -3.624  8.335   1.00 18.35 ? 228  SER A C   1 
ATOM   1140 O  O   . SER A 1 149 ? -11.813 -2.998  7.754   1.00 18.04 ? 228  SER A O   1 
ATOM   1141 C  CB  . SER A 1 149 ? -11.108 -4.328  10.780  1.00 20.47 ? 228  SER A CB  1 
ATOM   1142 O  OG  . SER A 1 149 ? -12.521 -4.305  10.837  1.00 23.13 ? 228  SER A OG  1 
ATOM   1143 N  N   . LEU A 1 150 ? -10.211 -4.581  7.760   1.00 17.23 ? 229  LEU A N   1 
ATOM   1144 C  CA  . LEU A 1 150 ? -10.451 -4.986  6.391   1.00 16.75 ? 229  LEU A CA  1 
ATOM   1145 C  C   . LEU A 1 150 ? -11.924 -5.321  6.081   1.00 16.80 ? 229  LEU A C   1 
ATOM   1146 O  O   . LEU A 1 150 ? -12.581 -6.047  6.827   1.00 16.45 ? 229  LEU A O   1 
ATOM   1147 C  CB  . LEU A 1 150 ? -9.550  -6.175  6.110   1.00 15.81 ? 229  LEU A CB  1 
ATOM   1148 C  CG  . LEU A 1 150 ? -9.045  -6.362  4.703   1.00 15.36 ? 229  LEU A CG  1 
ATOM   1149 C  CD1 . LEU A 1 150 ? -8.392  -5.088  4.227   1.00 14.34 ? 229  LEU A CD1 1 
ATOM   1150 C  CD2 . LEU A 1 150 ? -8.077  -7.524  4.737   1.00 14.80 ? 229  LEU A CD2 1 
ATOM   1151 N  N   . PRO A 1 151 ? -12.506 -4.699  5.029   1.00 16.20 ? 230  PRO A N   1 
ATOM   1152 C  CA  . PRO A 1 151 ? -13.895 -5.038  4.752   1.00 16.08 ? 230  PRO A CA  1 
ATOM   1153 C  C   . PRO A 1 151 ? -14.039 -6.495  4.333   1.00 16.40 ? 230  PRO A C   1 
ATOM   1154 O  O   . PRO A 1 151 ? -13.068 -7.151  3.938   1.00 16.23 ? 230  PRO A O   1 
ATOM   1155 C  CB  . PRO A 1 151 ? -14.259 -4.084  3.610   1.00 15.22 ? 230  PRO A CB  1 
ATOM   1156 C  CG  . PRO A 1 151 ? -13.425 -2.891  3.899   1.00 15.81 ? 230  PRO A CG  1 
ATOM   1157 C  CD  . PRO A 1 151 ? -12.085 -3.511  4.262   1.00 15.81 ? 230  PRO A CD  1 
ATOM   1158 N  N   . GLN A 1 152 ? -15.275 -6.976  4.359   1.00 16.05 ? 231  GLN A N   1 
ATOM   1159 C  CA  . GLN A 1 152 ? -15.635 -8.334  4.007   1.00 15.78 ? 231  GLN A CA  1 
ATOM   1160 C  C   . GLN A 1 152 ? -15.078 -8.831  2.665   1.00 14.10 ? 231  GLN A C   1 
ATOM   1161 O  O   . GLN A 1 152 ? -14.437 -9.867  2.599   1.00 13.20 ? 231  GLN A O   1 
ATOM   1162 C  CB  . GLN A 1 152 ? -17.171 -8.436  4.003   1.00 18.19 ? 231  GLN A CB  1 
ATOM   1163 C  CG  . GLN A 1 152 ? -17.726 -9.825  3.974   1.00 21.18 ? 231  GLN A CG  1 
ATOM   1164 C  CD  . GLN A 1 152 ? -17.203 -10.699 5.078   1.00 23.11 ? 231  GLN A CD  1 
ATOM   1165 O  OE1 . GLN A 1 152 ? -16.735 -10.223 6.127   1.00 25.73 ? 231  GLN A OE1 1 
ATOM   1166 N  NE2 . GLN A 1 152 ? -17.305 -11.985 4.862   1.00 25.23 ? 231  GLN A NE2 1 
ATOM   1167 N  N   . ASP A 1 153 ? -15.330 -8.054  1.597   1.00 13.01 ? 232  ASP A N   1 
ATOM   1168 C  CA  . ASP A 1 153 ? -14.856 -8.401  0.264   1.00 12.41 ? 232  ASP A CA  1 
ATOM   1169 C  C   . ASP A 1 153 ? -13.347 -8.574  0.120   1.00 10.77 ? 232  ASP A C   1 
ATOM   1170 O  O   . ASP A 1 153 ? -12.871 -9.479  -0.551  1.00 10.89 ? 232  ASP A O   1 
ATOM   1171 C  CB  . ASP A 1 153 ? -15.365 -7.366  -0.758  1.00 12.74 ? 232  ASP A CB  1 
ATOM   1172 C  CG  . ASP A 1 153 ? -15.110 -7.775  -2.205  1.00 13.79 ? 232  ASP A CG  1 
ATOM   1173 O  OD1 . ASP A 1 153 ? -14.430 -7.023  -2.923  1.00 14.75 ? 232  ASP A OD1 1 
ATOM   1174 O  OD2 . ASP A 1 153 ? -15.576 -8.844  -2.639  1.00 14.13 ? 232  ASP A OD2 1 
ATOM   1175 N  N   . ASP A 1 154 ? -12.588 -7.696  0.794   1.00 10.03 ? 233  ASP A N   1 
ATOM   1176 C  CA  . ASP A 1 154 ? -11.137 -7.752  0.763   1.00 10.44 ? 233  ASP A CA  1 
ATOM   1177 C  C   . ASP A 1 154 ? -10.595 -8.991  1.457   1.00 10.14 ? 233  ASP A C   1 
ATOM   1178 O  O   . ASP A 1 154 ? -9.638  -9.602  0.977   1.00 9.89  ? 233  ASP A O   1 
ATOM   1179 C  CB  . ASP A 1 154 ? -10.565 -6.458  1.328   1.00 10.31 ? 233  ASP A CB  1 
ATOM   1180 C  CG  . ASP A 1 154 ? -11.145 -5.254  0.624   1.00 10.54 ? 233  ASP A CG  1 
ATOM   1181 O  OD1 . ASP A 1 154 ? -10.808 -5.042  -0.567  1.00 11.66 ? 233  ASP A OD1 1 
ATOM   1182 O  OD2 . ASP A 1 154 ? -11.981 -4.562  1.222   1.00 10.47 ? 233  ASP A OD2 1 
ATOM   1183 N  N   . ILE A 1 155 ? -11.260 -9.394  2.544   1.00 9.92  ? 234  ILE A N   1 
ATOM   1184 C  CA  . ILE A 1 155 ? -10.873 -10.604 3.291   1.00 10.12 ? 234  ILE A CA  1 
ATOM   1185 C  C   . ILE A 1 155 ? -11.067 -11.765 2.309   1.00 9.82  ? 234  ILE A C   1 
ATOM   1186 O  O   . ILE A 1 155 ? -10.221 -12.647 2.196   1.00 10.19 ? 234  ILE A O   1 
ATOM   1187 C  CB  . ILE A 1 155 ? -11.774 -10.851 4.562   1.00 10.22 ? 234  ILE A CB  1 
ATOM   1188 C  CG1 . ILE A 1 155 ? -11.459 -9.830  5.652   1.00 10.20 ? 234  ILE A CG1 1 
ATOM   1189 C  CG2 . ILE A 1 155 ? -11.565 -12.271 5.117   1.00 9.07  ? 234  ILE A CG2 1 
ATOM   1190 C  CD1 . ILE A 1 155 ? -12.438 -9.861  6.821   1.00 11.44 ? 234  ILE A CD1 1 
ATOM   1191 N  N   . ASP A 1 156 ? -12.200 -11.775 1.612   1.00 9.37  ? 235  ASP A N   1 
ATOM   1192 C  CA  . ASP A 1 156 ? -12.477 -12.830 0.649   1.00 9.98  ? 235  ASP A CA  1 
ATOM   1193 C  C   . ASP A 1 156 ? -11.375 -12.807 -0.425  1.00 9.72  ? 235  ASP A C   1 
ATOM   1194 O  O   . ASP A 1 156 ? -10.937 -13.848 -0.900  1.00 9.45  ? 235  ASP A O   1 
ATOM   1195 C  CB  . ASP A 1 156 ? -13.851 -12.609 -0.007  1.00 9.99  ? 235  ASP A CB  1 
ATOM   1196 C  CG  . ASP A 1 156 ? -15.004 -12.796 0.979   1.00 10.43 ? 235  ASP A CG  1 
ATOM   1197 O  OD1 . ASP A 1 156 ? -14.896 -13.614 1.904   1.00 11.41 ? 235  ASP A OD1 1 
ATOM   1198 O  OD2 . ASP A 1 156 ? -16.009 -12.088 0.840   1.00 10.46 ? 235  ASP A OD2 1 
ATOM   1199 N  N   . GLY A 1 157 ? -10.972 -11.597 -0.810  1.00 10.24 ? 236  GLY A N   1 
ATOM   1200 C  CA  . GLY A 1 157 ? -9.930  -11.403 -1.811  1.00 10.18 ? 236  GLY A CA  1 
ATOM   1201 C  C   . GLY A 1 157 ? -8.574  -12.028 -1.514  1.00 9.73  ? 236  GLY A C   1 
ATOM   1202 O  O   . GLY A 1 157 ? -8.111  -12.828 -2.317  1.00 10.38 ? 236  GLY A O   1 
ATOM   1203 N  N   . ILE A 1 158 ? -7.930  -11.678 -0.400  1.00 11.30 ? 237  ILE A N   1 
ATOM   1204 C  CA  . ILE A 1 158 ? -6.607  -12.270 -0.085  1.00 12.57 ? 237  ILE A CA  1 
ATOM   1205 C  C   . ILE A 1 158 ? -6.765  -13.749 0.155   1.00 13.25 ? 237  ILE A C   1 
ATOM   1206 O  O   . ILE A 1 158 ? -5.892  -14.543 -0.189  1.00 13.72 ? 237  ILE A O   1 
ATOM   1207 C  CB  . ILE A 1 158 ? -5.939  -11.748 1.224   1.00 13.15 ? 237  ILE A CB  1 
ATOM   1208 C  CG1 . ILE A 1 158 ? -6.794  -10.717 1.917   1.00 14.32 ? 237  ILE A CG1 1 
ATOM   1209 C  CG2 . ILE A 1 158 ? -4.502  -11.298 0.994   1.00 13.34 ? 237  ILE A CG2 1 
ATOM   1210 C  CD1 . ILE A 1 158 ? -7.355  -11.252 3.193   1.00 14.61 ? 237  ILE A CD1 1 
ATOM   1211 N  N   . GLN A 1 159 ? -7.863  -14.102 0.826   1.00 13.78 ? 238  GLN A N   1 
ATOM   1212 C  CA  . GLN A 1 159 ? -8.207  -15.484 1.167   1.00 14.11 ? 238  GLN A CA  1 
ATOM   1213 C  C   . GLN A 1 159 ? -8.195  -16.346 -0.079  1.00 13.04 ? 238  GLN A C   1 
ATOM   1214 O  O   . GLN A 1 159 ? -7.637  -17.431 -0.091  1.00 13.24 ? 238  GLN A O   1 
ATOM   1215 C  CB  . GLN A 1 159 ? -9.611  -15.498 1.780   1.00 15.58 ? 238  GLN A CB  1 
ATOM   1216 C  CG  . GLN A 1 159 ? -9.958  -16.715 2.563   1.00 17.47 ? 238  GLN A CG  1 
ATOM   1217 C  CD  . GLN A 1 159 ? -9.122  -16.837 3.802   1.00 17.81 ? 238  GLN A CD  1 
ATOM   1218 O  OE1 . GLN A 1 159 ? -9.011  -17.914 4.365   1.00 17.04 ? 238  GLN A OE1 1 
ATOM   1219 N  NE2 . GLN A 1 159 ? -8.547  -15.723 4.202   1.00 19.19 ? 238  GLN A NE2 1 
ATOM   1220 N  N   . ALA A 1 160 ? -8.828  -15.848 -1.121  1.00 12.57 ? 239  ALA A N   1 
ATOM   1221 C  CA  . ALA A 1 160 ? -8.894  -16.573 -2.370  1.00 12.84 ? 239  ALA A CA  1 
ATOM   1222 C  C   . ALA A 1 160 ? -7.491  -16.869 -2.915  1.00 13.55 ? 239  ALA A C   1 
ATOM   1223 O  O   . ALA A 1 160 ? -7.296  -17.895 -3.581  1.00 13.33 ? 239  ALA A O   1 
ATOM   1224 C  CB  . ALA A 1 160 ? -9.676  -15.780 -3.373  1.00 11.85 ? 239  ALA A CB  1 
ATOM   1225 N  N   . ILE A 1 161 ? -6.524  -16.013 -2.599  1.00 13.98 ? 240  ILE A N   1 
ATOM   1226 C  CA  . ILE A 1 161 ? -5.140  -16.195 -3.073  1.00 14.00 ? 240  ILE A CA  1 
ATOM   1227 C  C   . ILE A 1 161 ? -4.185  -16.958 -2.148  1.00 14.28 ? 240  ILE A C   1 
ATOM   1228 O  O   . ILE A 1 161 ? -3.557  -17.945 -2.576  1.00 14.68 ? 240  ILE A O   1 
ATOM   1229 C  CB  . ILE A 1 161 ? -4.495  -14.822 -3.457  1.00 14.33 ? 240  ILE A CB  1 
ATOM   1230 C  CG1 . ILE A 1 161 ? -5.365  -14.106 -4.486  1.00 13.86 ? 240  ILE A CG1 1 
ATOM   1231 C  CG2 . ILE A 1 161 ? -3.097  -15.042 -4.053  1.00 14.21 ? 240  ILE A CG2 1 
ATOM   1232 C  CD1 . ILE A 1 161 ? -5.057  -12.646 -4.651  1.00 14.59 ? 240  ILE A CD1 1 
ATOM   1233 N  N   . TYR A 1 162 ? -4.093  -16.528 -0.887  1.00 14.16 ? 241  TYR A N   1 
ATOM   1234 C  CA  . TYR A 1 162 ? -3.205  -17.152 0.093   1.00 14.81 ? 241  TYR A CA  1 
ATOM   1235 C  C   . TYR A 1 162 ? -3.810  -18.049 1.173   1.00 16.04 ? 241  TYR A C   1 
ATOM   1236 O  O   . TYR A 1 162 ? -3.067  -18.748 1.861   1.00 16.29 ? 241  TYR A O   1 
ATOM   1237 C  CB  . TYR A 1 162 ? -2.400  -16.069 0.809   1.00 15.15 ? 241  TYR A CB  1 
ATOM   1238 C  CG  . TYR A 1 162 ? -1.614  -15.182 -0.117  1.00 15.21 ? 241  TYR A CG  1 
ATOM   1239 C  CD1 . TYR A 1 162 ? -0.307  -15.510 -0.482  1.00 15.98 ? 241  TYR A CD1 1 
ATOM   1240 C  CD2 . TYR A 1 162 ? -2.181  -14.031 -0.655  1.00 15.08 ? 241  TYR A CD2 1 
ATOM   1241 C  CE1 . TYR A 1 162 ? 0.423   -14.706 -1.373  1.00 15.35 ? 241  TYR A CE1 1 
ATOM   1242 C  CE2 . TYR A 1 162 ? -1.462  -13.217 -1.549  1.00 15.78 ? 241  TYR A CE2 1 
ATOM   1243 C  CZ  . TYR A 1 162 ? -0.159  -13.567 -1.902  1.00 15.70 ? 241  TYR A CZ  1 
ATOM   1244 O  OH  . TYR A 1 162 ? 0.546   -12.791 -2.803  1.00 15.15 ? 241  TYR A OH  1 
ATOM   1245 N  N   . GLY A 1 163 ? -5.129  -18.043 1.319   1.00 17.01 ? 242  GLY A N   1 
ATOM   1246 C  CA  . GLY A 1 163 ? -5.756  -18.864 2.347   1.00 17.17 ? 242  GLY A CA  1 
ATOM   1247 C  C   . GLY A 1 163 ? -5.525  -18.141 3.673   1.00 17.43 ? 242  GLY A C   1 
ATOM   1248 O  O   . GLY A 1 163 ? -5.369  -18.811 4.717   1.00 18.34 ? 242  GLY A O   1 
ATOM   1249 O  OXT . GLY A 1 163 ? -5.431  -16.888 3.674   1.00 17.84 ? 242  GLY A OXT 1 
HETATM 1250 CA CA  . CA  B 2 .   ? 10.090  -5.839  -5.064  1.00 14.50 ? 996  CA  A CA  1 
HETATM 1251 CA CA  . CA  C 2 .   ? -1.218  12.722  -8.366  1.00 13.32 ? 997  CA  A CA  1 
HETATM 1252 ZN ZN  . ZN  D 3 .   ? 6.417   4.179   -9.962  1.00 15.73 ? 998  ZN  A ZN  1 
HETATM 1253 ZN ZN  . ZN  E 3 .   ? -5.990  0.407   -7.086  1.00 13.83 ? 999  ZN  A ZN  1 
HETATM 1254 N  N1  . BBT F 4 .   ? -5.499  2.406   -7.443  1.00 16.74 ? 1000 BBT A N1  1 
HETATM 1255 C  C2  . BBT F 4 .   ? -4.211  2.752   -7.279  1.00 15.95 ? 1000 BBT A C2  1 
HETATM 1256 O  O2  . BBT F 4 .   ? -3.394  1.742   -7.293  1.00 15.21 ? 1000 BBT A O2  1 
HETATM 1257 N  N3  . BBT F 4 .   ? -3.756  3.995   -7.176  1.00 16.43 ? 1000 BBT A N3  1 
HETATM 1258 C  C4  . BBT F 4 .   ? -4.602  5.033   -7.132  1.00 17.11 ? 1000 BBT A C4  1 
HETATM 1259 O  O4  . BBT F 4 .   ? -4.218  6.204   -6.982  1.00 15.92 ? 1000 BBT A O4  1 
HETATM 1260 C  C5  . BBT F 4 .   ? -6.159  4.683   -7.011  1.00 17.01 ? 1000 BBT A C5  1 
HETATM 1261 C  C6  . BBT F 4 .   ? -6.473  3.314   -7.492  1.00 17.45 ? 1000 BBT A C6  1 
HETATM 1262 O  O6  . BBT F 4 .   ? -7.649  3.025   -7.669  1.00 17.62 ? 1000 BBT A O6  1 
HETATM 1263 N  NP1 . BBT F 4 .   ? -6.980  5.711   -7.538  1.00 19.54 ? 1000 BBT A NP1 1 
HETATM 1264 C  CP2 . BBT F 4 .   ? -7.203  6.890   -6.677  1.00 20.00 ? 1000 BBT A CP2 1 
HETATM 1265 C  CP3 . BBT F 4 .   ? -8.427  7.655   -7.028  1.00 21.76 ? 1000 BBT A CP3 1 
HETATM 1266 C  CP4 . BBT F 4 .   ? -8.440  7.924   -8.528  1.00 22.78 ? 1000 BBT A CP4 1 
HETATM 1267 C  CP5 . BBT F 4 .   ? -8.325  6.612   -9.316  1.00 22.17 ? 1000 BBT A CP5 1 
HETATM 1268 C  CP6 . BBT F 4 .   ? -7.005  5.824   -9.020  1.00 20.36 ? 1000 BBT A CP6 1 
HETATM 1269 C  CP7 . BBT F 4 .   ? -9.693  8.716   -8.920  1.00 25.11 ? 1000 BBT A CP7 1 
HETATM 1270 C  CP8 . BBT F 4 .   ? -9.478  9.597   -10.152 1.00 27.06 ? 1000 BBT A CP8 1 
HETATM 1271 O  OP9 . BBT F 4 .   ? -10.711 10.305  -10.172 1.00 30.12 ? 1000 BBT A OP9 1 
HETATM 1272 C  CG  . BBT F 4 .   ? -6.455  4.576   -5.428  1.00 16.15 ? 1000 BBT A CG  1 
HETATM 1273 C  CD1 . BBT F 4 .   ? -5.465  4.748   -4.474  1.00 15.59 ? 1000 BBT A CD1 1 
HETATM 1274 C  CD2 . BBT F 4 .   ? -7.733  4.252   -4.956  1.00 15.54 ? 1000 BBT A CD2 1 
HETATM 1275 C  CE1 . BBT F 4 .   ? -5.723  4.612   -3.068  1.00 15.50 ? 1000 BBT A CE1 1 
HETATM 1276 C  CE2 . BBT F 4 .   ? -8.030  4.112   -3.573  1.00 14.55 ? 1000 BBT A CE2 1 
HETATM 1277 C  CZ  . BBT F 4 .   ? -7.018  4.288   -2.613  1.00 14.67 ? 1000 BBT A CZ  1 
HETATM 1278 O  O   . HOH G 5 .   ? 7.133   -19.527 3.222   1.00 60.59 ? 500  HOH A O   1 
HETATM 1279 O  O   . HOH G 5 .   ? 1.846   -18.688 -1.273  1.00 51.70 ? 501  HOH A O   1 
HETATM 1280 O  O   . HOH G 5 .   ? -0.127  -19.241 1.086   1.00 39.78 ? 502  HOH A O   1 
HETATM 1281 O  O   . HOH G 5 .   ? 8.184   -8.816  -11.349 1.00 60.88 ? 503  HOH A O   1 
HETATM 1282 O  O   . HOH G 5 .   ? 20.317  -7.419  -0.501  1.00 51.53 ? 504  HOH A O   1 
HETATM 1283 O  O   . HOH G 5 .   ? 2.978   -18.462 8.047   1.00 48.76 ? 505  HOH A O   1 
HETATM 1284 O  O   . HOH G 5 .   ? 12.308  -5.424  -11.824 1.00 27.61 ? 506  HOH A O   1 
HETATM 1285 O  O   . HOH G 5 .   ? 6.449   -16.093 7.751   1.00 62.28 ? 507  HOH A O   1 
HETATM 1286 O  O   . HOH G 5 .   ? 5.836   -7.555  -11.326 1.00 46.68 ? 508  HOH A O   1 
HETATM 1287 O  O   . HOH G 5 .   ? 14.629  -9.390  2.114   1.00 34.74 ? 509  HOH A O   1 
HETATM 1288 O  O   . HOH G 5 .   ? 17.618  -7.742  3.355   1.00 61.34 ? 510  HOH A O   1 
HETATM 1289 O  O   . HOH G 5 .   ? 11.536  -6.165  -4.399  1.00 33.48 ? 511  HOH A O   1 
HETATM 1290 O  O   . HOH G 5 .   ? -1.392  -8.425  -11.098 1.00 55.72 ? 512  HOH A O   1 
HETATM 1291 O  O   . HOH G 5 .   ? 7.676   0.029   -19.597 1.00 51.19 ? 513  HOH A O   1 
HETATM 1292 O  O   . HOH G 5 .   ? 4.989   -2.205  -16.871 1.00 73.83 ? 514  HOH A O   1 
HETATM 1293 O  O   . HOH G 5 .   ? -4.392  -8.763  -10.197 1.00 39.34 ? 515  HOH A O   1 
HETATM 1294 O  O   . HOH G 5 .   ? -8.515  -12.626 -4.939  1.00 20.37 ? 516  HOH A O   1 
HETATM 1295 O  O   . HOH G 5 .   ? -11.336 -13.251 -5.851  1.00 28.93 ? 517  HOH A O   1 
HETATM 1296 O  O   . HOH G 5 .   ? 15.649  0.409   -12.459 1.00 47.26 ? 518  HOH A O   1 
HETATM 1297 O  O   . HOH G 5 .   ? 7.080   1.408   -22.139 1.00 31.38 ? 519  HOH A O   1 
HETATM 1298 O  O   . HOH G 5 .   ? 15.106  2.540   -13.760 1.00 37.87 ? 520  HOH A O   1 
HETATM 1299 O  O   . HOH G 5 .   ? 0.303   -13.533 9.575   1.00 37.40 ? 521  HOH A O   1 
HETATM 1300 O  O   . HOH G 5 .   ? 21.015  -1.068  1.775   1.00 39.02 ? 522  HOH A O   1 
HETATM 1301 O  O   . HOH G 5 .   ? 12.606  0.796   -11.809 1.00 28.34 ? 523  HOH A O   1 
HETATM 1302 O  O   . HOH G 5 .   ? -1.766  -6.464  -8.795  1.00 44.34 ? 524  HOH A O   1 
HETATM 1303 O  O   . HOH G 5 .   ? -2.117  -14.028 10.242  1.00 23.19 ? 525  HOH A O   1 
HETATM 1304 O  O   . HOH G 5 .   ? 14.372  3.873   -15.906 1.00 62.02 ? 526  HOH A O   1 
HETATM 1305 O  O   . HOH G 5 .   ? -8.772  -9.593  -6.232  1.00 28.78 ? 527  HOH A O   1 
HETATM 1306 O  O   . HOH G 5 .   ? -4.256  -5.511  -9.810  1.00 50.67 ? 528  HOH A O   1 
HETATM 1307 O  O   . HOH G 5 .   ? -11.771 -7.997  -11.585 1.00 56.74 ? 529  HOH A O   1 
HETATM 1308 O  O   . HOH G 5 .   ? -12.297 -11.053 -4.072  1.00 24.70 ? 530  HOH A O   1 
HETATM 1309 O  O   . HOH G 5 .   ? 20.383  1.278   0.220   1.00 39.86 ? 531  HOH A O   1 
HETATM 1310 O  O   . HOH G 5 .   ? 10.704  0.548   -6.253  1.00 14.76 ? 532  HOH A O   1 
HETATM 1311 O  O   . HOH G 5 .   ? -1.043  -3.233  -9.264  1.00 36.00 ? 533  HOH A O   1 
HETATM 1312 O  O   . HOH G 5 .   ? -12.833 -8.338  -8.828  1.00 41.95 ? 534  HOH A O   1 
HETATM 1313 O  O   . HOH G 5 .   ? -14.761 -11.525 -4.517  1.00 24.81 ? 535  HOH A O   1 
HETATM 1314 O  O   . HOH G 5 .   ? 8.686   5.342   -19.687 1.00 29.73 ? 536  HOH A O   1 
HETATM 1315 O  O   . HOH G 5 .   ? -7.153  -4.451  -11.044 1.00 47.55 ? 537  HOH A O   1 
HETATM 1316 O  O   . HOH G 5 .   ? 3.481   -9.350  10.126  1.00 25.42 ? 538  HOH A O   1 
HETATM 1317 O  O   . HOH G 5 .   ? -13.535 -9.208  -5.435  1.00 33.89 ? 539  HOH A O   1 
HETATM 1318 O  O   . HOH G 5 .   ? 12.503  3.126   -7.841  1.00 37.82 ? 540  HOH A O   1 
HETATM 1319 O  O   . HOH G 5 .   ? 11.108  3.344   -10.274 1.00 15.82 ? 541  HOH A O   1 
HETATM 1320 O  O   . HOH G 5 .   ? 3.527   0.992   -12.645 1.00 48.21 ? 542  HOH A O   1 
HETATM 1321 O  O   . HOH G 5 .   ? -2.726  -1.850  -10.962 1.00 45.62 ? 543  HOH A O   1 
HETATM 1322 O  O   . HOH G 5 .   ? -10.152 -7.567  -4.916  1.00 15.48 ? 544  HOH A O   1 
HETATM 1323 O  O   . HOH G 5 .   ? 22.278  3.194   2.406   1.00 14.76 ? 545  HOH A O   1 
HETATM 1324 O  O   . HOH G 5 .   ? 10.993  6.676   -16.436 1.00 31.88 ? 546  HOH A O   1 
HETATM 1325 O  O   . HOH G 5 .   ? 8.573   -5.562  11.274  1.00 32.80 ? 547  HOH A O   1 
HETATM 1326 O  O   . HOH G 5 .   ? -5.275  -2.642  -10.898 1.00 42.81 ? 548  HOH A O   1 
HETATM 1327 O  O   . HOH G 5 .   ? 1.945   -7.462  9.305   1.00 40.63 ? 549  HOH A O   1 
HETATM 1328 O  O   . HOH G 5 .   ? -16.181 -9.236  -5.704  1.00 29.25 ? 550  HOH A O   1 
HETATM 1329 O  O   . HOH G 5 .   ? 1.216   2.224   -12.844 1.00 33.43 ? 551  HOH A O   1 
HETATM 1330 O  O   . HOH G 5 .   ? -17.088 -11.100 -1.516  1.00 26.89 ? 552  HOH A O   1 
HETATM 1331 O  O   . HOH G 5 .   ? 7.683   7.551   -18.548 1.00 36.18 ? 553  HOH A O   1 
HETATM 1332 O  O   . HOH G 5 .   ? 19.782  2.276   5.734   1.00 69.98 ? 554  HOH A O   1 
HETATM 1333 O  O   . HOH G 5 .   ? 4.945   -5.885  10.409  1.00 43.68 ? 555  HOH A O   1 
HETATM 1334 O  O   . HOH G 5 .   ? -11.492 -6.710  -2.675  1.00 10.78 ? 556  HOH A O   1 
HETATM 1335 O  O   . HOH G 5 .   ? 15.768  2.640   3.940   1.00 35.99 ? 557  HOH A O   1 
HETATM 1336 O  O   . HOH G 5 .   ? -1.444  0.268   -9.017  1.00 15.05 ? 558  HOH A O   1 
HETATM 1337 O  O   . HOH G 5 .   ? 9.119   8.405   -16.256 1.00 62.41 ? 559  HOH A O   1 
HETATM 1338 O  O   . HOH G 5 .   ? 16.719  4.232   1.514   1.00 31.06 ? 560  HOH A O   1 
HETATM 1339 O  O   . HOH G 5 .   ? 8.132   6.931   -13.803 1.00 11.53 ? 561  HOH A O   1 
HETATM 1340 O  O   . HOH G 5 .   ? 12.342  0.590   6.334   1.00 12.74 ? 562  HOH A O   1 
HETATM 1341 O  O   . HOH G 5 .   ? 6.219   -3.786  10.925  1.00 50.58 ? 563  HOH A O   1 
HETATM 1342 O  O   . HOH G 5 .   ? 17.835  4.335   4.043   1.00 53.05 ? 564  HOH A O   1 
HETATM 1343 O  O   . HOH G 5 .   ? 18.094  0.583   -0.745  1.00 56.46 ? 565  HOH A O   1 
HETATM 1344 O  O   . HOH G 5 .   ? 1.418   6.957   -15.990 1.00 20.05 ? 566  HOH A O   1 
HETATM 1345 O  O   . HOH G 5 .   ? 8.054   -2.296  12.281  1.00 40.39 ? 567  HOH A O   1 
HETATM 1346 O  O   . HOH G 5 .   ? 0.958   5.577   -12.650 1.00 32.36 ? 568  HOH A O   1 
HETATM 1347 O  O   . HOH G 5 .   ? 13.391  3.302   6.853   1.00 42.46 ? 569  HOH A O   1 
HETATM 1348 O  O   . HOH G 5 .   ? -15.293 -2.832  -10.469 1.00 63.34 ? 570  HOH A O   1 
HETATM 1349 O  O   . HOH G 5 .   ? -8.059  -6.484  8.834   1.00 17.70 ? 571  HOH A O   1 
HETATM 1350 O  O   . HOH G 5 .   ? 15.131  6.454   4.122   1.00 53.32 ? 572  HOH A O   1 
HETATM 1351 O  O   . HOH G 5 .   ? 6.758   0.535   9.495   1.00 14.76 ? 573  HOH A O   1 
HETATM 1352 O  O   . HOH G 5 .   ? 0.300   8.176   -13.277 1.00 37.64 ? 574  HOH A O   1 
HETATM 1353 O  O   . HOH G 5 .   ? 7.942   0.320   12.034  1.00 18.78 ? 575  HOH A O   1 
HETATM 1354 O  O   . HOH G 5 .   ? 11.228  11.645  -10.035 1.00 28.35 ? 576  HOH A O   1 
HETATM 1355 O  O   . HOH G 5 .   ? 14.523  9.892   -2.153  1.00 18.79 ? 577  HOH A O   1 
HETATM 1356 O  O   . HOH G 5 .   ? -7.442  -5.126  11.802  1.00 43.01 ? 578  HOH A O   1 
HETATM 1357 O  O   . HOH G 5 .   ? 6.920   13.451  -16.221 1.00 33.29 ? 579  HOH A O   1 
HETATM 1358 O  O   . HOH G 5 .   ? 15.866  10.319  0.344   1.00 61.85 ? 580  HOH A O   1 
HETATM 1359 O  O   . HOH G 5 .   ? 1.296   10.767  -15.631 1.00 26.16 ? 581  HOH A O   1 
HETATM 1360 O  O   . HOH G 5 .   ? 7.201   0.865   14.841  1.00 72.50 ? 582  HOH A O   1 
HETATM 1361 O  O   . HOH G 5 .   ? -4.052  -2.427  11.436  1.00 24.39 ? 583  HOH A O   1 
HETATM 1362 O  O   . HOH G 5 .   ? 11.079  13.673  -12.177 1.00 13.67 ? 584  HOH A O   1 
HETATM 1363 O  O   . HOH G 5 .   ? 9.973   14.569  -14.502 1.00 17.87 ? 585  HOH A O   1 
HETATM 1364 O  O   . HOH G 5 .   ? -1.327  9.751   -15.208 1.00 28.03 ? 586  HOH A O   1 
HETATM 1365 O  O   . HOH G 5 .   ? -2.239  -1.862  13.738  1.00 49.07 ? 587  HOH A O   1 
HETATM 1366 O  O   . HOH G 5 .   ? -16.221 -5.312  8.324   1.00 51.54 ? 588  HOH A O   1 
HETATM 1367 O  O   . HOH G 5 .   ? -17.767 -5.428  5.333   1.00 30.26 ? 589  HOH A O   1 
HETATM 1368 O  O   . HOH G 5 .   ? 4.023   13.931  -15.186 1.00 28.43 ? 590  HOH A O   1 
HETATM 1369 O  O   . HOH G 5 .   ? 14.198  10.195  3.687   1.00 55.88 ? 591  HOH A O   1 
HETATM 1370 O  O   . HOH G 5 .   ? -11.159 2.339   -1.990  1.00 18.88 ? 592  HOH A O   1 
HETATM 1371 O  O   . HOH G 5 .   ? 13.018  12.395  -1.044  1.00 53.75 ? 593  HOH A O   1 
HETATM 1372 O  O   . HOH G 5 .   ? -3.621  11.587  -14.786 1.00 37.79 ? 594  HOH A O   1 
HETATM 1373 O  O   . HOH G 5 .   ? -7.982  3.117   0.135   1.00 51.83 ? 595  HOH A O   1 
HETATM 1374 O  O   . HOH G 5 .   ? 8.433   16.879  -15.149 1.00 48.96 ? 596  HOH A O   1 
HETATM 1375 O  O   . HOH G 5 .   ? 12.777  11.875  2.302   1.00 42.00 ? 597  HOH A O   1 
HETATM 1376 O  O   . HOH G 5 .   ? -14.288 -1.953  7.978   1.00 42.31 ? 598  HOH A O   1 
HETATM 1377 O  O   . HOH G 5 .   ? -17.219 -1.562  4.174   1.00 51.91 ? 599  HOH A O   1 
HETATM 1378 O  O   . HOH G 5 .   ? 4.138   13.776  -9.354  1.00 13.77 ? 600  HOH A O   1 
HETATM 1379 O  O   . HOH G 5 .   ? 6.330   4.817   14.490  1.00 36.29 ? 601  HOH A O   1 
HETATM 1380 O  O   . HOH G 5 .   ? -10.123 4.679   -0.066  1.00 20.01 ? 602  HOH A O   1 
HETATM 1381 O  O   . HOH G 5 .   ? 9.328   17.629  -10.604 1.00 53.17 ? 603  HOH A O   1 
HETATM 1382 O  O   . HOH G 5 .   ? 8.828   13.206  -0.609  1.00 34.48 ? 604  HOH A O   1 
HETATM 1383 O  O   . HOH G 5 .   ? -5.753  1.592   12.033  1.00 45.68 ? 605  HOH A O   1 
HETATM 1384 O  O   . HOH G 5 .   ? -4.398  3.095   13.724  1.00 54.56 ? 606  HOH A O   1 
HETATM 1385 O  O   . HOH G 5 .   ? 11.634  14.236  3.956   1.00 47.94 ? 607  HOH A O   1 
HETATM 1386 O  O   . HOH G 5 .   ? 10.419  13.527  6.457   1.00 49.10 ? 608  HOH A O   1 
HETATM 1387 O  O   . HOH G 5 .   ? 8.962   11.879  7.758   1.00 55.43 ? 609  HOH A O   1 
HETATM 1388 O  O   . HOH G 5 .   ? -1.733  5.868   11.146  1.00 39.98 ? 610  HOH A O   1 
HETATM 1389 O  O   . HOH G 5 .   ? -5.131  4.634   11.521  1.00 52.32 ? 611  HOH A O   1 
HETATM 1390 O  O   . HOH G 5 .   ? 5.977   19.252  -11.360 1.00 54.96 ? 612  HOH A O   1 
HETATM 1391 O  O   . HOH G 5 .   ? -1.719  17.420  -14.145 1.00 72.78 ? 613  HOH A O   1 
HETATM 1392 O  O   . HOH G 5 .   ? 9.719   10.569  13.555  1.00 37.31 ? 614  HOH A O   1 
HETATM 1393 O  O   . HOH G 5 .   ? -7.856  11.711  -6.871  1.00 45.53 ? 615  HOH A O   1 
HETATM 1394 O  O   . HOH G 5 .   ? 0.222   8.014   10.783  1.00 28.74 ? 616  HOH A O   1 
HETATM 1395 O  O   . HOH G 5 .   ? -2.140  7.852   7.651   1.00 33.87 ? 617  HOH A O   1 
HETATM 1396 O  O   . HOH G 5 .   ? -3.555  7.376   10.173  1.00 41.16 ? 618  HOH A O   1 
HETATM 1397 O  O   . HOH G 5 .   ? -14.173 2.653   8.721   1.00 50.46 ? 619  HOH A O   1 
HETATM 1398 O  O   . HOH G 5 .   ? -8.633  13.190  -9.248  1.00 55.94 ? 620  HOH A O   1 
HETATM 1399 O  O   . HOH G 5 .   ? -16.628 5.162   2.087   1.00 55.47 ? 621  HOH A O   1 
HETATM 1400 O  O   . HOH G 5 .   ? 6.837   20.212  -8.436  1.00 57.23 ? 622  HOH A O   1 
HETATM 1401 O  O   . HOH G 5 .   ? 10.797  12.962  12.231  1.00 48.13 ? 623  HOH A O   1 
HETATM 1402 O  O   . HOH G 5 .   ? 10.511  14.572  10.097  1.00 63.65 ? 624  HOH A O   1 
HETATM 1403 O  O   . HOH G 5 .   ? 3.640   17.530  -1.385  1.00 57.02 ? 625  HOH A O   1 
HETATM 1404 O  O   . HOH G 5 .   ? 5.469   11.536  15.707  1.00 53.55 ? 626  HOH A O   1 
HETATM 1405 O  O   . HOH G 5 .   ? -2.950  16.298  -2.810  1.00 27.10 ? 627  HOH A O   1 
HETATM 1406 O  O   . HOH G 5 .   ? -11.879 12.495  -1.147  1.00 35.20 ? 628  HOH A O   1 
HETATM 1407 O  O   . HOH G 5 .   ? 2.749   19.947  -3.617  1.00 49.21 ? 629  HOH A O   1 
HETATM 1408 O  O   . HOH G 5 .   ? -4.451  9.953   13.755  1.00 50.51 ? 630  HOH A O   1 
HETATM 1409 O  O   . HOH G 5 .   ? -7.847  9.579   11.044  1.00 37.86 ? 631  HOH A O   1 
HETATM 1410 O  O   . HOH G 5 .   ? 0.300   18.905  -2.088  1.00 57.24 ? 632  HOH A O   1 
HETATM 1411 O  O   . HOH G 5 .   ? -12.644 11.820  1.809   1.00 57.24 ? 633  HOH A O   1 
HETATM 1412 O  O   . HOH G 5 .   ? -6.956  16.753  -2.406  1.00 64.25 ? 634  HOH A O   1 
HETATM 1413 O  O   . HOH G 5 .   ? -4.411  17.953  -0.789  1.00 42.40 ? 635  HOH A O   1 
HETATM 1414 O  O   . HOH G 5 .   ? -0.411  16.705  6.222   1.00 48.25 ? 636  HOH A O   1 
HETATM 1415 O  O   . HOH G 5 .   ? -1.702  14.900  8.686   1.00 22.30 ? 637  HOH A O   1 
HETATM 1416 O  O   . HOH G 5 .   ? 5.968   19.662  7.127   1.00 60.14 ? 638  HOH A O   1 
HETATM 1417 O  O   . HOH G 5 .   ? -5.494  18.441  2.573   1.00 55.85 ? 639  HOH A O   1 
HETATM 1418 O  O   . HOH G 5 .   ? -3.977  18.922  5.429   1.00 50.08 ? 640  HOH A O   1 
HETATM 1419 O  O   . HOH G 5 .   ? 8.049   -15.350 -4.268  1.00 32.28 ? 641  HOH A O   1 
HETATM 1420 O  O   . HOH G 5 .   ? 6.098   -14.250 -6.927  1.00 58.32 ? 642  HOH A O   1 
HETATM 1421 O  O   . HOH G 5 .   ? 21.047  -8.208  -3.704  1.00 62.87 ? 643  HOH A O   1 
HETATM 1422 O  O   . HOH G 5 .   ? 2.042   -10.900 -15.852 1.00 53.83 ? 644  HOH A O   1 
HETATM 1423 O  O   . HOH G 5 .   ? -7.542  -17.994 -6.881  1.00 59.63 ? 645  HOH A O   1 
HETATM 1424 O  O   . HOH G 5 .   ? 18.366  -9.560  0.475   1.00 62.28 ? 646  HOH A O   1 
HETATM 1425 O  O   . HOH G 5 .   ? -10.398 -16.914 -7.006  1.00 63.78 ? 647  HOH A O   1 
HETATM 1426 O  O   . HOH G 5 .   ? 12.149  -12.659 9.013   1.00 62.68 ? 648  HOH A O   1 
HETATM 1427 O  O   . HOH G 5 .   ? 4.875   -5.395  -13.031 1.00 65.55 ? 649  HOH A O   1 
HETATM 1428 O  O   . HOH G 5 .   ? 14.757  -2.454  -8.676  1.00 68.36 ? 650  HOH A O   1 
HETATM 1429 O  O   . HOH G 5 .   ? -8.811  -11.333 -8.672  1.00 65.93 ? 651  HOH A O   1 
HETATM 1430 O  O   . HOH G 5 .   ? 12.226  1.512   -17.172 1.00 57.19 ? 652  HOH A O   1 
HETATM 1431 O  O   . HOH G 5 .   ? 10.098  2.679   -19.806 1.00 51.53 ? 653  HOH A O   1 
HETATM 1432 O  O   . HOH G 5 .   ? 12.903  -1.767  -6.917  1.00 34.32 ? 654  HOH A O   1 
HETATM 1433 O  O   . HOH G 5 .   ? 26.477  -0.595  5.325   1.00 49.10 ? 655  HOH A O   1 
HETATM 1434 O  O   . HOH G 5 .   ? -5.714  -6.482  -12.219 1.00 59.96 ? 656  HOH A O   1 
HETATM 1435 O  O   . HOH G 5 .   ? 3.353   -0.293  -15.845 1.00 41.58 ? 657  HOH A O   1 
HETATM 1436 O  O   . HOH G 5 .   ? 11.610  5.220   -18.513 1.00 53.86 ? 658  HOH A O   1 
HETATM 1437 O  O   . HOH G 5 .   ? 24.594  1.841   4.941   1.00 50.92 ? 659  HOH A O   1 
HETATM 1438 O  O   . HOH G 5 .   ? 1.392   -10.602 11.737  1.00 54.46 ? 660  HOH A O   1 
HETATM 1439 O  O   . HOH G 5 .   ? -16.404 -9.484  -9.425  1.00 63.66 ? 661  HOH A O   1 
HETATM 1440 O  O   . HOH G 5 .   ? -15.427 -7.215  -8.484  1.00 45.09 ? 662  HOH A O   1 
HETATM 1441 O  O   . HOH G 5 .   ? -4.520  0.593   -10.836 1.00 54.21 ? 663  HOH A O   1 
HETATM 1442 O  O   . HOH G 5 .   ? 16.772  7.857   -0.026  1.00 67.55 ? 664  HOH A O   1 
HETATM 1443 O  O   . HOH G 5 .   ? 7.898   -2.213  15.473  1.00 35.13 ? 665  HOH A O   1 
HETATM 1444 O  O   . HOH G 5 .   ? 10.902  6.544   14.316  1.00 61.83 ? 666  HOH A O   1 
HETATM 1445 O  O   . HOH G 5 .   ? -13.607 4.039   -2.045  1.00 51.95 ? 667  HOH A O   1 
HETATM 1446 O  O   . HOH G 5 .   ? 15.844  12.597  8.251   1.00 69.36 ? 668  HOH A O   1 
HETATM 1447 O  O   . HOH G 5 .   ? -16.391 3.715   -2.362  1.00 48.60 ? 669  HOH A O   1 
HETATM 1448 O  O   . HOH G 5 .   ? 11.154  14.926  -0.194  1.00 64.57 ? 670  HOH A O   1 
HETATM 1449 O  O   . HOH G 5 .   ? 6.171   14.842  -0.237  1.00 56.13 ? 671  HOH A O   1 
HETATM 1450 O  O   . HOH G 5 .   ? -3.410  15.425  -11.331 1.00 45.74 ? 672  HOH A O   1 
HETATM 1451 O  O   . HOH G 5 .   ? -17.480 5.530   -0.805  1.00 57.29 ? 673  HOH A O   1 
HETATM 1452 O  O   . HOH G 5 .   ? 4.304   21.248  -11.904 1.00 64.85 ? 674  HOH A O   1 
HETATM 1453 O  O   . HOH G 5 .   ? -7.865  15.634  -10.888 1.00 67.04 ? 675  HOH A O   1 
HETATM 1454 O  O   . HOH G 5 .   ? -14.593 10.177  -2.642  1.00 45.03 ? 676  HOH A O   1 
HETATM 1455 O  O   . HOH G 5 .   ? -17.598 9.316   -3.623  1.00 57.60 ? 677  HOH A O   1 
HETATM 1456 O  O   . HOH G 5 .   ? -15.468 4.960   14.438  1.00 55.91 ? 678  HOH A O   1 
HETATM 1457 O  O   . HOH G 5 .   ? -7.856  19.362  8.114   1.00 54.31 ? 679  HOH A O   1 
HETATM 1458 O  O   . HOH G 5 .   ? 0.385   11.621  15.533  1.00 51.69 ? 680  HOH A O   1 
HETATM 1459 O  O   . HOH G 5 .   ? -12.813 13.824  4.515   1.00 53.14 ? 681  HOH A O   1 
HETATM 1460 O  O   . HOH G 5 .   ? -3.256  17.083  8.835   1.00 58.16 ? 682  HOH A O   1 
HETATM 1461 O  O   . HOH G 5 .   ? -9.410  17.407  2.178   1.00 32.90 ? 683  HOH A O   1 
HETATM 1462 O  O   . HOH G 5 .   ? -5.625  17.356  7.910   1.00 54.58 ? 684  HOH A O   1 
# 
